data_3BJN
# 
_entry.id   3BJN 
# 
_audit_conform.dict_name       mmcif_pdbx.dic 
_audit_conform.dict_version    5.398 
_audit_conform.dict_location   http://mmcif.pdb.org/dictionaries/ascii/mmcif_pdbx.dic 
# 
loop_
_database_2.database_id 
_database_2.database_code 
_database_2.pdbx_database_accession 
_database_2.pdbx_DOI 
PDB   3BJN         pdb_00003bjn 10.2210/pdb3bjn/pdb 
RCSB  RCSB045601   ?            ?                   
WWPDB D_1000045601 ?            ?                   
# 
loop_
_pdbx_audit_revision_history.ordinal 
_pdbx_audit_revision_history.data_content_type 
_pdbx_audit_revision_history.major_revision 
_pdbx_audit_revision_history.minor_revision 
_pdbx_audit_revision_history.revision_date 
1 'Structure model' 1 0 2007-12-11 
2 'Structure model' 1 1 2011-07-13 
3 'Structure model' 1 2 2024-11-13 
# 
_pdbx_audit_revision_details.ordinal             1 
_pdbx_audit_revision_details.revision_ordinal    1 
_pdbx_audit_revision_details.data_content_type   'Structure model' 
_pdbx_audit_revision_details.provider            repository 
_pdbx_audit_revision_details.type                'Initial release' 
_pdbx_audit_revision_details.description         ? 
_pdbx_audit_revision_details.details             ? 
# 
loop_
_pdbx_audit_revision_group.ordinal 
_pdbx_audit_revision_group.revision_ordinal 
_pdbx_audit_revision_group.data_content_type 
_pdbx_audit_revision_group.group 
1 2 'Structure model' Advisory                    
2 2 'Structure model' 'Version format compliance' 
3 3 'Structure model' 'Data collection'           
4 3 'Structure model' 'Database references'       
5 3 'Structure model' 'Derived calculations'      
6 3 'Structure model' 'Structure summary'         
# 
loop_
_pdbx_audit_revision_category.ordinal 
_pdbx_audit_revision_category.revision_ordinal 
_pdbx_audit_revision_category.data_content_type 
_pdbx_audit_revision_category.category 
1 3 'Structure model' chem_comp_atom            
2 3 'Structure model' chem_comp_bond            
3 3 'Structure model' database_2                
4 3 'Structure model' pdbx_entry_details        
5 3 'Structure model' pdbx_modification_feature 
6 3 'Structure model' struct_conn               
7 3 'Structure model' struct_ref_seq_dif        
8 3 'Structure model' struct_site               
# 
loop_
_pdbx_audit_revision_item.ordinal 
_pdbx_audit_revision_item.revision_ordinal 
_pdbx_audit_revision_item.data_content_type 
_pdbx_audit_revision_item.item 
1 3 'Structure model' '_database_2.pdbx_DOI'                
2 3 'Structure model' '_database_2.pdbx_database_accession' 
3 3 'Structure model' '_struct_conn.pdbx_leaving_atom_flag' 
4 3 'Structure model' '_struct_ref_seq_dif.details'         
5 3 'Structure model' '_struct_site.pdbx_auth_asym_id'      
6 3 'Structure model' '_struct_site.pdbx_auth_comp_id'      
7 3 'Structure model' '_struct_site.pdbx_auth_seq_id'       
# 
_pdbx_database_status.status_code                     REL 
_pdbx_database_status.entry_id                        3BJN 
_pdbx_database_status.recvd_initial_deposition_date   2007-12-04 
_pdbx_database_status.deposit_site                    RCSB 
_pdbx_database_status.process_site                    RCSB 
_pdbx_database_status.status_code_sf                  REL 
_pdbx_database_status.status_code_mr                  ? 
_pdbx_database_status.SG_entry                        Y 
_pdbx_database_status.pdb_format_compatible           Y 
_pdbx_database_status.status_code_cs                  ? 
_pdbx_database_status.status_code_nmr_data            ? 
_pdbx_database_status.methods_development_category    ? 
# 
_pdbx_database_related.db_name        TargetDB 
_pdbx_database_related.db_id          APC26855.2 
_pdbx_database_related.details        . 
_pdbx_database_related.content_type   unspecified 
# 
loop_
_audit_author.name 
_audit_author.pdbx_ordinal 
'Chang, C.'                                     1 
'Volkart, L.'                                   2 
'Clancy, S.'                                    3 
'Joachimiak, A.'                                4 
'Midwest Center for Structural Genomics (MCSG)' 5 
# 
_citation.id                        primary 
_citation.title                     
'Crystal structure of C-terminal domain of putative transcriptional regulator from Vibrio cholerae.' 
_citation.journal_abbrev            'To be Published' 
_citation.journal_volume            ? 
_citation.page_first                ? 
_citation.page_last                 ? 
_citation.year                      ? 
_citation.journal_id_ASTM           ? 
_citation.country                   ? 
_citation.journal_id_ISSN           ? 
_citation.journal_id_CSD            0353 
_citation.book_publisher            ? 
_citation.pdbx_database_id_PubMed   ? 
_citation.pdbx_database_id_DOI      ? 
# 
loop_
_citation_author.citation_id 
_citation_author.name 
_citation_author.ordinal 
_citation_author.identifier_ORCID 
primary 'Chang, C.'      1 ? 
primary 'Volkart, L.'    2 ? 
primary 'Clancy, S.'     3 ? 
primary 'Joachimiak, A.' 4 ? 
# 
loop_
_entity.id 
_entity.type 
_entity.src_method 
_entity.pdbx_description 
_entity.formula_weight 
_entity.pdbx_number_of_molecules 
_entity.pdbx_ec 
_entity.pdbx_mutation 
_entity.pdbx_fragment 
_entity.details 
1 polymer     man 'Transcriptional regulator, putative' 18507.223 1   ? ? 'C-terminal domain: Residues 79-240' ? 
2 non-polymer syn 'CHLORIDE ION'                        35.453    2   ? ? ?                                    ? 
3 water       nat water                                 18.015    200 ? ? ?                                    ? 
# 
_entity_poly.entity_id                      1 
_entity_poly.type                           'polypeptide(L)' 
_entity_poly.nstd_linkage                   no 
_entity_poly.nstd_monomer                   yes 
_entity_poly.pdbx_seq_one_letter_code       
;SNASYETSQHNLDAVEAVLSRLQKQTGE(MSE)AAY(MSE)VPVGYRALCVSQRES(MSE)QALRCSFVQGQSQPLLRGA
SSKV(MSE)LAY(MSE)PAARCEKILRYFGEDPTLDKWQSEFEKIRRHGYAVSTSEIDPGVSGISAPV(MSE)KGSKLIG
AISV(MSE)APAHRVESNKQRIILHVLQAARAL
;
_entity_poly.pdbx_seq_one_letter_code_can   
;SNASYETSQHNLDAVEAVLSRLQKQTGEMAAYMVPVGYRALCVSQRESMQALRCSFVQGQSQPLLRGASSKVMLAYMPAA
RCEKILRYFGEDPTLDKWQSEFEKIRRHGYAVSTSEIDPGVSGISAPVMKGSKLIGAISVMAPAHRVESNKQRIILHVLQ
AARAL
;
_entity_poly.pdbx_strand_id                 A 
_entity_poly.pdbx_target_identifier         APC26855.2 
# 
loop_
_pdbx_entity_nonpoly.entity_id 
_pdbx_entity_nonpoly.name 
_pdbx_entity_nonpoly.comp_id 
2 'CHLORIDE ION' CL  
3 water          HOH 
# 
loop_
_entity_poly_seq.entity_id 
_entity_poly_seq.num 
_entity_poly_seq.mon_id 
_entity_poly_seq.hetero 
1 1   SER n 
1 2   ASN n 
1 3   ALA n 
1 4   SER n 
1 5   TYR n 
1 6   GLU n 
1 7   THR n 
1 8   SER n 
1 9   GLN n 
1 10  HIS n 
1 11  ASN n 
1 12  LEU n 
1 13  ASP n 
1 14  ALA n 
1 15  VAL n 
1 16  GLU n 
1 17  ALA n 
1 18  VAL n 
1 19  LEU n 
1 20  SER n 
1 21  ARG n 
1 22  LEU n 
1 23  GLN n 
1 24  LYS n 
1 25  GLN n 
1 26  THR n 
1 27  GLY n 
1 28  GLU n 
1 29  MSE n 
1 30  ALA n 
1 31  ALA n 
1 32  TYR n 
1 33  MSE n 
1 34  VAL n 
1 35  PRO n 
1 36  VAL n 
1 37  GLY n 
1 38  TYR n 
1 39  ARG n 
1 40  ALA n 
1 41  LEU n 
1 42  CYS n 
1 43  VAL n 
1 44  SER n 
1 45  GLN n 
1 46  ARG n 
1 47  GLU n 
1 48  SER n 
1 49  MSE n 
1 50  GLN n 
1 51  ALA n 
1 52  LEU n 
1 53  ARG n 
1 54  CYS n 
1 55  SER n 
1 56  PHE n 
1 57  VAL n 
1 58  GLN n 
1 59  GLY n 
1 60  GLN n 
1 61  SER n 
1 62  GLN n 
1 63  PRO n 
1 64  LEU n 
1 65  LEU n 
1 66  ARG n 
1 67  GLY n 
1 68  ALA n 
1 69  SER n 
1 70  SER n 
1 71  LYS n 
1 72  VAL n 
1 73  MSE n 
1 74  LEU n 
1 75  ALA n 
1 76  TYR n 
1 77  MSE n 
1 78  PRO n 
1 79  ALA n 
1 80  ALA n 
1 81  ARG n 
1 82  CYS n 
1 83  GLU n 
1 84  LYS n 
1 85  ILE n 
1 86  LEU n 
1 87  ARG n 
1 88  TYR n 
1 89  PHE n 
1 90  GLY n 
1 91  GLU n 
1 92  ASP n 
1 93  PRO n 
1 94  THR n 
1 95  LEU n 
1 96  ASP n 
1 97  LYS n 
1 98  TRP n 
1 99  GLN n 
1 100 SER n 
1 101 GLU n 
1 102 PHE n 
1 103 GLU n 
1 104 LYS n 
1 105 ILE n 
1 106 ARG n 
1 107 ARG n 
1 108 HIS n 
1 109 GLY n 
1 110 TYR n 
1 111 ALA n 
1 112 VAL n 
1 113 SER n 
1 114 THR n 
1 115 SER n 
1 116 GLU n 
1 117 ILE n 
1 118 ASP n 
1 119 PRO n 
1 120 GLY n 
1 121 VAL n 
1 122 SER n 
1 123 GLY n 
1 124 ILE n 
1 125 SER n 
1 126 ALA n 
1 127 PRO n 
1 128 VAL n 
1 129 MSE n 
1 130 LYS n 
1 131 GLY n 
1 132 SER n 
1 133 LYS n 
1 134 LEU n 
1 135 ILE n 
1 136 GLY n 
1 137 ALA n 
1 138 ILE n 
1 139 SER n 
1 140 VAL n 
1 141 MSE n 
1 142 ALA n 
1 143 PRO n 
1 144 ALA n 
1 145 HIS n 
1 146 ARG n 
1 147 VAL n 
1 148 GLU n 
1 149 SER n 
1 150 ASN n 
1 151 LYS n 
1 152 GLN n 
1 153 ARG n 
1 154 ILE n 
1 155 ILE n 
1 156 LEU n 
1 157 HIS n 
1 158 VAL n 
1 159 LEU n 
1 160 GLN n 
1 161 ALA n 
1 162 ALA n 
1 163 ARG n 
1 164 ALA n 
1 165 LEU n 
# 
_entity_src_gen.entity_id                          1 
_entity_src_gen.pdbx_src_id                        1 
_entity_src_gen.pdbx_alt_source_flag               sample 
_entity_src_gen.pdbx_seq_type                      ? 
_entity_src_gen.pdbx_beg_seq_num                   ? 
_entity_src_gen.pdbx_end_seq_num                   ? 
_entity_src_gen.gene_src_common_name               ? 
_entity_src_gen.gene_src_genus                     Vibrio 
_entity_src_gen.pdbx_gene_src_gene                 VC_A0029 
_entity_src_gen.gene_src_species                   'Vibrio cholerae' 
_entity_src_gen.gene_src_strain                    'El Tor Inaba N16961 / Serotype O1' 
_entity_src_gen.gene_src_tissue                    ? 
_entity_src_gen.gene_src_tissue_fraction           ? 
_entity_src_gen.gene_src_details                   ? 
_entity_src_gen.pdbx_gene_src_fragment             ? 
_entity_src_gen.pdbx_gene_src_scientific_name      'Vibrio cholerae O1 biovar eltor str. N16961' 
_entity_src_gen.pdbx_gene_src_ncbi_taxonomy_id     243277 
_entity_src_gen.pdbx_gene_src_variant              ? 
_entity_src_gen.pdbx_gene_src_cell_line            ? 
_entity_src_gen.pdbx_gene_src_atcc                 39315 
_entity_src_gen.pdbx_gene_src_organ                ? 
_entity_src_gen.pdbx_gene_src_organelle            ? 
_entity_src_gen.pdbx_gene_src_cell                 ? 
_entity_src_gen.pdbx_gene_src_cellular_location    ? 
_entity_src_gen.host_org_common_name               ? 
_entity_src_gen.pdbx_host_org_scientific_name      'Escherichia coli' 
_entity_src_gen.pdbx_host_org_ncbi_taxonomy_id     562 
_entity_src_gen.host_org_genus                     Escherichia 
_entity_src_gen.pdbx_host_org_gene                 ? 
_entity_src_gen.pdbx_host_org_organ                ? 
_entity_src_gen.host_org_species                   ? 
_entity_src_gen.pdbx_host_org_tissue               ? 
_entity_src_gen.pdbx_host_org_tissue_fraction      ? 
_entity_src_gen.pdbx_host_org_strain               'BL21(DE3) derivative' 
_entity_src_gen.pdbx_host_org_variant              ? 
_entity_src_gen.pdbx_host_org_cell_line            ? 
_entity_src_gen.pdbx_host_org_atcc                 ? 
_entity_src_gen.pdbx_host_org_culture_collection   ? 
_entity_src_gen.pdbx_host_org_cell                 ? 
_entity_src_gen.pdbx_host_org_organelle            ? 
_entity_src_gen.pdbx_host_org_cellular_location    ? 
_entity_src_gen.pdbx_host_org_vector_type          Plasmid 
_entity_src_gen.pdbx_host_org_vector               ? 
_entity_src_gen.host_org_details                   ? 
_entity_src_gen.expression_system_id               ? 
_entity_src_gen.plasmid_name                       pMCSG7 
_entity_src_gen.plasmid_details                    ? 
_entity_src_gen.pdbx_description                   ? 
# 
loop_
_chem_comp.id 
_chem_comp.type 
_chem_comp.mon_nstd_flag 
_chem_comp.name 
_chem_comp.pdbx_synonyms 
_chem_comp.formula 
_chem_comp.formula_weight 
ALA 'L-peptide linking' y ALANINE          ? 'C3 H7 N O2'     89.093  
ARG 'L-peptide linking' y ARGININE         ? 'C6 H15 N4 O2 1' 175.209 
ASN 'L-peptide linking' y ASPARAGINE       ? 'C4 H8 N2 O3'    132.118 
ASP 'L-peptide linking' y 'ASPARTIC ACID'  ? 'C4 H7 N O4'     133.103 
CL  non-polymer         . 'CHLORIDE ION'   ? 'Cl -1'          35.453  
CYS 'L-peptide linking' y CYSTEINE         ? 'C3 H7 N O2 S'   121.158 
GLN 'L-peptide linking' y GLUTAMINE        ? 'C5 H10 N2 O3'   146.144 
GLU 'L-peptide linking' y 'GLUTAMIC ACID'  ? 'C5 H9 N O4'     147.129 
GLY 'peptide linking'   y GLYCINE          ? 'C2 H5 N O2'     75.067  
HIS 'L-peptide linking' y HISTIDINE        ? 'C6 H10 N3 O2 1' 156.162 
HOH non-polymer         . WATER            ? 'H2 O'           18.015  
ILE 'L-peptide linking' y ISOLEUCINE       ? 'C6 H13 N O2'    131.173 
LEU 'L-peptide linking' y LEUCINE          ? 'C6 H13 N O2'    131.173 
LYS 'L-peptide linking' y LYSINE           ? 'C6 H15 N2 O2 1' 147.195 
MSE 'L-peptide linking' n SELENOMETHIONINE ? 'C5 H11 N O2 Se' 196.106 
PHE 'L-peptide linking' y PHENYLALANINE    ? 'C9 H11 N O2'    165.189 
PRO 'L-peptide linking' y PROLINE          ? 'C5 H9 N O2'     115.130 
SER 'L-peptide linking' y SERINE           ? 'C3 H7 N O3'     105.093 
THR 'L-peptide linking' y THREONINE        ? 'C4 H9 N O3'     119.119 
TRP 'L-peptide linking' y TRYPTOPHAN       ? 'C11 H12 N2 O2'  204.225 
TYR 'L-peptide linking' y TYROSINE         ? 'C9 H11 N O3'    181.189 
VAL 'L-peptide linking' y VALINE           ? 'C5 H11 N O2'    117.146 
# 
loop_
_pdbx_poly_seq_scheme.asym_id 
_pdbx_poly_seq_scheme.entity_id 
_pdbx_poly_seq_scheme.seq_id 
_pdbx_poly_seq_scheme.mon_id 
_pdbx_poly_seq_scheme.ndb_seq_num 
_pdbx_poly_seq_scheme.pdb_seq_num 
_pdbx_poly_seq_scheme.auth_seq_num 
_pdbx_poly_seq_scheme.pdb_mon_id 
_pdbx_poly_seq_scheme.auth_mon_id 
_pdbx_poly_seq_scheme.pdb_strand_id 
_pdbx_poly_seq_scheme.pdb_ins_code 
_pdbx_poly_seq_scheme.hetero 
A 1 1   SER 1   76  ?   ?   ?   A . n 
A 1 2   ASN 2   77  ?   ?   ?   A . n 
A 1 3   ALA 3   78  ?   ?   ?   A . n 
A 1 4   SER 4   79  79  SER ALA A . n 
A 1 5   TYR 5   80  80  TYR TYR A . n 
A 1 6   GLU 6   81  81  GLU ALA A . n 
A 1 7   THR 7   82  82  THR THR A . n 
A 1 8   SER 8   83  83  SER SER A . n 
A 1 9   GLN 9   84  84  GLN GLN A . n 
A 1 10  HIS 10  85  85  HIS ALA A . n 
A 1 11  ASN 11  86  86  ASN ASN A . n 
A 1 12  LEU 12  87  87  LEU LEU A . n 
A 1 13  ASP 13  88  88  ASP ASP A . n 
A 1 14  ALA 14  89  89  ALA ALA A . n 
A 1 15  VAL 15  90  90  VAL VAL A . n 
A 1 16  GLU 16  91  91  GLU GLU A . n 
A 1 17  ALA 17  92  92  ALA ALA A . n 
A 1 18  VAL 18  93  93  VAL VAL A . n 
A 1 19  LEU 19  94  94  LEU LEU A . n 
A 1 20  SER 20  95  95  SER SER A . n 
A 1 21  ARG 21  96  96  ARG ARG A . n 
A 1 22  LEU 22  97  97  LEU LEU A . n 
A 1 23  GLN 23  98  98  GLN GLN A . n 
A 1 24  LYS 24  99  99  LYS LYS A . n 
A 1 25  GLN 25  100 100 GLN GLN A . n 
A 1 26  THR 26  101 101 THR THR A . n 
A 1 27  GLY 27  102 102 GLY GLY A . n 
A 1 28  GLU 28  103 103 GLU GLU A . n 
A 1 29  MSE 29  104 104 MSE MSE A . n 
A 1 30  ALA 30  105 105 ALA ALA A . n 
A 1 31  ALA 31  106 106 ALA ALA A . n 
A 1 32  TYR 32  107 107 TYR TYR A . n 
A 1 33  MSE 33  108 108 MSE MSE A . n 
A 1 34  VAL 34  109 109 VAL VAL A . n 
A 1 35  PRO 35  110 110 PRO PRO A . n 
A 1 36  VAL 36  111 111 VAL VAL A . n 
A 1 37  GLY 37  112 112 GLY GLY A . n 
A 1 38  TYR 38  113 113 TYR TYR A . n 
A 1 39  ARG 39  114 114 ARG ARG A . n 
A 1 40  ALA 40  115 115 ALA ALA A . n 
A 1 41  LEU 41  116 116 LEU LEU A . n 
A 1 42  CYS 42  117 117 CYS CYS A . n 
A 1 43  VAL 43  118 118 VAL VAL A . n 
A 1 44  SER 44  119 119 SER SER A . n 
A 1 45  GLN 45  120 120 GLN GLN A . n 
A 1 46  ARG 46  121 121 ARG ARG A . n 
A 1 47  GLU 47  122 122 GLU GLU A . n 
A 1 48  SER 48  123 123 SER SER A . n 
A 1 49  MSE 49  124 124 MSE MSE A . n 
A 1 50  GLN 50  125 125 GLN GLN A . n 
A 1 51  ALA 51  126 126 ALA ALA A . n 
A 1 52  LEU 52  127 127 LEU LEU A . n 
A 1 53  ARG 53  128 128 ARG ARG A . n 
A 1 54  CYS 54  129 129 CYS CYS A . n 
A 1 55  SER 55  130 130 SER SER A . n 
A 1 56  PHE 56  131 131 PHE PHE A . n 
A 1 57  VAL 57  132 132 VAL VAL A . n 
A 1 58  GLN 58  133 133 GLN GLN A . n 
A 1 59  GLY 59  134 134 GLY GLY A . n 
A 1 60  GLN 60  135 135 GLN GLN A . n 
A 1 61  SER 61  136 136 SER SER A . n 
A 1 62  GLN 62  137 137 GLN GLN A . n 
A 1 63  PRO 63  138 138 PRO PRO A . n 
A 1 64  LEU 64  139 139 LEU LEU A . n 
A 1 65  LEU 65  140 140 LEU LEU A . n 
A 1 66  ARG 66  141 141 ARG ARG A . n 
A 1 67  GLY 67  142 142 GLY GLY A . n 
A 1 68  ALA 68  143 143 ALA ALA A . n 
A 1 69  SER 69  144 144 SER SER A . n 
A 1 70  SER 70  145 145 SER SER A . n 
A 1 71  LYS 71  146 146 LYS LYS A . n 
A 1 72  VAL 72  147 147 VAL VAL A . n 
A 1 73  MSE 73  148 148 MSE MSE A . n 
A 1 74  LEU 74  149 149 LEU LEU A . n 
A 1 75  ALA 75  150 150 ALA ALA A . n 
A 1 76  TYR 76  151 151 TYR TYR A . n 
A 1 77  MSE 77  152 152 MSE MSE A . n 
A 1 78  PRO 78  153 153 PRO PRO A . n 
A 1 79  ALA 79  154 154 ALA ALA A . n 
A 1 80  ALA 80  155 155 ALA ALA A . n 
A 1 81  ARG 81  156 156 ARG ARG A . n 
A 1 82  CYS 82  157 157 CYS CYS A . n 
A 1 83  GLU 83  158 158 GLU GLU A . n 
A 1 84  LYS 84  159 159 LYS LYS A . n 
A 1 85  ILE 85  160 160 ILE ILE A . n 
A 1 86  LEU 86  161 161 LEU LEU A . n 
A 1 87  ARG 87  162 162 ARG ARG A . n 
A 1 88  TYR 88  163 163 TYR TYR A . n 
A 1 89  PHE 89  164 164 PHE PHE A . n 
A 1 90  GLY 90  165 165 GLY GLY A . n 
A 1 91  GLU 91  166 166 GLU GLU A . n 
A 1 92  ASP 92  167 167 ASP ASP A . n 
A 1 93  PRO 93  168 168 PRO PRO A . n 
A 1 94  THR 94  169 169 THR THR A . n 
A 1 95  LEU 95  170 170 LEU LEU A . n 
A 1 96  ASP 96  171 171 ASP ASP A . n 
A 1 97  LYS 97  172 172 LYS LYS A . n 
A 1 98  TRP 98  173 173 TRP TRP A . n 
A 1 99  GLN 99  174 174 GLN GLN A . n 
A 1 100 SER 100 175 175 SER SER A . n 
A 1 101 GLU 101 176 176 GLU GLU A . n 
A 1 102 PHE 102 177 177 PHE PHE A . n 
A 1 103 GLU 103 178 178 GLU GLU A . n 
A 1 104 LYS 104 179 179 LYS LYS A . n 
A 1 105 ILE 105 180 180 ILE ILE A . n 
A 1 106 ARG 106 181 181 ARG ARG A . n 
A 1 107 ARG 107 182 182 ARG ARG A . n 
A 1 108 HIS 108 183 183 HIS HIS A . n 
A 1 109 GLY 109 184 184 GLY GLY A . n 
A 1 110 TYR 110 185 185 TYR TYR A . n 
A 1 111 ALA 111 186 186 ALA ALA A . n 
A 1 112 VAL 112 187 187 VAL VAL A . n 
A 1 113 SER 113 188 188 SER SER A . n 
A 1 114 THR 114 189 189 THR THR A . n 
A 1 115 SER 115 190 190 SER SER A . n 
A 1 116 GLU 116 191 191 GLU GLU A . n 
A 1 117 ILE 117 192 192 ILE ILE A . n 
A 1 118 ASP 118 193 193 ASP ASP A . n 
A 1 119 PRO 119 194 194 PRO PRO A . n 
A 1 120 GLY 120 195 195 GLY GLY A . n 
A 1 121 VAL 121 196 196 VAL VAL A . n 
A 1 122 SER 122 197 197 SER SER A . n 
A 1 123 GLY 123 198 198 GLY GLY A . n 
A 1 124 ILE 124 199 199 ILE ILE A . n 
A 1 125 SER 125 200 200 SER SER A . n 
A 1 126 ALA 126 201 201 ALA ALA A . n 
A 1 127 PRO 127 202 202 PRO PRO A . n 
A 1 128 VAL 128 203 203 VAL VAL A . n 
A 1 129 MSE 129 204 204 MSE MSE A . n 
A 1 130 LYS 130 205 205 LYS LYS A . n 
A 1 131 GLY 131 206 206 GLY GLY A . n 
A 1 132 SER 132 207 207 SER SER A . n 
A 1 133 LYS 133 208 208 LYS LYS A . n 
A 1 134 LEU 134 209 209 LEU LEU A . n 
A 1 135 ILE 135 210 210 ILE ILE A . n 
A 1 136 GLY 136 211 211 GLY GLY A . n 
A 1 137 ALA 137 212 212 ALA ALA A . n 
A 1 138 ILE 138 213 213 ILE ILE A . n 
A 1 139 SER 139 214 214 SER SER A . n 
A 1 140 VAL 140 215 215 VAL VAL A . n 
A 1 141 MSE 141 216 216 MSE MSE A . n 
A 1 142 ALA 142 217 217 ALA ALA A . n 
A 1 143 PRO 143 218 218 PRO PRO A . n 
A 1 144 ALA 144 219 219 ALA ALA A . n 
A 1 145 HIS 145 220 220 HIS HIS A . n 
A 1 146 ARG 146 221 221 ARG ARG A . n 
A 1 147 VAL 147 222 222 VAL VAL A . n 
A 1 148 GLU 148 223 223 GLU GLU A . n 
A 1 149 SER 149 224 224 SER SER A . n 
A 1 150 ASN 150 225 225 ASN ASN A . n 
A 1 151 LYS 151 226 226 LYS LYS A . n 
A 1 152 GLN 152 227 227 GLN GLN A . n 
A 1 153 ARG 153 228 228 ARG ARG A . n 
A 1 154 ILE 154 229 229 ILE ILE A . n 
A 1 155 ILE 155 230 230 ILE ILE A . n 
A 1 156 LEU 156 231 231 LEU LEU A . n 
A 1 157 HIS 157 232 232 HIS HIS A . n 
A 1 158 VAL 158 233 233 VAL VAL A . n 
A 1 159 LEU 159 234 234 LEU LEU A . n 
A 1 160 GLN 160 235 235 GLN GLN A . n 
A 1 161 ALA 161 236 236 ALA ALA A . n 
A 1 162 ALA 162 237 237 ALA ALA A . n 
A 1 163 ARG 163 238 238 ARG ARG A . n 
A 1 164 ALA 164 239 239 ALA ALA A . n 
A 1 165 LEU 165 240 240 LEU LEU A . n 
# 
loop_
_pdbx_nonpoly_scheme.asym_id 
_pdbx_nonpoly_scheme.entity_id 
_pdbx_nonpoly_scheme.mon_id 
_pdbx_nonpoly_scheme.ndb_seq_num 
_pdbx_nonpoly_scheme.pdb_seq_num 
_pdbx_nonpoly_scheme.auth_seq_num 
_pdbx_nonpoly_scheme.pdb_mon_id 
_pdbx_nonpoly_scheme.auth_mon_id 
_pdbx_nonpoly_scheme.pdb_strand_id 
_pdbx_nonpoly_scheme.pdb_ins_code 
B 2 CL  1   251 251 CL  CL  A . 
C 2 CL  1   252 252 CL  CL  A . 
D 3 HOH 1   253 1   HOH HOH A . 
D 3 HOH 2   254 2   HOH HOH A . 
D 3 HOH 3   255 3   HOH HOH A . 
D 3 HOH 4   256 4   HOH HOH A . 
D 3 HOH 5   257 5   HOH HOH A . 
D 3 HOH 6   258 6   HOH HOH A . 
D 3 HOH 7   259 7   HOH HOH A . 
D 3 HOH 8   260 8   HOH HOH A . 
D 3 HOH 9   261 9   HOH HOH A . 
D 3 HOH 10  262 10  HOH HOH A . 
D 3 HOH 11  263 11  HOH HOH A . 
D 3 HOH 12  264 12  HOH HOH A . 
D 3 HOH 13  265 13  HOH HOH A . 
D 3 HOH 14  266 14  HOH HOH A . 
D 3 HOH 15  267 15  HOH HOH A . 
D 3 HOH 16  268 16  HOH HOH A . 
D 3 HOH 17  269 17  HOH HOH A . 
D 3 HOH 18  270 18  HOH HOH A . 
D 3 HOH 19  271 19  HOH HOH A . 
D 3 HOH 20  272 20  HOH HOH A . 
D 3 HOH 21  273 21  HOH HOH A . 
D 3 HOH 22  274 22  HOH HOH A . 
D 3 HOH 23  275 23  HOH HOH A . 
D 3 HOH 24  276 24  HOH HOH A . 
D 3 HOH 25  277 25  HOH HOH A . 
D 3 HOH 26  278 26  HOH HOH A . 
D 3 HOH 27  279 28  HOH HOH A . 
D 3 HOH 28  280 29  HOH HOH A . 
D 3 HOH 29  281 30  HOH HOH A . 
D 3 HOH 30  282 31  HOH HOH A . 
D 3 HOH 31  283 32  HOH HOH A . 
D 3 HOH 32  284 33  HOH HOH A . 
D 3 HOH 33  285 34  HOH HOH A . 
D 3 HOH 34  286 35  HOH HOH A . 
D 3 HOH 35  287 36  HOH HOH A . 
D 3 HOH 36  288 37  HOH HOH A . 
D 3 HOH 37  289 38  HOH HOH A . 
D 3 HOH 38  290 39  HOH HOH A . 
D 3 HOH 39  291 40  HOH HOH A . 
D 3 HOH 40  292 41  HOH HOH A . 
D 3 HOH 41  293 42  HOH HOH A . 
D 3 HOH 42  294 43  HOH HOH A . 
D 3 HOH 43  295 44  HOH HOH A . 
D 3 HOH 44  296 45  HOH HOH A . 
D 3 HOH 45  297 46  HOH HOH A . 
D 3 HOH 46  298 47  HOH HOH A . 
D 3 HOH 47  299 48  HOH HOH A . 
D 3 HOH 48  300 49  HOH HOH A . 
D 3 HOH 49  301 50  HOH HOH A . 
D 3 HOH 50  302 51  HOH HOH A . 
D 3 HOH 51  303 52  HOH HOH A . 
D 3 HOH 52  304 53  HOH HOH A . 
D 3 HOH 53  305 54  HOH HOH A . 
D 3 HOH 54  306 55  HOH HOH A . 
D 3 HOH 55  307 56  HOH HOH A . 
D 3 HOH 56  308 57  HOH HOH A . 
D 3 HOH 57  309 58  HOH HOH A . 
D 3 HOH 58  310 59  HOH HOH A . 
D 3 HOH 59  311 60  HOH HOH A . 
D 3 HOH 60  312 61  HOH HOH A . 
D 3 HOH 61  313 62  HOH HOH A . 
D 3 HOH 62  314 63  HOH HOH A . 
D 3 HOH 63  315 64  HOH HOH A . 
D 3 HOH 64  316 65  HOH HOH A . 
D 3 HOH 65  317 66  HOH HOH A . 
D 3 HOH 66  318 67  HOH HOH A . 
D 3 HOH 67  319 68  HOH HOH A . 
D 3 HOH 68  320 69  HOH HOH A . 
D 3 HOH 69  321 70  HOH HOH A . 
D 3 HOH 70  322 71  HOH HOH A . 
D 3 HOH 71  323 72  HOH HOH A . 
D 3 HOH 72  324 73  HOH HOH A . 
D 3 HOH 73  325 74  HOH HOH A . 
D 3 HOH 74  326 75  HOH HOH A . 
D 3 HOH 75  327 76  HOH HOH A . 
D 3 HOH 76  328 77  HOH HOH A . 
D 3 HOH 77  329 78  HOH HOH A . 
D 3 HOH 78  330 79  HOH HOH A . 
D 3 HOH 79  331 80  HOH HOH A . 
D 3 HOH 80  332 81  HOH HOH A . 
D 3 HOH 81  333 82  HOH HOH A . 
D 3 HOH 82  334 83  HOH HOH A . 
D 3 HOH 83  335 84  HOH HOH A . 
D 3 HOH 84  336 85  HOH HOH A . 
D 3 HOH 85  337 86  HOH HOH A . 
D 3 HOH 86  338 87  HOH HOH A . 
D 3 HOH 87  339 88  HOH HOH A . 
D 3 HOH 88  340 89  HOH HOH A . 
D 3 HOH 89  341 90  HOH HOH A . 
D 3 HOH 90  342 91  HOH HOH A . 
D 3 HOH 91  343 92  HOH HOH A . 
D 3 HOH 92  344 93  HOH HOH A . 
D 3 HOH 93  345 94  HOH HOH A . 
D 3 HOH 94  346 95  HOH HOH A . 
D 3 HOH 95  347 96  HOH HOH A . 
D 3 HOH 96  348 97  HOH HOH A . 
D 3 HOH 97  349 98  HOH HOH A . 
D 3 HOH 98  350 99  HOH HOH A . 
D 3 HOH 99  351 100 HOH HOH A . 
D 3 HOH 100 352 101 HOH HOH A . 
D 3 HOH 101 353 102 HOH HOH A . 
D 3 HOH 102 354 103 HOH HOH A . 
D 3 HOH 103 355 104 HOH HOH A . 
D 3 HOH 104 356 105 HOH HOH A . 
D 3 HOH 105 357 106 HOH HOH A . 
D 3 HOH 106 358 107 HOH HOH A . 
D 3 HOH 107 359 108 HOH HOH A . 
D 3 HOH 108 360 109 HOH HOH A . 
D 3 HOH 109 361 110 HOH HOH A . 
D 3 HOH 110 362 111 HOH HOH A . 
D 3 HOH 111 363 112 HOH HOH A . 
D 3 HOH 112 364 113 HOH HOH A . 
D 3 HOH 113 365 114 HOH HOH A . 
D 3 HOH 114 366 115 HOH HOH A . 
D 3 HOH 115 367 116 HOH HOH A . 
D 3 HOH 116 368 117 HOH HOH A . 
D 3 HOH 117 369 118 HOH HOH A . 
D 3 HOH 118 370 119 HOH HOH A . 
D 3 HOH 119 371 120 HOH HOH A . 
D 3 HOH 120 372 121 HOH HOH A . 
D 3 HOH 121 373 122 HOH HOH A . 
D 3 HOH 122 374 123 HOH HOH A . 
D 3 HOH 123 375 124 HOH HOH A . 
D 3 HOH 124 376 125 HOH HOH A . 
D 3 HOH 125 377 126 HOH HOH A . 
D 3 HOH 126 378 127 HOH HOH A . 
D 3 HOH 127 379 128 HOH HOH A . 
D 3 HOH 128 380 129 HOH HOH A . 
D 3 HOH 129 381 130 HOH HOH A . 
D 3 HOH 130 382 131 HOH HOH A . 
D 3 HOH 131 383 132 HOH HOH A . 
D 3 HOH 132 384 133 HOH HOH A . 
D 3 HOH 133 385 134 HOH HOH A . 
D 3 HOH 134 386 135 HOH HOH A . 
D 3 HOH 135 387 136 HOH HOH A . 
D 3 HOH 136 388 137 HOH HOH A . 
D 3 HOH 137 389 138 HOH HOH A . 
D 3 HOH 138 390 139 HOH HOH A . 
D 3 HOH 139 391 140 HOH HOH A . 
D 3 HOH 140 392 141 HOH HOH A . 
D 3 HOH 141 393 142 HOH HOH A . 
D 3 HOH 142 394 143 HOH HOH A . 
D 3 HOH 143 395 144 HOH HOH A . 
D 3 HOH 144 396 145 HOH HOH A . 
D 3 HOH 145 397 146 HOH HOH A . 
D 3 HOH 146 398 147 HOH HOH A . 
D 3 HOH 147 399 148 HOH HOH A . 
D 3 HOH 148 400 149 HOH HOH A . 
D 3 HOH 149 401 150 HOH HOH A . 
D 3 HOH 150 402 151 HOH HOH A . 
D 3 HOH 151 403 152 HOH HOH A . 
D 3 HOH 152 404 153 HOH HOH A . 
D 3 HOH 153 405 154 HOH HOH A . 
D 3 HOH 154 406 155 HOH HOH A . 
D 3 HOH 155 407 156 HOH HOH A . 
D 3 HOH 156 408 157 HOH HOH A . 
D 3 HOH 157 409 158 HOH HOH A . 
D 3 HOH 158 410 159 HOH HOH A . 
D 3 HOH 159 411 160 HOH HOH A . 
D 3 HOH 160 412 161 HOH HOH A . 
D 3 HOH 161 413 162 HOH HOH A . 
D 3 HOH 162 414 163 HOH HOH A . 
D 3 HOH 163 415 164 HOH HOH A . 
D 3 HOH 164 416 165 HOH HOH A . 
D 3 HOH 165 417 166 HOH HOH A . 
D 3 HOH 166 418 167 HOH HOH A . 
D 3 HOH 167 419 168 HOH HOH A . 
D 3 HOH 168 420 169 HOH HOH A . 
D 3 HOH 169 421 170 HOH HOH A . 
D 3 HOH 170 422 171 HOH HOH A . 
D 3 HOH 171 423 172 HOH HOH A . 
D 3 HOH 172 424 173 HOH HOH A . 
D 3 HOH 173 425 174 HOH HOH A . 
D 3 HOH 174 426 175 HOH HOH A . 
D 3 HOH 175 427 176 HOH HOH A . 
D 3 HOH 176 428 177 HOH HOH A . 
D 3 HOH 177 429 178 HOH HOH A . 
D 3 HOH 178 430 179 HOH HOH A . 
D 3 HOH 179 431 180 HOH HOH A . 
D 3 HOH 180 432 181 HOH HOH A . 
D 3 HOH 181 433 182 HOH HOH A . 
D 3 HOH 182 434 183 HOH HOH A . 
D 3 HOH 183 435 184 HOH HOH A . 
D 3 HOH 184 436 185 HOH HOH A . 
D 3 HOH 185 437 186 HOH HOH A . 
D 3 HOH 186 438 187 HOH HOH A . 
D 3 HOH 187 439 188 HOH HOH A . 
D 3 HOH 188 440 189 HOH HOH A . 
D 3 HOH 189 441 190 HOH HOH A . 
D 3 HOH 190 442 191 HOH HOH A . 
D 3 HOH 191 443 192 HOH HOH A . 
D 3 HOH 192 444 193 HOH HOH A . 
D 3 HOH 193 445 194 HOH HOH A . 
D 3 HOH 194 446 195 HOH HOH A . 
D 3 HOH 195 447 196 HOH HOH A . 
D 3 HOH 196 448 197 HOH HOH A . 
D 3 HOH 197 449 198 HOH HOH A . 
D 3 HOH 198 450 199 HOH HOH A . 
D 3 HOH 199 451 200 HOH HOH A . 
D 3 HOH 200 452 201 HOH HOH A . 
# 
loop_
_pdbx_unobs_or_zero_occ_atoms.id 
_pdbx_unobs_or_zero_occ_atoms.PDB_model_num 
_pdbx_unobs_or_zero_occ_atoms.polymer_flag 
_pdbx_unobs_or_zero_occ_atoms.occupancy_flag 
_pdbx_unobs_or_zero_occ_atoms.auth_asym_id 
_pdbx_unobs_or_zero_occ_atoms.auth_comp_id 
_pdbx_unobs_or_zero_occ_atoms.auth_seq_id 
_pdbx_unobs_or_zero_occ_atoms.PDB_ins_code 
_pdbx_unobs_or_zero_occ_atoms.auth_atom_id 
_pdbx_unobs_or_zero_occ_atoms.label_alt_id 
_pdbx_unobs_or_zero_occ_atoms.label_asym_id 
_pdbx_unobs_or_zero_occ_atoms.label_comp_id 
_pdbx_unobs_or_zero_occ_atoms.label_seq_id 
_pdbx_unobs_or_zero_occ_atoms.label_atom_id 
1  1 Y 1 A SER 79  ? OG  ? A SER 4  OG  
2  1 Y 1 A GLU 81  ? CG  ? A GLU 6  CG  
3  1 Y 1 A GLU 81  ? CD  ? A GLU 6  CD  
4  1 Y 1 A GLU 81  ? OE1 ? A GLU 6  OE1 
5  1 Y 1 A GLU 81  ? OE2 ? A GLU 6  OE2 
6  1 Y 1 A HIS 85  ? CG  ? A HIS 10 CG  
7  1 Y 1 A HIS 85  ? ND1 ? A HIS 10 ND1 
8  1 Y 1 A HIS 85  ? CD2 ? A HIS 10 CD2 
9  1 Y 1 A HIS 85  ? CE1 ? A HIS 10 CE1 
10 1 Y 1 A HIS 85  ? NE2 ? A HIS 10 NE2 
11 1 Y 1 A LEU 127 ? CD2 ? A LEU 52 CD2 
# 
loop_
_software.name 
_software.classification 
_software.version 
_software.citation_id 
_software.pdbx_ordinal 
REFMAC      refinement        5.2.0019 ? 1 
SBC-Collect 'data collection' .        ? 2 
HKL-3000    'data reduction'  .        ? 3 
HKL-3000    'data scaling'    .        ? 4 
HKL-3000    phasing           .        ? 5 
# 
_cell.entry_id           3BJN 
_cell.length_a           54.313 
_cell.length_b           54.313 
_cell.length_c           142.608 
_cell.angle_alpha        90.00 
_cell.angle_beta         90.00 
_cell.angle_gamma        90.00 
_cell.Z_PDB              8 
_cell.pdbx_unique_axis   ? 
_cell.length_a_esd       ? 
_cell.length_b_esd       ? 
_cell.length_c_esd       ? 
_cell.angle_alpha_esd    ? 
_cell.angle_beta_esd     ? 
_cell.angle_gamma_esd    ? 
# 
_symmetry.entry_id                         3BJN 
_symmetry.space_group_name_H-M             'P 43 21 2' 
_symmetry.pdbx_full_space_group_name_H-M   ? 
_symmetry.cell_setting                     ? 
_symmetry.Int_Tables_number                96 
_symmetry.space_group_name_Hall            ? 
# 
_exptl.entry_id          3BJN 
_exptl.method            'X-RAY DIFFRACTION' 
_exptl.crystals_number   1 
# 
_exptl_crystal.id                    1 
_exptl_crystal.density_meas          ? 
_exptl_crystal.density_Matthews      2.84 
_exptl_crystal.density_percent_sol   56.71 
_exptl_crystal.description           ? 
_exptl_crystal.F_000                 ? 
_exptl_crystal.preparation           ? 
# 
_exptl_crystal_grow.crystal_id      1 
_exptl_crystal_grow.method          'VAPOR DIFFUSION, SITTING DROP' 
_exptl_crystal_grow.temp            289 
_exptl_crystal_grow.temp_details    ? 
_exptl_crystal_grow.pH              8.5 
_exptl_crystal_grow.pdbx_details    'Tris-HCl pH 8.5, 3.0 M NaCl, VAPOR DIFFUSION, SITTING DROP, temperature 289K' 
_exptl_crystal_grow.pdbx_pH_range   . 
# 
_diffrn.id                     1 
_diffrn.ambient_temp           100 
_diffrn.ambient_temp_details   ? 
_diffrn.crystal_id             1 
# 
_diffrn_detector.diffrn_id              1 
_diffrn_detector.detector               CCD 
_diffrn_detector.type                   'ADSC QUANTUM 315' 
_diffrn_detector.pdbx_collection_date   2007-10-21 
_diffrn_detector.details                ? 
# 
_diffrn_radiation.diffrn_id                        1 
_diffrn_radiation.wavelength_id                    1 
_diffrn_radiation.pdbx_monochromatic_or_laue_m_l   M 
_diffrn_radiation.monochromator                    'double crystal' 
_diffrn_radiation.pdbx_diffrn_protocol             'SINGLE WAVELENGTH' 
_diffrn_radiation.pdbx_scattering_type             x-ray 
# 
_diffrn_radiation_wavelength.id           1 
_diffrn_radiation_wavelength.wavelength   0.97937 
_diffrn_radiation_wavelength.wt           1.0 
# 
_diffrn_source.diffrn_id                   1 
_diffrn_source.source                      SYNCHROTRON 
_diffrn_source.type                        'APS BEAMLINE 19-ID' 
_diffrn_source.pdbx_synchrotron_site       APS 
_diffrn_source.pdbx_synchrotron_beamline   19-ID 
_diffrn_source.pdbx_wavelength             ? 
_diffrn_source.pdbx_wavelength_list        0.97937 
# 
_reflns.entry_id                     3BJN 
_reflns.observed_criterion_sigma_F   ? 
_reflns.observed_criterion_sigma_I   -3 
_reflns.d_resolution_high            1.65 
_reflns.d_resolution_low             50 
_reflns.number_all                   26687 
_reflns.number_obs                   26456 
_reflns.percent_possible_obs         99.1 
_reflns.pdbx_Rmerge_I_obs            0.089 
_reflns.pdbx_Rsym_value              ? 
_reflns.pdbx_netI_over_sigmaI        56.10 
_reflns.B_iso_Wilson_estimate        20.6 
_reflns.pdbx_redundancy              11.4 
_reflns.R_free_details               ? 
_reflns.limit_h_max                  ? 
_reflns.limit_h_min                  ? 
_reflns.limit_k_max                  ? 
_reflns.limit_k_min                  ? 
_reflns.limit_l_max                  ? 
_reflns.limit_l_min                  ? 
_reflns.observed_criterion_F_max     ? 
_reflns.observed_criterion_F_min     ? 
_reflns.pdbx_chi_squared             ? 
_reflns.pdbx_scaling_rejects         ? 
_reflns.pdbx_ordinal                 1 
_reflns.pdbx_diffrn_id               1 
# 
_reflns_shell.d_res_high             1.65 
_reflns_shell.d_res_low              1.71 
_reflns_shell.percent_possible_all   92.4 
_reflns_shell.Rmerge_I_obs           0.300 
_reflns_shell.pdbx_Rsym_value        ? 
_reflns_shell.meanI_over_sigI_obs    4.62 
_reflns_shell.pdbx_redundancy        7.9 
_reflns_shell.percent_possible_obs   ? 
_reflns_shell.number_unique_all      2394 
_reflns_shell.number_measured_all    ? 
_reflns_shell.number_measured_obs    ? 
_reflns_shell.number_unique_obs      ? 
_reflns_shell.pdbx_chi_squared       ? 
_reflns_shell.pdbx_ordinal           1 
_reflns_shell.pdbx_diffrn_id         1 
# 
_refine.entry_id                                 3BJN 
_refine.ls_number_reflns_obs                     26376 
_refine.ls_number_reflns_all                     26376 
_refine.pdbx_ls_sigma_I                          ? 
_refine.pdbx_ls_sigma_F                          0 
_refine.pdbx_data_cutoff_high_absF               ? 
_refine.pdbx_data_cutoff_low_absF                ? 
_refine.pdbx_data_cutoff_high_rms_absF           ? 
_refine.ls_d_res_low                             35.76 
_refine.ls_d_res_high                            1.65 
_refine.ls_percent_reflns_obs                    99.14 
_refine.ls_R_factor_obs                          0.18065 
_refine.ls_R_factor_all                          0.18065 
_refine.ls_R_factor_R_work                       0.1795 
_refine.ls_R_factor_R_free                       0.20257 
_refine.ls_R_factor_R_free_error                 ? 
_refine.ls_R_factor_R_free_error_details         ? 
_refine.ls_percent_reflns_R_free                 5.1 
_refine.ls_number_reflns_R_free                  1333 
_refine.ls_number_parameters                     ? 
_refine.ls_number_restraints                     ? 
_refine.occupancy_min                            ? 
_refine.occupancy_max                            ? 
_refine.correlation_coeff_Fo_to_Fc               0.960 
_refine.correlation_coeff_Fo_to_Fc_free          0.954 
_refine.B_iso_mean                               22.831 
_refine.aniso_B[1][1]                            0.75 
_refine.aniso_B[2][2]                            0.75 
_refine.aniso_B[3][3]                            -1.50 
_refine.aniso_B[1][2]                            0.00 
_refine.aniso_B[1][3]                            0.00 
_refine.aniso_B[2][3]                            0.00 
_refine.solvent_model_details                    MASK 
_refine.solvent_model_param_ksol                 ? 
_refine.solvent_model_param_bsol                 ? 
_refine.pdbx_solvent_vdw_probe_radii             1.20 
_refine.pdbx_solvent_ion_probe_radii             0.80 
_refine.pdbx_solvent_shrinkage_radii             0.80 
_refine.pdbx_ls_cross_valid_method               THROUGHOUT 
_refine.details                                  'HYDROGENS HAVE BEEN ADDED IN THE RIDING POSITIONS' 
_refine.pdbx_starting_model                      ? 
_refine.pdbx_method_to_determine_struct          SAD 
_refine.pdbx_isotropic_thermal_model             ? 
_refine.pdbx_stereochemistry_target_values       'MAXIMUM LIKELIHOOD' 
_refine.pdbx_stereochem_target_val_spec_case     ? 
_refine.pdbx_R_Free_selection_details            RANDOM 
_refine.pdbx_overall_ESU_R                       0.085 
_refine.pdbx_overall_ESU_R_Free                  0.084 
_refine.overall_SU_ML                            0.052 
_refine.overall_SU_B                             2.778 
_refine.ls_redundancy_reflns_obs                 ? 
_refine.B_iso_min                                ? 
_refine.B_iso_max                                ? 
_refine.overall_SU_R_Cruickshank_DPI             ? 
_refine.overall_SU_R_free                        ? 
_refine.ls_wR_factor_R_free                      ? 
_refine.ls_wR_factor_R_work                      ? 
_refine.overall_FOM_free_R_set                   ? 
_refine.overall_FOM_work_R_set                   ? 
_refine.pdbx_refine_id                           'X-RAY DIFFRACTION' 
_refine.pdbx_TLS_residual_ADP_flag               'LIKELY RESIDUAL' 
_refine.pdbx_diffrn_id                           1 
_refine.pdbx_overall_phase_error                 ? 
_refine.pdbx_overall_SU_R_free_Cruickshank_DPI   ? 
_refine.pdbx_overall_SU_R_Blow_DPI               ? 
_refine.pdbx_overall_SU_R_free_Blow_DPI          ? 
# 
_refine_hist.pdbx_refine_id                   'X-RAY DIFFRACTION' 
_refine_hist.cycle_id                         LAST 
_refine_hist.pdbx_number_atoms_protein        1240 
_refine_hist.pdbx_number_atoms_nucleic_acid   0 
_refine_hist.pdbx_number_atoms_ligand         2 
_refine_hist.number_atoms_solvent             200 
_refine_hist.number_atoms_total               1442 
_refine_hist.d_res_high                       1.65 
_refine_hist.d_res_low                        35.76 
# 
loop_
_refine_ls_restr.type 
_refine_ls_restr.dev_ideal 
_refine_ls_restr.dev_ideal_target 
_refine_ls_restr.weight 
_refine_ls_restr.number 
_refine_ls_restr.pdbx_refine_id 
_refine_ls_restr.pdbx_restraint_function 
r_bond_refined_d             0.014  0.022  ? 1344 'X-RAY DIFFRACTION' ? 
r_bond_other_d               ?      ?      ? ?    'X-RAY DIFFRACTION' ? 
r_angle_refined_deg          1.540  1.968  ? 1829 'X-RAY DIFFRACTION' ? 
r_angle_other_deg            ?      ?      ? ?    'X-RAY DIFFRACTION' ? 
r_dihedral_angle_1_deg       5.218  5.000  ? 183  'X-RAY DIFFRACTION' ? 
r_dihedral_angle_2_deg       30.603 22.909 ? 55   'X-RAY DIFFRACTION' ? 
r_dihedral_angle_3_deg       12.902 15.000 ? 251  'X-RAY DIFFRACTION' ? 
r_dihedral_angle_4_deg       16.624 15.000 ? 13   'X-RAY DIFFRACTION' ? 
r_chiral_restr               0.101  0.200  ? 203  'X-RAY DIFFRACTION' ? 
r_gen_planes_refined         0.005  0.020  ? 1022 'X-RAY DIFFRACTION' ? 
r_gen_planes_other           ?      ?      ? ?    'X-RAY DIFFRACTION' ? 
r_nbd_refined                0.222  0.200  ? 600  'X-RAY DIFFRACTION' ? 
r_nbd_other                  ?      ?      ? ?    'X-RAY DIFFRACTION' ? 
r_nbtor_refined              0.306  0.200  ? 930  'X-RAY DIFFRACTION' ? 
r_nbtor_other                ?      ?      ? ?    'X-RAY DIFFRACTION' ? 
r_xyhbond_nbd_refined        0.193  0.200  ? 144  'X-RAY DIFFRACTION' ? 
r_xyhbond_nbd_other          ?      ?      ? ?    'X-RAY DIFFRACTION' ? 
r_metal_ion_refined          ?      ?      ? ?    'X-RAY DIFFRACTION' ? 
r_metal_ion_other            ?      ?      ? ?    'X-RAY DIFFRACTION' ? 
r_symmetry_vdw_refined       0.202  0.200  ? 44   'X-RAY DIFFRACTION' ? 
r_symmetry_vdw_other         ?      ?      ? ?    'X-RAY DIFFRACTION' ? 
r_symmetry_hbond_refined     0.256  0.200  ? 10   'X-RAY DIFFRACTION' ? 
r_symmetry_hbond_other       ?      ?      ? ?    'X-RAY DIFFRACTION' ? 
r_symmetry_metal_ion_refined ?      ?      ? ?    'X-RAY DIFFRACTION' ? 
r_symmetry_metal_ion_other   ?      ?      ? ?    'X-RAY DIFFRACTION' ? 
r_mcbond_it                  1.076  1.500  ? 879  'X-RAY DIFFRACTION' ? 
r_mcbond_other               ?      ?      ? ?    'X-RAY DIFFRACTION' ? 
r_mcangle_it                 1.494  2.000  ? 1391 'X-RAY DIFFRACTION' ? 
r_scbond_it                  3.188  3.000  ? 510  'X-RAY DIFFRACTION' ? 
r_scangle_it                 4.497  4.500  ? 432  'X-RAY DIFFRACTION' ? 
r_rigid_bond_restr           ?      ?      ? ?    'X-RAY DIFFRACTION' ? 
r_sphericity_free            ?      ?      ? ?    'X-RAY DIFFRACTION' ? 
r_sphericity_bonded          ?      ?      ? ?    'X-RAY DIFFRACTION' ? 
# 
_refine_ls_shell.pdbx_total_number_of_bins_used   20 
_refine_ls_shell.d_res_high                       1.650 
_refine_ls_shell.d_res_low                        1.693 
_refine_ls_shell.number_reflns_R_work             1646 
_refine_ls_shell.R_factor_R_work                  0.219 
_refine_ls_shell.percent_reflns_obs               91.10 
_refine_ls_shell.R_factor_R_free                  0.242 
_refine_ls_shell.R_factor_R_free_error            ? 
_refine_ls_shell.percent_reflns_R_free            ? 
_refine_ls_shell.number_reflns_R_free             94 
_refine_ls_shell.number_reflns_all                ? 
_refine_ls_shell.R_factor_all                     ? 
_refine_ls_shell.number_reflns_obs                1740 
_refine_ls_shell.redundancy_reflns_obs            ? 
_refine_ls_shell.pdbx_refine_id                   'X-RAY DIFFRACTION' 
# 
_struct.entry_id                  3BJN 
_struct.title                     
'Crystal structure of C-terminal domain of putative transcriptional regulator from Vibrio cholerae, targeted domain 79-240' 
_struct.pdbx_model_details        ? 
_struct.pdbx_CASP_flag            ? 
_struct.pdbx_model_type_details   ? 
# 
_struct_keywords.entry_id        3BJN 
_struct_keywords.pdbx_keywords   'TRANSCRIPTION REGULATOR' 
_struct_keywords.text            
;putative transcriptional regulator IclR, Vibrio cholerae, Structural Genomics, PSI-2, Protein Structure Initiative, Midwest Center for Structural Genomics, MCSG, TRANSCRIPTION REGULATOR
;
# 
loop_
_struct_asym.id 
_struct_asym.pdbx_blank_PDB_chainid_flag 
_struct_asym.pdbx_modified 
_struct_asym.entity_id 
_struct_asym.details 
A N N 1 ? 
B N N 2 ? 
C N N 2 ? 
D N N 3 ? 
# 
_struct_ref.id                         1 
_struct_ref.db_name                    UNP 
_struct_ref.db_code                    Q9KND6_VIBCH 
_struct_ref.pdbx_db_accession          Q9KND6 
_struct_ref.entity_id                  1 
_struct_ref.pdbx_seq_one_letter_code   
;SYETSQHNLDAVEAVLSRLQKQTGEMAAYMVPVGYRALCVSQRESMQALRCSFVQGQSQPLLRGASSKVMLAYMPAARCE
KILRYFGEDPTLDKWQSEFEKIRRHGYAVSTSEIDPGVSGISAPVMKGSKLIGAISVMAPAHRVESNKQRIILHVLQAAR
AL
;
_struct_ref.pdbx_align_begin           79 
_struct_ref.pdbx_db_isoform            ? 
# 
_struct_ref_seq.align_id                      1 
_struct_ref_seq.ref_id                        1 
_struct_ref_seq.pdbx_PDB_id_code              3BJN 
_struct_ref_seq.pdbx_strand_id                A 
_struct_ref_seq.seq_align_beg                 4 
_struct_ref_seq.pdbx_seq_align_beg_ins_code   ? 
_struct_ref_seq.seq_align_end                 165 
_struct_ref_seq.pdbx_seq_align_end_ins_code   ? 
_struct_ref_seq.pdbx_db_accession             Q9KND6 
_struct_ref_seq.db_align_beg                  79 
_struct_ref_seq.pdbx_db_align_beg_ins_code    ? 
_struct_ref_seq.db_align_end                  240 
_struct_ref_seq.pdbx_db_align_end_ins_code    ? 
_struct_ref_seq.pdbx_auth_seq_align_beg       79 
_struct_ref_seq.pdbx_auth_seq_align_end       240 
# 
loop_
_struct_ref_seq_dif.align_id 
_struct_ref_seq_dif.pdbx_pdb_id_code 
_struct_ref_seq_dif.mon_id 
_struct_ref_seq_dif.pdbx_pdb_strand_id 
_struct_ref_seq_dif.seq_num 
_struct_ref_seq_dif.pdbx_pdb_ins_code 
_struct_ref_seq_dif.pdbx_seq_db_name 
_struct_ref_seq_dif.pdbx_seq_db_accession_code 
_struct_ref_seq_dif.db_mon_id 
_struct_ref_seq_dif.pdbx_seq_db_seq_num 
_struct_ref_seq_dif.details 
_struct_ref_seq_dif.pdbx_auth_seq_num 
_struct_ref_seq_dif.pdbx_ordinal 
1 3BJN SER A 1 ? UNP Q9KND6 ? ? 'expression tag' 76 1 
1 3BJN ASN A 2 ? UNP Q9KND6 ? ? 'expression tag' 77 2 
1 3BJN ALA A 3 ? UNP Q9KND6 ? ? 'expression tag' 78 3 
# 
_pdbx_struct_assembly.id                   1 
_pdbx_struct_assembly.details              author_and_software_defined_assembly 
_pdbx_struct_assembly.method_details       PISA 
_pdbx_struct_assembly.oligomeric_details   monomeric 
_pdbx_struct_assembly.oligomeric_count     1 
# 
_pdbx_struct_assembly_gen.assembly_id       1 
_pdbx_struct_assembly_gen.oper_expression   1 
_pdbx_struct_assembly_gen.asym_id_list      A,B,C,D 
# 
_pdbx_struct_oper_list.id                   1 
_pdbx_struct_oper_list.type                 'identity operation' 
_pdbx_struct_oper_list.name                 1_555 
_pdbx_struct_oper_list.symmetry_operation   x,y,z 
_pdbx_struct_oper_list.matrix[1][1]         1.0000000000 
_pdbx_struct_oper_list.matrix[1][2]         0.0000000000 
_pdbx_struct_oper_list.matrix[1][3]         0.0000000000 
_pdbx_struct_oper_list.vector[1]            0.0000000000 
_pdbx_struct_oper_list.matrix[2][1]         0.0000000000 
_pdbx_struct_oper_list.matrix[2][2]         1.0000000000 
_pdbx_struct_oper_list.matrix[2][3]         0.0000000000 
_pdbx_struct_oper_list.vector[2]            0.0000000000 
_pdbx_struct_oper_list.matrix[3][1]         0.0000000000 
_pdbx_struct_oper_list.matrix[3][2]         0.0000000000 
_pdbx_struct_oper_list.matrix[3][3]         1.0000000000 
_pdbx_struct_oper_list.vector[3]            0.0000000000 
# 
_struct_biol.id        1 
_struct_biol.details   ? 
# 
loop_
_struct_conf.conf_type_id 
_struct_conf.id 
_struct_conf.pdbx_PDB_helix_id 
_struct_conf.beg_label_comp_id 
_struct_conf.beg_label_asym_id 
_struct_conf.beg_label_seq_id 
_struct_conf.pdbx_beg_PDB_ins_code 
_struct_conf.end_label_comp_id 
_struct_conf.end_label_asym_id 
_struct_conf.end_label_seq_id 
_struct_conf.pdbx_end_PDB_ins_code 
_struct_conf.beg_auth_comp_id 
_struct_conf.beg_auth_asym_id 
_struct_conf.beg_auth_seq_id 
_struct_conf.end_auth_comp_id 
_struct_conf.end_auth_asym_id 
_struct_conf.end_auth_seq_id 
_struct_conf.pdbx_PDB_helix_class 
_struct_conf.details 
_struct_conf.pdbx_PDB_helix_length 
HELX_P HELX_P1 1 ASN A 11  ? GLY A 27  ? ASN A 86  GLY A 102 1 ? 17 
HELX_P HELX_P2 2 ARG A 66  ? MSE A 77  ? ARG A 141 MSE A 152 1 ? 12 
HELX_P HELX_P3 3 PRO A 78  ? PHE A 89  ? PRO A 153 PHE A 164 1 ? 12 
HELX_P HELX_P4 4 LEU A 95  ? GLY A 109 ? LEU A 170 GLY A 184 1 ? 15 
HELX_P HELX_P5 5 ALA A 144 ? ALA A 164 ? ALA A 219 ALA A 239 1 ? 21 
# 
_struct_conf_type.id          HELX_P 
_struct_conf_type.criteria    ? 
_struct_conf_type.reference   ? 
# 
loop_
_struct_conn.id 
_struct_conn.conn_type_id 
_struct_conn.pdbx_leaving_atom_flag 
_struct_conn.pdbx_PDB_id 
_struct_conn.ptnr1_label_asym_id 
_struct_conn.ptnr1_label_comp_id 
_struct_conn.ptnr1_label_seq_id 
_struct_conn.ptnr1_label_atom_id 
_struct_conn.pdbx_ptnr1_label_alt_id 
_struct_conn.pdbx_ptnr1_PDB_ins_code 
_struct_conn.pdbx_ptnr1_standard_comp_id 
_struct_conn.ptnr1_symmetry 
_struct_conn.ptnr2_label_asym_id 
_struct_conn.ptnr2_label_comp_id 
_struct_conn.ptnr2_label_seq_id 
_struct_conn.ptnr2_label_atom_id 
_struct_conn.pdbx_ptnr2_label_alt_id 
_struct_conn.pdbx_ptnr2_PDB_ins_code 
_struct_conn.ptnr1_auth_asym_id 
_struct_conn.ptnr1_auth_comp_id 
_struct_conn.ptnr1_auth_seq_id 
_struct_conn.ptnr2_auth_asym_id 
_struct_conn.ptnr2_auth_comp_id 
_struct_conn.ptnr2_auth_seq_id 
_struct_conn.ptnr2_symmetry 
_struct_conn.pdbx_ptnr3_label_atom_id 
_struct_conn.pdbx_ptnr3_label_seq_id 
_struct_conn.pdbx_ptnr3_label_comp_id 
_struct_conn.pdbx_ptnr3_label_asym_id 
_struct_conn.pdbx_ptnr3_label_alt_id 
_struct_conn.pdbx_ptnr3_PDB_ins_code 
_struct_conn.details 
_struct_conn.pdbx_dist_value 
_struct_conn.pdbx_value_order 
_struct_conn.pdbx_role 
covale1  covale both ? A GLU 28  C ? ? ? 1_555 A MSE 29  N ? ? A GLU 103 A MSE 104 1_555 ? ? ? ? ? ? ? 1.331 ? ? 
covale2  covale both ? A MSE 29  C ? ? ? 1_555 A ALA 30  N ? ? A MSE 104 A ALA 105 1_555 ? ? ? ? ? ? ? 1.333 ? ? 
covale3  covale both ? A TYR 32  C ? ? ? 1_555 A MSE 33  N ? ? A TYR 107 A MSE 108 1_555 ? ? ? ? ? ? ? 1.315 ? ? 
covale4  covale both ? A MSE 33  C ? ? ? 1_555 A VAL 34  N ? ? A MSE 108 A VAL 109 1_555 ? ? ? ? ? ? ? 1.333 ? ? 
covale5  covale both ? A SER 48  C ? ? ? 1_555 A MSE 49  N ? ? A SER 123 A MSE 124 1_555 ? ? ? ? ? ? ? 1.332 ? ? 
covale6  covale both ? A MSE 49  C ? ? ? 1_555 A GLN 50  N ? ? A MSE 124 A GLN 125 1_555 ? ? ? ? ? ? ? 1.308 ? ? 
covale7  covale both ? A VAL 72  C ? ? ? 1_555 A MSE 73  N ? ? A VAL 147 A MSE 148 1_555 ? ? ? ? ? ? ? 1.328 ? ? 
covale8  covale both ? A MSE 73  C ? ? ? 1_555 A LEU 74  N ? ? A MSE 148 A LEU 149 1_555 ? ? ? ? ? ? ? 1.335 ? ? 
covale9  covale both ? A TYR 76  C ? ? ? 1_555 A MSE 77  N ? ? A TYR 151 A MSE 152 1_555 ? ? ? ? ? ? ? 1.334 ? ? 
covale10 covale both ? A MSE 77  C ? ? ? 1_555 A PRO 78  N ? ? A MSE 152 A PRO 153 1_555 ? ? ? ? ? ? ? 1.349 ? ? 
covale11 covale both ? A VAL 128 C ? ? ? 1_555 A MSE 129 N ? ? A VAL 203 A MSE 204 1_555 ? ? ? ? ? ? ? 1.329 ? ? 
covale12 covale both ? A MSE 129 C ? ? ? 1_555 A LYS 130 N ? ? A MSE 204 A LYS 205 1_555 ? ? ? ? ? ? ? 1.332 ? ? 
covale13 covale both ? A VAL 140 C ? ? ? 1_555 A MSE 141 N ? ? A VAL 215 A MSE 216 1_555 ? ? ? ? ? ? ? 1.331 ? ? 
covale14 covale both ? A MSE 141 C ? ? ? 1_555 A ALA 142 N ? ? A MSE 216 A ALA 217 1_555 ? ? ? ? ? ? ? 1.334 ? ? 
# 
_struct_conn_type.id          covale 
_struct_conn_type.criteria    ? 
_struct_conn_type.reference   ? 
# 
loop_
_pdbx_modification_feature.ordinal 
_pdbx_modification_feature.label_comp_id 
_pdbx_modification_feature.label_asym_id 
_pdbx_modification_feature.label_seq_id 
_pdbx_modification_feature.label_alt_id 
_pdbx_modification_feature.modified_residue_label_comp_id 
_pdbx_modification_feature.modified_residue_label_asym_id 
_pdbx_modification_feature.modified_residue_label_seq_id 
_pdbx_modification_feature.modified_residue_label_alt_id 
_pdbx_modification_feature.auth_comp_id 
_pdbx_modification_feature.auth_asym_id 
_pdbx_modification_feature.auth_seq_id 
_pdbx_modification_feature.PDB_ins_code 
_pdbx_modification_feature.symmetry 
_pdbx_modification_feature.modified_residue_auth_comp_id 
_pdbx_modification_feature.modified_residue_auth_asym_id 
_pdbx_modification_feature.modified_residue_auth_seq_id 
_pdbx_modification_feature.modified_residue_PDB_ins_code 
_pdbx_modification_feature.modified_residue_symmetry 
_pdbx_modification_feature.comp_id_linking_atom 
_pdbx_modification_feature.modified_residue_id_linking_atom 
_pdbx_modification_feature.modified_residue_id 
_pdbx_modification_feature.ref_pcm_id 
_pdbx_modification_feature.ref_comp_id 
_pdbx_modification_feature.type 
_pdbx_modification_feature.category 
1 MSE A 29  ? . . . . MSE A 104 ? 1_555 . . . . . . . MET 1 MSE Selenomethionine 'Named protein modification' 
2 MSE A 33  ? . . . . MSE A 108 ? 1_555 . . . . . . . MET 1 MSE Selenomethionine 'Named protein modification' 
3 MSE A 49  ? . . . . MSE A 124 ? 1_555 . . . . . . . MET 1 MSE Selenomethionine 'Named protein modification' 
4 MSE A 73  ? . . . . MSE A 148 ? 1_555 . . . . . . . MET 1 MSE Selenomethionine 'Named protein modification' 
5 MSE A 77  ? . . . . MSE A 152 ? 1_555 . . . . . . . MET 1 MSE Selenomethionine 'Named protein modification' 
6 MSE A 129 ? . . . . MSE A 204 ? 1_555 . . . . . . . MET 1 MSE Selenomethionine 'Named protein modification' 
7 MSE A 141 ? . . . . MSE A 216 ? 1_555 . . . . . . . MET 1 MSE Selenomethionine 'Named protein modification' 
# 
_struct_sheet.id               A 
_struct_sheet.type             ? 
_struct_sheet.number_strands   6 
_struct_sheet.details          ? 
# 
loop_
_struct_sheet_order.sheet_id 
_struct_sheet_order.range_id_1 
_struct_sheet_order.range_id_2 
_struct_sheet_order.offset 
_struct_sheet_order.sense 
A 1 2 ? anti-parallel 
A 2 3 ? anti-parallel 
A 3 4 ? anti-parallel 
A 4 5 ? anti-parallel 
A 5 6 ? anti-parallel 
# 
loop_
_struct_sheet_range.sheet_id 
_struct_sheet_range.id 
_struct_sheet_range.beg_label_comp_id 
_struct_sheet_range.beg_label_asym_id 
_struct_sheet_range.beg_label_seq_id 
_struct_sheet_range.pdbx_beg_PDB_ins_code 
_struct_sheet_range.end_label_comp_id 
_struct_sheet_range.end_label_asym_id 
_struct_sheet_range.end_label_seq_id 
_struct_sheet_range.pdbx_end_PDB_ins_code 
_struct_sheet_range.beg_auth_comp_id 
_struct_sheet_range.beg_auth_asym_id 
_struct_sheet_range.beg_auth_seq_id 
_struct_sheet_range.end_auth_comp_id 
_struct_sheet_range.end_auth_asym_id 
_struct_sheet_range.end_auth_seq_id 
A 1 SER A 61  ? PRO A 63  ? SER A 136 PRO A 138 
A 2 ARG A 39  ? GLN A 45  ? ARG A 114 GLN A 120 
A 3 MSE A 29  ? VAL A 36  ? MSE A 104 VAL A 111 
A 4 LYS A 133 ? PRO A 143 ? LYS A 208 PRO A 218 
A 5 VAL A 121 ? LYS A 130 ? VAL A 196 LYS A 205 
A 6 ALA A 111 ? THR A 114 ? ALA A 186 THR A 189 
# 
loop_
_pdbx_struct_sheet_hbond.sheet_id 
_pdbx_struct_sheet_hbond.range_id_1 
_pdbx_struct_sheet_hbond.range_id_2 
_pdbx_struct_sheet_hbond.range_1_label_atom_id 
_pdbx_struct_sheet_hbond.range_1_label_comp_id 
_pdbx_struct_sheet_hbond.range_1_label_asym_id 
_pdbx_struct_sheet_hbond.range_1_label_seq_id 
_pdbx_struct_sheet_hbond.range_1_PDB_ins_code 
_pdbx_struct_sheet_hbond.range_1_auth_atom_id 
_pdbx_struct_sheet_hbond.range_1_auth_comp_id 
_pdbx_struct_sheet_hbond.range_1_auth_asym_id 
_pdbx_struct_sheet_hbond.range_1_auth_seq_id 
_pdbx_struct_sheet_hbond.range_2_label_atom_id 
_pdbx_struct_sheet_hbond.range_2_label_comp_id 
_pdbx_struct_sheet_hbond.range_2_label_asym_id 
_pdbx_struct_sheet_hbond.range_2_label_seq_id 
_pdbx_struct_sheet_hbond.range_2_PDB_ins_code 
_pdbx_struct_sheet_hbond.range_2_auth_atom_id 
_pdbx_struct_sheet_hbond.range_2_auth_comp_id 
_pdbx_struct_sheet_hbond.range_2_auth_asym_id 
_pdbx_struct_sheet_hbond.range_2_auth_seq_id 
A 1 2 O GLN A 62  ? O GLN A 137 N ALA A 40  ? N ALA A 115 
A 2 3 O ARG A 39  ? O ARG A 114 N VAL A 36  ? N VAL A 111 
A 3 4 N ALA A 31  ? N ALA A 106 O SER A 139 ? O SER A 214 
A 4 5 O ALA A 142 ? O ALA A 217 N SER A 122 ? N SER A 197 
A 5 6 O GLY A 123 ? O GLY A 198 N SER A 113 ? N SER A 188 
# 
loop_
_struct_site.id 
_struct_site.pdbx_evidence_code 
_struct_site.pdbx_auth_asym_id 
_struct_site.pdbx_auth_comp_id 
_struct_site.pdbx_auth_seq_id 
_struct_site.pdbx_auth_ins_code 
_struct_site.pdbx_num_residues 
_struct_site.details 
AC1 Software A CL 251 ? 3 'BINDING SITE FOR RESIDUE CL A 251' 
AC2 Software A CL 252 ? 4 'BINDING SITE FOR RESIDUE CL A 252' 
# 
loop_
_struct_site_gen.id 
_struct_site_gen.site_id 
_struct_site_gen.pdbx_num_res 
_struct_site_gen.label_comp_id 
_struct_site_gen.label_asym_id 
_struct_site_gen.label_seq_id 
_struct_site_gen.pdbx_auth_ins_code 
_struct_site_gen.auth_comp_id 
_struct_site_gen.auth_asym_id 
_struct_site_gen.auth_seq_id 
_struct_site_gen.label_atom_id 
_struct_site_gen.label_alt_id 
_struct_site_gen.symmetry 
_struct_site_gen.details 
1 AC1 3 SER A 113 ? SER A 188 . ? 1_555 ? 
2 AC1 3 GLU A 116 ? GLU A 191 . ? 1_555 ? 
3 AC1 3 HOH D .   ? HOH A 280 . ? 1_555 ? 
4 AC2 4 HIS A 145 ? HIS A 220 . ? 1_555 ? 
5 AC2 4 ARG A 146 ? ARG A 221 . ? 1_555 ? 
6 AC2 4 HOH D .   ? HOH A 261 . ? 5_555 ? 
7 AC2 4 HOH D .   ? HOH A 264 . ? 5_555 ? 
# 
_pdbx_entry_details.entry_id                   3BJN 
_pdbx_entry_details.compound_details           ? 
_pdbx_entry_details.source_details             ? 
_pdbx_entry_details.nonpolymer_details         ? 
_pdbx_entry_details.sequence_details           ? 
_pdbx_entry_details.has_ligand_of_interest     ? 
_pdbx_entry_details.has_protein_modification   Y 
# 
loop_
_pdbx_validate_close_contact.id 
_pdbx_validate_close_contact.PDB_model_num 
_pdbx_validate_close_contact.auth_atom_id_1 
_pdbx_validate_close_contact.auth_asym_id_1 
_pdbx_validate_close_contact.auth_comp_id_1 
_pdbx_validate_close_contact.auth_seq_id_1 
_pdbx_validate_close_contact.PDB_ins_code_1 
_pdbx_validate_close_contact.label_alt_id_1 
_pdbx_validate_close_contact.auth_atom_id_2 
_pdbx_validate_close_contact.auth_asym_id_2 
_pdbx_validate_close_contact.auth_comp_id_2 
_pdbx_validate_close_contact.auth_seq_id_2 
_pdbx_validate_close_contact.PDB_ins_code_2 
_pdbx_validate_close_contact.label_alt_id_2 
_pdbx_validate_close_contact.dist 
1 1 NH2 A ARG 156 ? B O A HOH 386 ? ? 1.96 
2 1 OE1 A GLN 133 ? B O A HOH 360 ? ? 1.97 
3 1 N   A ALA 126 ? ? O A HOH 449 ? ? 2.17 
# 
_pdbx_validate_symm_contact.id                1 
_pdbx_validate_symm_contact.PDB_model_num     1 
_pdbx_validate_symm_contact.auth_atom_id_1    NH2 
_pdbx_validate_symm_contact.auth_asym_id_1    A 
_pdbx_validate_symm_contact.auth_comp_id_1    ARG 
_pdbx_validate_symm_contact.auth_seq_id_1     128 
_pdbx_validate_symm_contact.PDB_ins_code_1    ? 
_pdbx_validate_symm_contact.label_alt_id_1    ? 
_pdbx_validate_symm_contact.site_symmetry_1   1_555 
_pdbx_validate_symm_contact.auth_atom_id_2    O 
_pdbx_validate_symm_contact.auth_asym_id_2    A 
_pdbx_validate_symm_contact.auth_comp_id_2    HOH 
_pdbx_validate_symm_contact.auth_seq_id_2     358 
_pdbx_validate_symm_contact.PDB_ins_code_2    ? 
_pdbx_validate_symm_contact.label_alt_id_2    ? 
_pdbx_validate_symm_contact.site_symmetry_2   5_555 
_pdbx_validate_symm_contact.dist              2.15 
# 
loop_
_pdbx_validate_torsion.id 
_pdbx_validate_torsion.PDB_model_num 
_pdbx_validate_torsion.auth_comp_id 
_pdbx_validate_torsion.auth_asym_id 
_pdbx_validate_torsion.auth_seq_id 
_pdbx_validate_torsion.PDB_ins_code 
_pdbx_validate_torsion.label_alt_id 
_pdbx_validate_torsion.phi 
_pdbx_validate_torsion.psi 
1 1 GLU A 122 ? A 74.83   136.72  
2 1 GLN A 125 ? ? -100.15 -133.26 
3 1 LEU A 140 ? ? -158.58 -55.05  
# 
_pdbx_SG_project.id                    1 
_pdbx_SG_project.project_name          'PSI, Protein Structure Initiative' 
_pdbx_SG_project.full_name_of_center   'Midwest Center for Structural Genomics' 
_pdbx_SG_project.initial_of_center     MCSG 
# 
loop_
_pdbx_struct_mod_residue.id 
_pdbx_struct_mod_residue.label_asym_id 
_pdbx_struct_mod_residue.label_comp_id 
_pdbx_struct_mod_residue.label_seq_id 
_pdbx_struct_mod_residue.auth_asym_id 
_pdbx_struct_mod_residue.auth_comp_id 
_pdbx_struct_mod_residue.auth_seq_id 
_pdbx_struct_mod_residue.PDB_ins_code 
_pdbx_struct_mod_residue.parent_comp_id 
_pdbx_struct_mod_residue.details 
1 A MSE 29  A MSE 104 ? MET SELENOMETHIONINE 
2 A MSE 33  A MSE 108 ? MET SELENOMETHIONINE 
3 A MSE 49  A MSE 124 ? MET SELENOMETHIONINE 
4 A MSE 73  A MSE 148 ? MET SELENOMETHIONINE 
5 A MSE 77  A MSE 152 ? MET SELENOMETHIONINE 
6 A MSE 129 A MSE 204 ? MET SELENOMETHIONINE 
7 A MSE 141 A MSE 216 ? MET SELENOMETHIONINE 
# 
loop_
_pdbx_refine_tls.id 
_pdbx_refine_tls.details 
_pdbx_refine_tls.method 
_pdbx_refine_tls.origin_x 
_pdbx_refine_tls.origin_y 
_pdbx_refine_tls.origin_z 
_pdbx_refine_tls.T[1][1] 
_pdbx_refine_tls.T[2][2] 
_pdbx_refine_tls.T[3][3] 
_pdbx_refine_tls.T[1][2] 
_pdbx_refine_tls.T[1][3] 
_pdbx_refine_tls.T[2][3] 
_pdbx_refine_tls.L[1][1] 
_pdbx_refine_tls.L[2][2] 
_pdbx_refine_tls.L[3][3] 
_pdbx_refine_tls.L[1][2] 
_pdbx_refine_tls.L[1][3] 
_pdbx_refine_tls.L[2][3] 
_pdbx_refine_tls.S[1][1] 
_pdbx_refine_tls.S[1][2] 
_pdbx_refine_tls.S[1][3] 
_pdbx_refine_tls.S[2][1] 
_pdbx_refine_tls.S[2][2] 
_pdbx_refine_tls.S[2][3] 
_pdbx_refine_tls.S[3][1] 
_pdbx_refine_tls.S[3][2] 
_pdbx_refine_tls.S[3][3] 
_pdbx_refine_tls.pdbx_refine_id 
1 ? refined -5.7870 -1.5107 6.6638  0.0362  -0.0318 -0.0117 0.0051  0.0114  -0.0051 0.4004 2.4220 0.9682 -0.2063 -0.0489 1.0731 -0.0476 -0.0118 -0.0302 0.2553  0.0090 0.0582  0.1871  -0.0551 0.0387  'X-RAY DIFFRACTION' 
2 ? refined 7.6675  -4.8137 -9.4306 0.0137  -0.0512 0.0065  -0.0228 0.0464  -0.0143 1.4097 5.0702 1.6187 0.4066  -0.1042 2.3835 -0.0852 0.0128  0.1449  -0.4395 0.2903 -0.4275 -0.1941 0.1423  -0.2053 'X-RAY DIFFRACTION' 
3 ? refined 0.5879  6.3221  0.3307  -0.0680 -0.0619 -0.0232 0.0136  -0.0065 -0.0100 0.5812 1.7840 1.4906 -0.0770 0.1304  0.3362 0.0421  0.0490  -0.0779 -0.0281 0.0600 -0.2400 0.0488  0.1047  -0.1022 'X-RAY DIFFRACTION' 
# 
loop_
_pdbx_refine_tls_group.id 
_pdbx_refine_tls_group.refine_tls_id 
_pdbx_refine_tls_group.beg_auth_asym_id 
_pdbx_refine_tls_group.beg_auth_seq_id 
_pdbx_refine_tls_group.beg_label_asym_id 
_pdbx_refine_tls_group.beg_label_seq_id 
_pdbx_refine_tls_group.end_auth_asym_id 
_pdbx_refine_tls_group.end_auth_seq_id 
_pdbx_refine_tls_group.end_label_asym_id 
_pdbx_refine_tls_group.end_label_seq_id 
_pdbx_refine_tls_group.selection 
_pdbx_refine_tls_group.pdbx_refine_id 
_pdbx_refine_tls_group.selection_details 
1 1 A 79  A 4   A 137 A 62  ? 'X-RAY DIFFRACTION' ? 
2 2 A 138 A 63  A 183 A 108 ? 'X-RAY DIFFRACTION' ? 
3 3 A 184 A 109 A 240 A 165 ? 'X-RAY DIFFRACTION' ? 
# 
loop_
_pdbx_unobs_or_zero_occ_residues.id 
_pdbx_unobs_or_zero_occ_residues.PDB_model_num 
_pdbx_unobs_or_zero_occ_residues.polymer_flag 
_pdbx_unobs_or_zero_occ_residues.occupancy_flag 
_pdbx_unobs_or_zero_occ_residues.auth_asym_id 
_pdbx_unobs_or_zero_occ_residues.auth_comp_id 
_pdbx_unobs_or_zero_occ_residues.auth_seq_id 
_pdbx_unobs_or_zero_occ_residues.PDB_ins_code 
_pdbx_unobs_or_zero_occ_residues.label_asym_id 
_pdbx_unobs_or_zero_occ_residues.label_comp_id 
_pdbx_unobs_or_zero_occ_residues.label_seq_id 
1 1 Y 1 A SER 76 ? A SER 1 
2 1 Y 1 A ASN 77 ? A ASN 2 
3 1 Y 1 A ALA 78 ? A ALA 3 
# 
loop_
_chem_comp_atom.comp_id 
_chem_comp_atom.atom_id 
_chem_comp_atom.type_symbol 
_chem_comp_atom.pdbx_aromatic_flag 
_chem_comp_atom.pdbx_stereo_config 
_chem_comp_atom.pdbx_ordinal 
ALA N    N  N N 1   
ALA CA   C  N S 2   
ALA C    C  N N 3   
ALA O    O  N N 4   
ALA CB   C  N N 5   
ALA OXT  O  N N 6   
ALA H    H  N N 7   
ALA H2   H  N N 8   
ALA HA   H  N N 9   
ALA HB1  H  N N 10  
ALA HB2  H  N N 11  
ALA HB3  H  N N 12  
ALA HXT  H  N N 13  
ARG N    N  N N 14  
ARG CA   C  N S 15  
ARG C    C  N N 16  
ARG O    O  N N 17  
ARG CB   C  N N 18  
ARG CG   C  N N 19  
ARG CD   C  N N 20  
ARG NE   N  N N 21  
ARG CZ   C  N N 22  
ARG NH1  N  N N 23  
ARG NH2  N  N N 24  
ARG OXT  O  N N 25  
ARG H    H  N N 26  
ARG H2   H  N N 27  
ARG HA   H  N N 28  
ARG HB2  H  N N 29  
ARG HB3  H  N N 30  
ARG HG2  H  N N 31  
ARG HG3  H  N N 32  
ARG HD2  H  N N 33  
ARG HD3  H  N N 34  
ARG HE   H  N N 35  
ARG HH11 H  N N 36  
ARG HH12 H  N N 37  
ARG HH21 H  N N 38  
ARG HH22 H  N N 39  
ARG HXT  H  N N 40  
ASN N    N  N N 41  
ASN CA   C  N S 42  
ASN C    C  N N 43  
ASN O    O  N N 44  
ASN CB   C  N N 45  
ASN CG   C  N N 46  
ASN OD1  O  N N 47  
ASN ND2  N  N N 48  
ASN OXT  O  N N 49  
ASN H    H  N N 50  
ASN H2   H  N N 51  
ASN HA   H  N N 52  
ASN HB2  H  N N 53  
ASN HB3  H  N N 54  
ASN HD21 H  N N 55  
ASN HD22 H  N N 56  
ASN HXT  H  N N 57  
ASP N    N  N N 58  
ASP CA   C  N S 59  
ASP C    C  N N 60  
ASP O    O  N N 61  
ASP CB   C  N N 62  
ASP CG   C  N N 63  
ASP OD1  O  N N 64  
ASP OD2  O  N N 65  
ASP OXT  O  N N 66  
ASP H    H  N N 67  
ASP H2   H  N N 68  
ASP HA   H  N N 69  
ASP HB2  H  N N 70  
ASP HB3  H  N N 71  
ASP HD2  H  N N 72  
ASP HXT  H  N N 73  
CL  CL   CL N N 74  
CYS N    N  N N 75  
CYS CA   C  N R 76  
CYS C    C  N N 77  
CYS O    O  N N 78  
CYS CB   C  N N 79  
CYS SG   S  N N 80  
CYS OXT  O  N N 81  
CYS H    H  N N 82  
CYS H2   H  N N 83  
CYS HA   H  N N 84  
CYS HB2  H  N N 85  
CYS HB3  H  N N 86  
CYS HG   H  N N 87  
CYS HXT  H  N N 88  
GLN N    N  N N 89  
GLN CA   C  N S 90  
GLN C    C  N N 91  
GLN O    O  N N 92  
GLN CB   C  N N 93  
GLN CG   C  N N 94  
GLN CD   C  N N 95  
GLN OE1  O  N N 96  
GLN NE2  N  N N 97  
GLN OXT  O  N N 98  
GLN H    H  N N 99  
GLN H2   H  N N 100 
GLN HA   H  N N 101 
GLN HB2  H  N N 102 
GLN HB3  H  N N 103 
GLN HG2  H  N N 104 
GLN HG3  H  N N 105 
GLN HE21 H  N N 106 
GLN HE22 H  N N 107 
GLN HXT  H  N N 108 
GLU N    N  N N 109 
GLU CA   C  N S 110 
GLU C    C  N N 111 
GLU O    O  N N 112 
GLU CB   C  N N 113 
GLU CG   C  N N 114 
GLU CD   C  N N 115 
GLU OE1  O  N N 116 
GLU OE2  O  N N 117 
GLU OXT  O  N N 118 
GLU H    H  N N 119 
GLU H2   H  N N 120 
GLU HA   H  N N 121 
GLU HB2  H  N N 122 
GLU HB3  H  N N 123 
GLU HG2  H  N N 124 
GLU HG3  H  N N 125 
GLU HE2  H  N N 126 
GLU HXT  H  N N 127 
GLY N    N  N N 128 
GLY CA   C  N N 129 
GLY C    C  N N 130 
GLY O    O  N N 131 
GLY OXT  O  N N 132 
GLY H    H  N N 133 
GLY H2   H  N N 134 
GLY HA2  H  N N 135 
GLY HA3  H  N N 136 
GLY HXT  H  N N 137 
HIS N    N  N N 138 
HIS CA   C  N S 139 
HIS C    C  N N 140 
HIS O    O  N N 141 
HIS CB   C  N N 142 
HIS CG   C  Y N 143 
HIS ND1  N  Y N 144 
HIS CD2  C  Y N 145 
HIS CE1  C  Y N 146 
HIS NE2  N  Y N 147 
HIS OXT  O  N N 148 
HIS H    H  N N 149 
HIS H2   H  N N 150 
HIS HA   H  N N 151 
HIS HB2  H  N N 152 
HIS HB3  H  N N 153 
HIS HD1  H  N N 154 
HIS HD2  H  N N 155 
HIS HE1  H  N N 156 
HIS HE2  H  N N 157 
HIS HXT  H  N N 158 
HOH O    O  N N 159 
HOH H1   H  N N 160 
HOH H2   H  N N 161 
ILE N    N  N N 162 
ILE CA   C  N S 163 
ILE C    C  N N 164 
ILE O    O  N N 165 
ILE CB   C  N S 166 
ILE CG1  C  N N 167 
ILE CG2  C  N N 168 
ILE CD1  C  N N 169 
ILE OXT  O  N N 170 
ILE H    H  N N 171 
ILE H2   H  N N 172 
ILE HA   H  N N 173 
ILE HB   H  N N 174 
ILE HG12 H  N N 175 
ILE HG13 H  N N 176 
ILE HG21 H  N N 177 
ILE HG22 H  N N 178 
ILE HG23 H  N N 179 
ILE HD11 H  N N 180 
ILE HD12 H  N N 181 
ILE HD13 H  N N 182 
ILE HXT  H  N N 183 
LEU N    N  N N 184 
LEU CA   C  N S 185 
LEU C    C  N N 186 
LEU O    O  N N 187 
LEU CB   C  N N 188 
LEU CG   C  N N 189 
LEU CD1  C  N N 190 
LEU CD2  C  N N 191 
LEU OXT  O  N N 192 
LEU H    H  N N 193 
LEU H2   H  N N 194 
LEU HA   H  N N 195 
LEU HB2  H  N N 196 
LEU HB3  H  N N 197 
LEU HG   H  N N 198 
LEU HD11 H  N N 199 
LEU HD12 H  N N 200 
LEU HD13 H  N N 201 
LEU HD21 H  N N 202 
LEU HD22 H  N N 203 
LEU HD23 H  N N 204 
LEU HXT  H  N N 205 
LYS N    N  N N 206 
LYS CA   C  N S 207 
LYS C    C  N N 208 
LYS O    O  N N 209 
LYS CB   C  N N 210 
LYS CG   C  N N 211 
LYS CD   C  N N 212 
LYS CE   C  N N 213 
LYS NZ   N  N N 214 
LYS OXT  O  N N 215 
LYS H    H  N N 216 
LYS H2   H  N N 217 
LYS HA   H  N N 218 
LYS HB2  H  N N 219 
LYS HB3  H  N N 220 
LYS HG2  H  N N 221 
LYS HG3  H  N N 222 
LYS HD2  H  N N 223 
LYS HD3  H  N N 224 
LYS HE2  H  N N 225 
LYS HE3  H  N N 226 
LYS HZ1  H  N N 227 
LYS HZ2  H  N N 228 
LYS HZ3  H  N N 229 
LYS HXT  H  N N 230 
MSE N    N  N N 231 
MSE CA   C  N S 232 
MSE C    C  N N 233 
MSE O    O  N N 234 
MSE OXT  O  N N 235 
MSE CB   C  N N 236 
MSE CG   C  N N 237 
MSE SE   SE N N 238 
MSE CE   C  N N 239 
MSE H    H  N N 240 
MSE H2   H  N N 241 
MSE HA   H  N N 242 
MSE HXT  H  N N 243 
MSE HB2  H  N N 244 
MSE HB3  H  N N 245 
MSE HG2  H  N N 246 
MSE HG3  H  N N 247 
MSE HE1  H  N N 248 
MSE HE2  H  N N 249 
MSE HE3  H  N N 250 
PHE N    N  N N 251 
PHE CA   C  N S 252 
PHE C    C  N N 253 
PHE O    O  N N 254 
PHE CB   C  N N 255 
PHE CG   C  Y N 256 
PHE CD1  C  Y N 257 
PHE CD2  C  Y N 258 
PHE CE1  C  Y N 259 
PHE CE2  C  Y N 260 
PHE CZ   C  Y N 261 
PHE OXT  O  N N 262 
PHE H    H  N N 263 
PHE H2   H  N N 264 
PHE HA   H  N N 265 
PHE HB2  H  N N 266 
PHE HB3  H  N N 267 
PHE HD1  H  N N 268 
PHE HD2  H  N N 269 
PHE HE1  H  N N 270 
PHE HE2  H  N N 271 
PHE HZ   H  N N 272 
PHE HXT  H  N N 273 
PRO N    N  N N 274 
PRO CA   C  N S 275 
PRO C    C  N N 276 
PRO O    O  N N 277 
PRO CB   C  N N 278 
PRO CG   C  N N 279 
PRO CD   C  N N 280 
PRO OXT  O  N N 281 
PRO H    H  N N 282 
PRO HA   H  N N 283 
PRO HB2  H  N N 284 
PRO HB3  H  N N 285 
PRO HG2  H  N N 286 
PRO HG3  H  N N 287 
PRO HD2  H  N N 288 
PRO HD3  H  N N 289 
PRO HXT  H  N N 290 
SER N    N  N N 291 
SER CA   C  N S 292 
SER C    C  N N 293 
SER O    O  N N 294 
SER CB   C  N N 295 
SER OG   O  N N 296 
SER OXT  O  N N 297 
SER H    H  N N 298 
SER H2   H  N N 299 
SER HA   H  N N 300 
SER HB2  H  N N 301 
SER HB3  H  N N 302 
SER HG   H  N N 303 
SER HXT  H  N N 304 
THR N    N  N N 305 
THR CA   C  N S 306 
THR C    C  N N 307 
THR O    O  N N 308 
THR CB   C  N R 309 
THR OG1  O  N N 310 
THR CG2  C  N N 311 
THR OXT  O  N N 312 
THR H    H  N N 313 
THR H2   H  N N 314 
THR HA   H  N N 315 
THR HB   H  N N 316 
THR HG1  H  N N 317 
THR HG21 H  N N 318 
THR HG22 H  N N 319 
THR HG23 H  N N 320 
THR HXT  H  N N 321 
TRP N    N  N N 322 
TRP CA   C  N S 323 
TRP C    C  N N 324 
TRP O    O  N N 325 
TRP CB   C  N N 326 
TRP CG   C  Y N 327 
TRP CD1  C  Y N 328 
TRP CD2  C  Y N 329 
TRP NE1  N  Y N 330 
TRP CE2  C  Y N 331 
TRP CE3  C  Y N 332 
TRP CZ2  C  Y N 333 
TRP CZ3  C  Y N 334 
TRP CH2  C  Y N 335 
TRP OXT  O  N N 336 
TRP H    H  N N 337 
TRP H2   H  N N 338 
TRP HA   H  N N 339 
TRP HB2  H  N N 340 
TRP HB3  H  N N 341 
TRP HD1  H  N N 342 
TRP HE1  H  N N 343 
TRP HE3  H  N N 344 
TRP HZ2  H  N N 345 
TRP HZ3  H  N N 346 
TRP HH2  H  N N 347 
TRP HXT  H  N N 348 
TYR N    N  N N 349 
TYR CA   C  N S 350 
TYR C    C  N N 351 
TYR O    O  N N 352 
TYR CB   C  N N 353 
TYR CG   C  Y N 354 
TYR CD1  C  Y N 355 
TYR CD2  C  Y N 356 
TYR CE1  C  Y N 357 
TYR CE2  C  Y N 358 
TYR CZ   C  Y N 359 
TYR OH   O  N N 360 
TYR OXT  O  N N 361 
TYR H    H  N N 362 
TYR H2   H  N N 363 
TYR HA   H  N N 364 
TYR HB2  H  N N 365 
TYR HB3  H  N N 366 
TYR HD1  H  N N 367 
TYR HD2  H  N N 368 
TYR HE1  H  N N 369 
TYR HE2  H  N N 370 
TYR HH   H  N N 371 
TYR HXT  H  N N 372 
VAL N    N  N N 373 
VAL CA   C  N S 374 
VAL C    C  N N 375 
VAL O    O  N N 376 
VAL CB   C  N N 377 
VAL CG1  C  N N 378 
VAL CG2  C  N N 379 
VAL OXT  O  N N 380 
VAL H    H  N N 381 
VAL H2   H  N N 382 
VAL HA   H  N N 383 
VAL HB   H  N N 384 
VAL HG11 H  N N 385 
VAL HG12 H  N N 386 
VAL HG13 H  N N 387 
VAL HG21 H  N N 388 
VAL HG22 H  N N 389 
VAL HG23 H  N N 390 
VAL HXT  H  N N 391 
# 
loop_
_chem_comp_bond.comp_id 
_chem_comp_bond.atom_id_1 
_chem_comp_bond.atom_id_2 
_chem_comp_bond.value_order 
_chem_comp_bond.pdbx_aromatic_flag 
_chem_comp_bond.pdbx_stereo_config 
_chem_comp_bond.pdbx_ordinal 
ALA N   CA   sing N N 1   
ALA N   H    sing N N 2   
ALA N   H2   sing N N 3   
ALA CA  C    sing N N 4   
ALA CA  CB   sing N N 5   
ALA CA  HA   sing N N 6   
ALA C   O    doub N N 7   
ALA C   OXT  sing N N 8   
ALA CB  HB1  sing N N 9   
ALA CB  HB2  sing N N 10  
ALA CB  HB3  sing N N 11  
ALA OXT HXT  sing N N 12  
ARG N   CA   sing N N 13  
ARG N   H    sing N N 14  
ARG N   H2   sing N N 15  
ARG CA  C    sing N N 16  
ARG CA  CB   sing N N 17  
ARG CA  HA   sing N N 18  
ARG C   O    doub N N 19  
ARG C   OXT  sing N N 20  
ARG CB  CG   sing N N 21  
ARG CB  HB2  sing N N 22  
ARG CB  HB3  sing N N 23  
ARG CG  CD   sing N N 24  
ARG CG  HG2  sing N N 25  
ARG CG  HG3  sing N N 26  
ARG CD  NE   sing N N 27  
ARG CD  HD2  sing N N 28  
ARG CD  HD3  sing N N 29  
ARG NE  CZ   sing N N 30  
ARG NE  HE   sing N N 31  
ARG CZ  NH1  sing N N 32  
ARG CZ  NH2  doub N N 33  
ARG NH1 HH11 sing N N 34  
ARG NH1 HH12 sing N N 35  
ARG NH2 HH21 sing N N 36  
ARG NH2 HH22 sing N N 37  
ARG OXT HXT  sing N N 38  
ASN N   CA   sing N N 39  
ASN N   H    sing N N 40  
ASN N   H2   sing N N 41  
ASN CA  C    sing N N 42  
ASN CA  CB   sing N N 43  
ASN CA  HA   sing N N 44  
ASN C   O    doub N N 45  
ASN C   OXT  sing N N 46  
ASN CB  CG   sing N N 47  
ASN CB  HB2  sing N N 48  
ASN CB  HB3  sing N N 49  
ASN CG  OD1  doub N N 50  
ASN CG  ND2  sing N N 51  
ASN ND2 HD21 sing N N 52  
ASN ND2 HD22 sing N N 53  
ASN OXT HXT  sing N N 54  
ASP N   CA   sing N N 55  
ASP N   H    sing N N 56  
ASP N   H2   sing N N 57  
ASP CA  C    sing N N 58  
ASP CA  CB   sing N N 59  
ASP CA  HA   sing N N 60  
ASP C   O    doub N N 61  
ASP C   OXT  sing N N 62  
ASP CB  CG   sing N N 63  
ASP CB  HB2  sing N N 64  
ASP CB  HB3  sing N N 65  
ASP CG  OD1  doub N N 66  
ASP CG  OD2  sing N N 67  
ASP OD2 HD2  sing N N 68  
ASP OXT HXT  sing N N 69  
CYS N   CA   sing N N 70  
CYS N   H    sing N N 71  
CYS N   H2   sing N N 72  
CYS CA  C    sing N N 73  
CYS CA  CB   sing N N 74  
CYS CA  HA   sing N N 75  
CYS C   O    doub N N 76  
CYS C   OXT  sing N N 77  
CYS CB  SG   sing N N 78  
CYS CB  HB2  sing N N 79  
CYS CB  HB3  sing N N 80  
CYS SG  HG   sing N N 81  
CYS OXT HXT  sing N N 82  
GLN N   CA   sing N N 83  
GLN N   H    sing N N 84  
GLN N   H2   sing N N 85  
GLN CA  C    sing N N 86  
GLN CA  CB   sing N N 87  
GLN CA  HA   sing N N 88  
GLN C   O    doub N N 89  
GLN C   OXT  sing N N 90  
GLN CB  CG   sing N N 91  
GLN CB  HB2  sing N N 92  
GLN CB  HB3  sing N N 93  
GLN CG  CD   sing N N 94  
GLN CG  HG2  sing N N 95  
GLN CG  HG3  sing N N 96  
GLN CD  OE1  doub N N 97  
GLN CD  NE2  sing N N 98  
GLN NE2 HE21 sing N N 99  
GLN NE2 HE22 sing N N 100 
GLN OXT HXT  sing N N 101 
GLU N   CA   sing N N 102 
GLU N   H    sing N N 103 
GLU N   H2   sing N N 104 
GLU CA  C    sing N N 105 
GLU CA  CB   sing N N 106 
GLU CA  HA   sing N N 107 
GLU C   O    doub N N 108 
GLU C   OXT  sing N N 109 
GLU CB  CG   sing N N 110 
GLU CB  HB2  sing N N 111 
GLU CB  HB3  sing N N 112 
GLU CG  CD   sing N N 113 
GLU CG  HG2  sing N N 114 
GLU CG  HG3  sing N N 115 
GLU CD  OE1  doub N N 116 
GLU CD  OE2  sing N N 117 
GLU OE2 HE2  sing N N 118 
GLU OXT HXT  sing N N 119 
GLY N   CA   sing N N 120 
GLY N   H    sing N N 121 
GLY N   H2   sing N N 122 
GLY CA  C    sing N N 123 
GLY CA  HA2  sing N N 124 
GLY CA  HA3  sing N N 125 
GLY C   O    doub N N 126 
GLY C   OXT  sing N N 127 
GLY OXT HXT  sing N N 128 
HIS N   CA   sing N N 129 
HIS N   H    sing N N 130 
HIS N   H2   sing N N 131 
HIS CA  C    sing N N 132 
HIS CA  CB   sing N N 133 
HIS CA  HA   sing N N 134 
HIS C   O    doub N N 135 
HIS C   OXT  sing N N 136 
HIS CB  CG   sing N N 137 
HIS CB  HB2  sing N N 138 
HIS CB  HB3  sing N N 139 
HIS CG  ND1  sing Y N 140 
HIS CG  CD2  doub Y N 141 
HIS ND1 CE1  doub Y N 142 
HIS ND1 HD1  sing N N 143 
HIS CD2 NE2  sing Y N 144 
HIS CD2 HD2  sing N N 145 
HIS CE1 NE2  sing Y N 146 
HIS CE1 HE1  sing N N 147 
HIS NE2 HE2  sing N N 148 
HIS OXT HXT  sing N N 149 
HOH O   H1   sing N N 150 
HOH O   H2   sing N N 151 
ILE N   CA   sing N N 152 
ILE N   H    sing N N 153 
ILE N   H2   sing N N 154 
ILE CA  C    sing N N 155 
ILE CA  CB   sing N N 156 
ILE CA  HA   sing N N 157 
ILE C   O    doub N N 158 
ILE C   OXT  sing N N 159 
ILE CB  CG1  sing N N 160 
ILE CB  CG2  sing N N 161 
ILE CB  HB   sing N N 162 
ILE CG1 CD1  sing N N 163 
ILE CG1 HG12 sing N N 164 
ILE CG1 HG13 sing N N 165 
ILE CG2 HG21 sing N N 166 
ILE CG2 HG22 sing N N 167 
ILE CG2 HG23 sing N N 168 
ILE CD1 HD11 sing N N 169 
ILE CD1 HD12 sing N N 170 
ILE CD1 HD13 sing N N 171 
ILE OXT HXT  sing N N 172 
LEU N   CA   sing N N 173 
LEU N   H    sing N N 174 
LEU N   H2   sing N N 175 
LEU CA  C    sing N N 176 
LEU CA  CB   sing N N 177 
LEU CA  HA   sing N N 178 
LEU C   O    doub N N 179 
LEU C   OXT  sing N N 180 
LEU CB  CG   sing N N 181 
LEU CB  HB2  sing N N 182 
LEU CB  HB3  sing N N 183 
LEU CG  CD1  sing N N 184 
LEU CG  CD2  sing N N 185 
LEU CG  HG   sing N N 186 
LEU CD1 HD11 sing N N 187 
LEU CD1 HD12 sing N N 188 
LEU CD1 HD13 sing N N 189 
LEU CD2 HD21 sing N N 190 
LEU CD2 HD22 sing N N 191 
LEU CD2 HD23 sing N N 192 
LEU OXT HXT  sing N N 193 
LYS N   CA   sing N N 194 
LYS N   H    sing N N 195 
LYS N   H2   sing N N 196 
LYS CA  C    sing N N 197 
LYS CA  CB   sing N N 198 
LYS CA  HA   sing N N 199 
LYS C   O    doub N N 200 
LYS C   OXT  sing N N 201 
LYS CB  CG   sing N N 202 
LYS CB  HB2  sing N N 203 
LYS CB  HB3  sing N N 204 
LYS CG  CD   sing N N 205 
LYS CG  HG2  sing N N 206 
LYS CG  HG3  sing N N 207 
LYS CD  CE   sing N N 208 
LYS CD  HD2  sing N N 209 
LYS CD  HD3  sing N N 210 
LYS CE  NZ   sing N N 211 
LYS CE  HE2  sing N N 212 
LYS CE  HE3  sing N N 213 
LYS NZ  HZ1  sing N N 214 
LYS NZ  HZ2  sing N N 215 
LYS NZ  HZ3  sing N N 216 
LYS OXT HXT  sing N N 217 
MSE N   CA   sing N N 218 
MSE N   H    sing N N 219 
MSE N   H2   sing N N 220 
MSE CA  C    sing N N 221 
MSE CA  CB   sing N N 222 
MSE CA  HA   sing N N 223 
MSE C   O    doub N N 224 
MSE C   OXT  sing N N 225 
MSE OXT HXT  sing N N 226 
MSE CB  CG   sing N N 227 
MSE CB  HB2  sing N N 228 
MSE CB  HB3  sing N N 229 
MSE CG  SE   sing N N 230 
MSE CG  HG2  sing N N 231 
MSE CG  HG3  sing N N 232 
MSE SE  CE   sing N N 233 
MSE CE  HE1  sing N N 234 
MSE CE  HE2  sing N N 235 
MSE CE  HE3  sing N N 236 
PHE N   CA   sing N N 237 
PHE N   H    sing N N 238 
PHE N   H2   sing N N 239 
PHE CA  C    sing N N 240 
PHE CA  CB   sing N N 241 
PHE CA  HA   sing N N 242 
PHE C   O    doub N N 243 
PHE C   OXT  sing N N 244 
PHE CB  CG   sing N N 245 
PHE CB  HB2  sing N N 246 
PHE CB  HB3  sing N N 247 
PHE CG  CD1  doub Y N 248 
PHE CG  CD2  sing Y N 249 
PHE CD1 CE1  sing Y N 250 
PHE CD1 HD1  sing N N 251 
PHE CD2 CE2  doub Y N 252 
PHE CD2 HD2  sing N N 253 
PHE CE1 CZ   doub Y N 254 
PHE CE1 HE1  sing N N 255 
PHE CE2 CZ   sing Y N 256 
PHE CE2 HE2  sing N N 257 
PHE CZ  HZ   sing N N 258 
PHE OXT HXT  sing N N 259 
PRO N   CA   sing N N 260 
PRO N   CD   sing N N 261 
PRO N   H    sing N N 262 
PRO CA  C    sing N N 263 
PRO CA  CB   sing N N 264 
PRO CA  HA   sing N N 265 
PRO C   O    doub N N 266 
PRO C   OXT  sing N N 267 
PRO CB  CG   sing N N 268 
PRO CB  HB2  sing N N 269 
PRO CB  HB3  sing N N 270 
PRO CG  CD   sing N N 271 
PRO CG  HG2  sing N N 272 
PRO CG  HG3  sing N N 273 
PRO CD  HD2  sing N N 274 
PRO CD  HD3  sing N N 275 
PRO OXT HXT  sing N N 276 
SER N   CA   sing N N 277 
SER N   H    sing N N 278 
SER N   H2   sing N N 279 
SER CA  C    sing N N 280 
SER CA  CB   sing N N 281 
SER CA  HA   sing N N 282 
SER C   O    doub N N 283 
SER C   OXT  sing N N 284 
SER CB  OG   sing N N 285 
SER CB  HB2  sing N N 286 
SER CB  HB3  sing N N 287 
SER OG  HG   sing N N 288 
SER OXT HXT  sing N N 289 
THR N   CA   sing N N 290 
THR N   H    sing N N 291 
THR N   H2   sing N N 292 
THR CA  C    sing N N 293 
THR CA  CB   sing N N 294 
THR CA  HA   sing N N 295 
THR C   O    doub N N 296 
THR C   OXT  sing N N 297 
THR CB  OG1  sing N N 298 
THR CB  CG2  sing N N 299 
THR CB  HB   sing N N 300 
THR OG1 HG1  sing N N 301 
THR CG2 HG21 sing N N 302 
THR CG2 HG22 sing N N 303 
THR CG2 HG23 sing N N 304 
THR OXT HXT  sing N N 305 
TRP N   CA   sing N N 306 
TRP N   H    sing N N 307 
TRP N   H2   sing N N 308 
TRP CA  C    sing N N 309 
TRP CA  CB   sing N N 310 
TRP CA  HA   sing N N 311 
TRP C   O    doub N N 312 
TRP C   OXT  sing N N 313 
TRP CB  CG   sing N N 314 
TRP CB  HB2  sing N N 315 
TRP CB  HB3  sing N N 316 
TRP CG  CD1  doub Y N 317 
TRP CG  CD2  sing Y N 318 
TRP CD1 NE1  sing Y N 319 
TRP CD1 HD1  sing N N 320 
TRP CD2 CE2  doub Y N 321 
TRP CD2 CE3  sing Y N 322 
TRP NE1 CE2  sing Y N 323 
TRP NE1 HE1  sing N N 324 
TRP CE2 CZ2  sing Y N 325 
TRP CE3 CZ3  doub Y N 326 
TRP CE3 HE3  sing N N 327 
TRP CZ2 CH2  doub Y N 328 
TRP CZ2 HZ2  sing N N 329 
TRP CZ3 CH2  sing Y N 330 
TRP CZ3 HZ3  sing N N 331 
TRP CH2 HH2  sing N N 332 
TRP OXT HXT  sing N N 333 
TYR N   CA   sing N N 334 
TYR N   H    sing N N 335 
TYR N   H2   sing N N 336 
TYR CA  C    sing N N 337 
TYR CA  CB   sing N N 338 
TYR CA  HA   sing N N 339 
TYR C   O    doub N N 340 
TYR C   OXT  sing N N 341 
TYR CB  CG   sing N N 342 
TYR CB  HB2  sing N N 343 
TYR CB  HB3  sing N N 344 
TYR CG  CD1  doub Y N 345 
TYR CG  CD2  sing Y N 346 
TYR CD1 CE1  sing Y N 347 
TYR CD1 HD1  sing N N 348 
TYR CD2 CE2  doub Y N 349 
TYR CD2 HD2  sing N N 350 
TYR CE1 CZ   doub Y N 351 
TYR CE1 HE1  sing N N 352 
TYR CE2 CZ   sing Y N 353 
TYR CE2 HE2  sing N N 354 
TYR CZ  OH   sing N N 355 
TYR OH  HH   sing N N 356 
TYR OXT HXT  sing N N 357 
VAL N   CA   sing N N 358 
VAL N   H    sing N N 359 
VAL N   H2   sing N N 360 
VAL CA  C    sing N N 361 
VAL CA  CB   sing N N 362 
VAL CA  HA   sing N N 363 
VAL C   O    doub N N 364 
VAL C   OXT  sing N N 365 
VAL CB  CG1  sing N N 366 
VAL CB  CG2  sing N N 367 
VAL CB  HB   sing N N 368 
VAL CG1 HG11 sing N N 369 
VAL CG1 HG12 sing N N 370 
VAL CG1 HG13 sing N N 371 
VAL CG2 HG21 sing N N 372 
VAL CG2 HG22 sing N N 373 
VAL CG2 HG23 sing N N 374 
VAL OXT HXT  sing N N 375 
# 
_atom_sites.entry_id                    3BJN 
_atom_sites.fract_transf_matrix[1][1]   -0.01413401 
_atom_sites.fract_transf_matrix[1][2]   -0.00150058 
_atom_sites.fract_transf_matrix[1][3]   0.01170383 
_atom_sites.fract_transf_matrix[2][1]   -0.00901182 
_atom_sites.fract_transf_matrix[2][2]   0.01316173 
_atom_sites.fract_transf_matrix[2][3]   -0.00919553 
_atom_sites.fract_transf_matrix[3][1]   -0.00290084 
_atom_sites.fract_transf_matrix[3][2]   -0.00486995 
_atom_sites.fract_transf_matrix[3][3]   -0.00412757 
_atom_sites.fract_transf_vector[1]      0.168303 
_atom_sites.fract_transf_vector[2]      0.448466 
_atom_sites.fract_transf_vector[3]      0.326403 
# 
loop_
_atom_type.symbol 
C  
CL 
N  
O  
S  
SE 
# 
loop_
_atom_site.group_PDB 
_atom_site.id 
_atom_site.type_symbol 
_atom_site.label_atom_id 
_atom_site.label_alt_id 
_atom_site.label_comp_id 
_atom_site.label_asym_id 
_atom_site.label_entity_id 
_atom_site.label_seq_id 
_atom_site.pdbx_PDB_ins_code 
_atom_site.Cartn_x 
_atom_site.Cartn_y 
_atom_site.Cartn_z 
_atom_site.occupancy 
_atom_site.B_iso_or_equiv 
_atom_site.pdbx_formal_charge 
_atom_site.auth_seq_id 
_atom_site.auth_comp_id 
_atom_site.auth_asym_id 
_atom_site.auth_atom_id 
_atom_site.pdbx_PDB_model_num 
ATOM   1    N  N   . SER A 1 4   ? -9.137  -13.435 12.850  1.00 36.64 ? 79  SER A N   1 
ATOM   2    C  CA  . SER A 1 4   ? -8.393  -12.299 13.480  1.00 36.38 ? 79  SER A CA  1 
ATOM   3    C  C   . SER A 1 4   ? -6.898  -12.381 13.164  1.00 35.95 ? 79  SER A C   1 
ATOM   4    O  O   . SER A 1 4   ? -6.355  -13.474 12.885  1.00 35.36 ? 79  SER A O   1 
ATOM   5    C  CB  . SER A 1 4   ? -8.619  -12.272 14.998  1.00 36.16 ? 79  SER A CB  1 
ATOM   6    N  N   . TYR A 1 5   ? -6.251  -11.217 13.193  1.00 35.16 ? 80  TYR A N   1 
ATOM   7    C  CA  . TYR A 1 5   ? -4.812  -11.125 13.020  1.00 34.70 ? 80  TYR A CA  1 
ATOM   8    C  C   . TYR A 1 5   ? -4.158  -10.767 14.348  1.00 35.47 ? 80  TYR A C   1 
ATOM   9    O  O   . TYR A 1 5   ? -3.006  -10.330 14.386  1.00 36.11 ? 80  TYR A O   1 
ATOM   10   C  CB  . TYR A 1 5   ? -4.457  -10.125 11.910  1.00 33.41 ? 80  TYR A CB  1 
ATOM   11   C  CG  . TYR A 1 5   ? -5.125  -10.458 10.597  1.00 31.58 ? 80  TYR A CG  1 
ATOM   12   C  CD1 . TYR A 1 5   ? -4.947  -11.708 10.003  1.00 30.17 ? 80  TYR A CD1 1 
ATOM   13   C  CD2 . TYR A 1 5   ? -5.946  -9.521  9.949   1.00 31.00 ? 80  TYR A CD2 1 
ATOM   14   C  CE1 . TYR A 1 5   ? -5.570  -12.019 8.806   1.00 30.52 ? 80  TYR A CE1 1 
ATOM   15   C  CE2 . TYR A 1 5   ? -6.569  -9.820  8.741   1.00 30.70 ? 80  TYR A CE2 1 
ATOM   16   C  CZ  . TYR A 1 5   ? -6.372  -11.072 8.176   1.00 30.41 ? 80  TYR A CZ  1 
ATOM   17   O  OH  . TYR A 1 5   ? -6.984  -11.412 6.994   1.00 30.30 ? 80  TYR A OH  1 
ATOM   18   N  N   . GLU A 1 6   ? -4.908  -10.966 15.437  1.00 36.24 ? 81  GLU A N   1 
ATOM   19   C  CA  . GLU A 1 6   ? -4.401  -10.748 16.794  1.00 36.55 ? 81  GLU A CA  1 
ATOM   20   C  C   . GLU A 1 6   ? -3.138  -11.576 17.112  1.00 36.39 ? 81  GLU A C   1 
ATOM   21   O  O   . GLU A 1 6   ? -2.176  -11.043 17.673  1.00 36.79 ? 81  GLU A O   1 
ATOM   22   C  CB  . GLU A 1 6   ? -5.508  -11.014 17.829  1.00 36.63 ? 81  GLU A CB  1 
ATOM   23   N  N   . THR A 1 7   ? -3.135  -12.859 16.750  1.00 36.24 ? 82  THR A N   1 
ATOM   24   C  CA  . THR A 1 7   ? -2.007  -13.746 17.088  1.00 35.66 ? 82  THR A CA  1 
ATOM   25   C  C   . THR A 1 7   ? -0.979  -13.925 15.960  1.00 35.60 ? 82  THR A C   1 
ATOM   26   O  O   . THR A 1 7   ? 0.055   -14.586 16.150  1.00 35.68 ? 82  THR A O   1 
ATOM   27   C  CB  . THR A 1 7   ? -2.479  -15.159 17.590  1.00 36.23 ? 82  THR A CB  1 
ATOM   28   O  OG1 . THR A 1 7   ? -3.033  -15.926 16.505  1.00 34.89 ? 82  THR A OG1 1 
ATOM   29   C  CG2 . THR A 1 7   ? -3.500  -15.031 18.724  1.00 35.92 ? 82  THR A CG2 1 
ATOM   30   N  N   . SER A 1 8   ? -1.260  -13.353 14.787  1.00 34.52 ? 83  SER A N   1 
ATOM   31   C  CA  . SER A 1 8   ? -0.398  -13.542 13.617  1.00 33.81 ? 83  SER A CA  1 
ATOM   32   C  C   . SER A 1 8   ? 0.297   -12.262 13.164  1.00 34.02 ? 83  SER A C   1 
ATOM   33   O  O   . SER A 1 8   ? 1.357   -12.307 12.511  1.00 33.42 ? 83  SER A O   1 
ATOM   34   C  CB  . SER A 1 8   ? -1.204  -14.110 12.454  1.00 33.55 ? 83  SER A CB  1 
ATOM   35   O  OG  . SER A 1 8   ? -2.322  -13.301 12.163  1.00 31.50 ? 83  SER A OG  1 
ATOM   36   N  N   . GLN A 1 9   ? -0.339  -11.135 13.475  1.00 34.09 ? 84  GLN A N   1 
ATOM   37   C  CA  . GLN A 1 9   ? 0.255   -9.817  13.282  1.00 34.57 ? 84  GLN A CA  1 
ATOM   38   C  C   . GLN A 1 9   ? 0.798   -9.310  14.613  1.00 34.82 ? 84  GLN A C   1 
ATOM   39   O  O   . GLN A 1 9   ? 0.047   -8.761  15.445  1.00 35.12 ? 84  GLN A O   1 
ATOM   40   C  CB  . GLN A 1 9   ? -0.761  -8.836  12.703  1.00 34.41 ? 84  GLN A CB  1 
ATOM   41   C  CG  . GLN A 1 9   ? -0.106  -7.549  12.182  1.00 35.98 ? 84  GLN A CG  1 
ATOM   42   C  CD  . GLN A 1 9   ? 0.839   -7.827  11.021  1.00 36.72 ? 84  GLN A CD  1 
ATOM   43   O  OE1 . GLN A 1 9   ? 0.466   -8.513  10.073  1.00 37.32 ? 84  GLN A OE1 1 
ATOM   44   N  NE2 . GLN A 1 9   ? 2.066   -7.315  11.100  1.00 37.25 ? 84  GLN A NE2 1 
ATOM   45   N  N   . HIS A 1 10  ? 2.107   -9.494  14.808  1.00 34.95 ? 85  HIS A N   1 
ATOM   46   C  CA  . HIS A 1 10  ? 2.766   -9.191  16.089  1.00 34.66 ? 85  HIS A CA  1 
ATOM   47   C  C   . HIS A 1 10  ? 2.485   -7.786  16.612  1.00 34.34 ? 85  HIS A C   1 
ATOM   48   O  O   . HIS A 1 10  ? 2.262   -7.603  17.813  1.00 35.07 ? 85  HIS A O   1 
ATOM   49   C  CB  . HIS A 1 10  ? 4.291   -9.451  16.009  1.00 34.96 ? 85  HIS A CB  1 
ATOM   50   N  N   . ASN A 1 11  ? 2.456   -6.801  15.708  1.00 32.68 ? 86  ASN A N   1 
ATOM   51   C  CA  . ASN A 1 11  ? 2.379   -5.418  16.139  1.00 30.66 ? 86  ASN A CA  1 
ATOM   52   C  C   . ASN A 1 11  ? 1.088   -4.711  15.740  1.00 28.65 ? 86  ASN A C   1 
ATOM   53   O  O   . ASN A 1 11  ? 1.108   -3.506  15.474  1.00 26.27 ? 86  ASN A O   1 
ATOM   54   C  CB  . ASN A 1 11  ? 3.572   -4.639  15.584  1.00 31.80 ? 86  ASN A CB  1 
ATOM   55   C  CG  . ASN A 1 11  ? 3.522   -4.501  14.066  1.00 33.46 ? 86  ASN A CG  1 
ATOM   56   O  OD1 . ASN A 1 11  ? 2.861   -5.289  13.347  1.00 34.93 ? 86  ASN A OD1 1 
ATOM   57   N  ND2 . ASN A 1 11  ? 4.207   -3.485  13.563  1.00 35.41 ? 86  ASN A ND2 1 
ATOM   58   N  N   . LEU A 1 12  ? -0.021  -5.446  15.716  1.00 26.09 ? 87  LEU A N   1 
ATOM   59   C  CA  . LEU A 1 12  ? -1.321  -4.857  15.353  1.00 24.87 ? 87  LEU A CA  1 
ATOM   60   C  C   . LEU A 1 12  ? -1.728  -3.654  16.214  1.00 23.09 ? 87  LEU A C   1 
ATOM   61   O  O   . LEU A 1 12  ? -2.280  -2.684  15.686  1.00 22.23 ? 87  LEU A O   1 
ATOM   62   C  CB  . LEU A 1 12  ? -2.419  -5.920  15.379  1.00 24.87 ? 87  LEU A CB  1 
ATOM   63   C  CG  . LEU A 1 12  ? -3.777  -5.614  14.754  1.00 26.17 ? 87  LEU A CG  1 
ATOM   64   C  CD1 . LEU A 1 12  ? -3.677  -5.274  13.247  1.00 24.26 ? 87  LEU A CD1 1 
ATOM   65   C  CD2 . LEU A 1 12  ? -4.684  -6.823  14.982  1.00 26.35 ? 87  LEU A CD2 1 
ATOM   66   N  N   . ASP A 1 13  ? -1.466  -3.680  17.519  1.00 21.88 ? 88  ASP A N   1 
ATOM   67   C  CA  . ASP A 1 13  ? -1.792  -2.494  18.334  1.00 21.58 ? 88  ASP A CA  1 
ATOM   68   C  C   . ASP A 1 13  ? -1.080  -1.243  17.806  1.00 20.05 ? 88  ASP A C   1 
ATOM   69   O  O   . ASP A 1 13  ? -1.691  -0.166  17.679  1.00 20.02 ? 88  ASP A O   1 
ATOM   70   C  CB  . ASP A 1 13  ? -1.419  -2.692  19.810  1.00 22.21 ? 88  ASP A CB  1 
ATOM   71   C  CG  . ASP A 1 13  ? -2.278  -3.749  20.508  1.00 26.28 ? 88  ASP A CG  1 
ATOM   72   O  OD1 . ASP A 1 13  ? -3.270  -4.230  19.922  1.00 31.05 ? 88  ASP A OD1 1 
ATOM   73   O  OD2 . ASP A 1 13  ? -1.944  -4.111  21.659  1.00 30.25 ? 88  ASP A OD2 1 
ATOM   74   N  N   . ALA A 1 14  ? 0.200   -1.406  17.470  1.00 18.91 ? 89  ALA A N   1 
ATOM   75   C  CA  . ALA A 1 14  ? 1.015   -0.285  16.987  1.00 18.53 ? 89  ALA A CA  1 
ATOM   76   C  C   . ALA A 1 14  ? 0.501   0.164   15.608  1.00 17.28 ? 89  ALA A C   1 
ATOM   77   O  O   . ALA A 1 14  ? 0.379   1.377   15.317  1.00 17.31 ? 89  ALA A O   1 
ATOM   78   C  CB  . ALA A 1 14  ? 2.488   -0.693  16.910  1.00 19.49 ? 89  ALA A CB  1 
ATOM   79   N  N   . VAL A 1 15  ? 0.206   -0.821  14.771  1.00 16.44 ? 90  VAL A N   1 
ATOM   80   C  CA  . VAL A 1 15  ? -0.374  -0.533  13.443  1.00 15.64 ? 90  VAL A CA  1 
ATOM   81   C  C   . VAL A 1 15  ? -1.693  0.245   13.563  1.00 15.43 ? 90  VAL A C   1 
ATOM   82   O  O   . VAL A 1 15  ? -1.903  1.244   12.867  1.00 14.52 ? 90  VAL A O   1 
ATOM   83   C  CB  . VAL A 1 15  ? -0.603  -1.848  12.636  1.00 15.62 ? 90  VAL A CB  1 
ATOM   84   C  CG1 . VAL A 1 15  ? -1.431  -1.573  11.383  1.00 16.52 ? 90  VAL A CG1 1 
ATOM   85   C  CG2 . VAL A 1 15  ? 0.721   -2.507  12.282  1.00 16.80 ? 90  VAL A CG2 1 
ATOM   86   N  N   . GLU A 1 16  ? -2.588  -0.230  14.434  1.00 14.95 ? 91  GLU A N   1 
ATOM   87   C  CA  . GLU A 1 16  ? -3.875  0.470   14.627  1.00 14.90 ? 91  GLU A CA  1 
ATOM   88   C  C   . GLU A 1 16  ? -3.697  1.930   15.037  1.00 15.09 ? 91  GLU A C   1 
ATOM   89   O  O   . GLU A 1 16  ? -4.394  2.803   14.529  1.00 15.26 ? 91  GLU A O   1 
ATOM   90   C  CB  . GLU A 1 16  ? -4.773  -0.293  15.612  1.00 16.01 ? 91  GLU A CB  1 
ATOM   91   C  CG  . GLU A 1 16  ? -5.276  -1.595  15.019  1.00 18.00 ? 91  GLU A CG  1 
ATOM   92   C  CD  . GLU A 1 16  ? -6.071  -2.447  15.978  1.00 22.63 ? 91  GLU A CD  1 
ATOM   93   O  OE1 . GLU A 1 16  ? -6.119  -2.141  17.189  1.00 25.23 ? 91  GLU A OE1 1 
ATOM   94   O  OE2 . GLU A 1 16  ? -6.635  -3.465  15.517  1.00 24.17 ? 91  GLU A OE2 1 
ATOM   95   N  N   . ALA A 1 17  ? -2.773  2.194   15.950  1.00 14.83 ? 92  ALA A N   1 
ATOM   96   C  CA  . ALA A 1 17  ? -2.484  3.560   16.411  1.00 14.58 ? 92  ALA A CA  1 
ATOM   97   C  C   . ALA A 1 17  ? -1.966  4.443   15.274  1.00 15.37 ? 92  ALA A C   1 
ATOM   98   O  O   . ALA A 1 17  ? -2.403  5.578   15.121  1.00 15.39 ? 92  ALA A O   1 
ATOM   99   C  CB  . ALA A 1 17  ? -1.474  3.525   17.572  1.00 15.30 ? 92  ALA A CB  1 
ATOM   100  N  N   . VAL A 1 18  ? -1.043  3.901   14.465  1.00 15.52 ? 93  VAL A N   1 
ATOM   101  C  CA  . VAL A 1 18  ? -0.500  4.631   13.324  1.00 15.41 ? 93  VAL A CA  1 
ATOM   102  C  C   . VAL A 1 18  ? -1.599  4.933   12.283  1.00 14.96 ? 93  VAL A C   1 
ATOM   103  O  O   . VAL A 1 18  ? -1.679  6.056   11.740  1.00 13.76 ? 93  VAL A O   1 
ATOM   104  C  CB  . VAL A 1 18  ? 0.692   3.848   12.709  1.00 16.58 ? 93  VAL A CB  1 
ATOM   105  C  CG1 . VAL A 1 18  ? 0.934   4.258   11.283  1.00 19.54 ? 93  VAL A CG1 1 
ATOM   106  C  CG2 . VAL A 1 18  ? 1.957   4.014   13.612  1.00 16.85 ? 93  VAL A CG2 1 
ATOM   107  N  N   . LEU A 1 19  ? -2.481  3.967   12.021  1.00 13.98 ? 94  LEU A N   1 
ATOM   108  C  CA  . LEU A 1 19  ? -3.542  4.207   11.017  1.00 13.10 ? 94  LEU A CA  1 
ATOM   109  C  C   . LEU A 1 19  ? -4.584  5.193   11.518  1.00 12.97 ? 94  LEU A C   1 
ATOM   110  O  O   . LEU A 1 19  ? -5.122  6.014   10.759  1.00 12.89 ? 94  LEU A O   1 
ATOM   111  C  CB  . LEU A 1 19  ? -4.236  2.903   10.637  1.00 13.43 ? 94  LEU A CB  1 
ATOM   112  C  CG  . LEU A 1 19  ? -3.351  1.907   9.892   1.00 11.42 ? 94  LEU A CG  1 
ATOM   113  C  CD1 . LEU A 1 19  ? -4.182  0.632   9.735   1.00 13.94 ? 94  LEU A CD1 1 
ATOM   114  C  CD2 . LEU A 1 19  ? -2.896  2.453   8.530   1.00 14.71 ? 94  LEU A CD2 1 
ATOM   115  N  N   . SER A 1 20  ? -4.890  5.110   12.813  1.00 13.21 ? 95  SER A N   1 
ATOM   116  C  CA  . SER A 1 20  ? -5.819  6.080   13.412  1.00 14.33 ? 95  SER A CA  1 
ATOM   117  C  C   . SER A 1 20  ? -5.306  7.515   13.229  1.00 13.51 ? 95  SER A C   1 
ATOM   118  O  O   . SER A 1 20  ? -6.017  8.412   12.748  1.00 14.20 ? 95  SER A O   1 
ATOM   119  C  CB  . SER A 1 20  ? -5.974  5.766   14.882  1.00 14.30 ? 95  SER A CB  1 
ATOM   120  O  OG  . SER A 1 20  ? -6.754  6.755   15.543  1.00 18.10 ? 95  SER A OG  1 
ATOM   121  N  N   . ARG A 1 21  ? -4.045  7.738   13.603  1.00 13.62 ? 96  ARG A N   1 
ATOM   122  C  CA  . ARG A 1 21  ? -3.454  9.075   13.440  1.00 13.16 ? 96  ARG A CA  1 
ATOM   123  C  C   . ARG A 1 21  ? -3.437  9.510   11.971  1.00 13.52 ? 96  ARG A C   1 
ATOM   124  O  O   . ARG A 1 21  ? -3.741  10.660  11.651  1.00 13.53 ? 96  ARG A O   1 
ATOM   125  C  CB  . ARG A 1 21  ? -2.026  9.096   14.005  1.00 13.92 ? 96  ARG A CB  1 
ATOM   126  C  CG  . ARG A 1 21  ? -1.398  10.476  13.851  1.00 15.98 ? 96  ARG A CG  1 
ATOM   127  C  CD  . ARG A 1 21  ? -0.076  10.560  14.603  1.00 19.11 ? 96  ARG A CD  1 
ATOM   128  N  NE  . ARG A 1 21  ? 0.912   9.722   13.930  1.00 25.37 ? 96  ARG A NE  1 
ATOM   129  C  CZ  . ARG A 1 21  ? 2.234   9.899   13.982  1.00 26.62 ? 96  ARG A CZ  1 
ATOM   130  N  NH1 . ARG A 1 21  ? 2.749   10.913  14.677  1.00 28.31 ? 96  ARG A NH1 1 
ATOM   131  N  NH2 . ARG A 1 21  ? 3.040   9.056   13.341  1.00 28.22 ? 96  ARG A NH2 1 
ATOM   132  N  N   . LEU A 1 22  ? -3.052  8.584   11.092  1.00 13.11 ? 97  LEU A N   1 
ATOM   133  C  CA  . LEU A 1 22  ? -2.907  8.897   9.674   1.00 12.57 ? 97  LEU A CA  1 
ATOM   134  C  C   . LEU A 1 22  ? -4.239  9.384   9.108   1.00 12.65 ? 97  LEU A C   1 
ATOM   135  O  O   . LEU A 1 22  ? -4.279  10.384  8.376   1.00 12.97 ? 97  LEU A O   1 
ATOM   136  C  CB  . LEU A 1 22  ? -2.447  7.648   8.945   1.00 13.03 ? 97  LEU A CB  1 
ATOM   137  C  CG  . LEU A 1 22  ? -2.309  7.806   7.444   1.00 11.08 ? 97  LEU A CG  1 
ATOM   138  C  CD1 . LEU A 1 22  ? -1.436  9.013   7.000   1.00 14.28 ? 97  LEU A CD1 1 
ATOM   139  C  CD2 . LEU A 1 22  ? -1.675  6.485   6.975   1.00 14.86 ? 97  LEU A CD2 1 
ATOM   140  N  N   . GLN A 1 23  ? -5.339  8.699   9.453   1.00 12.65 ? 98  GLN A N   1 
ATOM   141  C  CA  . GLN A 1 23  ? -6.650  9.190   8.983   1.00 13.53 ? 98  GLN A CA  1 
ATOM   142  C  C   . GLN A 1 23  ? -7.021  10.543  9.572   1.00 13.42 ? 98  GLN A C   1 
ATOM   143  O  O   . GLN A 1 23  ? -7.603  11.382  8.888   1.00 14.00 ? 98  GLN A O   1 
ATOM   144  C  CB  . GLN A 1 23  ? -7.756  8.185   9.287   1.00 14.17 ? 98  GLN A CB  1 
ATOM   145  C  CG  . GLN A 1 23  ? -9.164  8.710   8.975   1.00 13.32 ? 98  GLN A CG  1 
ATOM   146  C  CD  . GLN A 1 23  ? -10.197 7.593   9.135   1.00 14.27 ? 98  GLN A CD  1 
ATOM   147  O  OE1 . GLN A 1 23  ? -10.308 6.988   10.205  1.00 15.74 ? 98  GLN A OE1 1 
ATOM   148  N  NE2 . GLN A 1 23  ? -10.969 7.348   8.105   1.00 15.43 ? 98  GLN A NE2 1 
ATOM   149  N  N   . LYS A 1 24  ? -6.678  10.770  10.842  1.00 13.16 ? 99  LYS A N   1 
ATOM   150  C  CA  . LYS A 1 24  ? -6.972  12.079  11.469  1.00 12.65 ? 99  LYS A CA  1 
ATOM   151  C  C   . LYS A 1 24  ? -6.098  13.235  10.915  1.00 12.92 ? 99  LYS A C   1 
ATOM   152  O  O   . LYS A 1 24  ? -6.490  14.400  11.073  1.00 14.00 ? 99  LYS A O   1 
ATOM   153  C  CB  . LYS A 1 24  ? -6.818  11.946  12.978  1.00 12.83 ? 99  LYS A CB  1 
ATOM   154  C  CG  . LYS A 1 24  ? -7.916  11.088  13.581  1.00 14.95 ? 99  LYS A CG  1 
ATOM   155  C  CD  . LYS A 1 24  ? -7.688  11.051  15.066  1.00 19.67 ? 99  LYS A CD  1 
ATOM   156  C  CE  . LYS A 1 24  ? -8.359  9.868   15.688  1.00 24.52 ? 99  LYS A CE  1 
ATOM   157  N  NZ  . LYS A 1 24  ? -8.174  10.002  17.170  1.00 28.14 ? 99  LYS A NZ  1 
ATOM   158  N  N   . GLN A 1 25  ? -4.956  12.898  10.290  1.00 11.86 ? 100 GLN A N   1 
ATOM   159  C  CA  . GLN A 1 25  ? -4.041  13.884  9.683   1.00 11.93 ? 100 GLN A CA  1 
ATOM   160  C  C   . GLN A 1 25  ? -4.431  14.212  8.248   1.00 13.08 ? 100 GLN A C   1 
ATOM   161  O  O   . GLN A 1 25  ? -4.211  15.329  7.767   1.00 13.31 ? 100 GLN A O   1 
ATOM   162  C  CB  . GLN A 1 25  ? -2.625  13.320  9.672   1.00 13.78 ? 100 GLN A CB  1 
ATOM   163  C  CG  . GLN A 1 25  ? -1.941  13.317  11.052  1.00 11.69 ? 100 GLN A CG  1 
ATOM   164  C  CD  . GLN A 1 25  ? -0.623  12.616  11.000  1.00 14.77 ? 100 GLN A CD  1 
ATOM   165  O  OE1 . GLN A 1 25  ? -0.461  11.620  10.293  1.00 14.69 ? 100 GLN A OE1 1 
ATOM   166  N  NE2 . GLN A 1 25  ? 0.346   13.133  11.740  1.00 16.39 ? 100 GLN A NE2 1 
ATOM   167  N  N   . THR A 1 26  ? -4.979  13.214  7.545   1.00 12.55 ? 101 THR A N   1 
ATOM   168  C  CA  . THR A 1 26  ? -5.281  13.383  6.120   1.00 12.92 ? 101 THR A CA  1 
ATOM   169  C  C   . THR A 1 26  ? -6.751  13.498  5.780   1.00 13.19 ? 101 THR A C   1 
ATOM   170  O  O   . THR A 1 26  ? -7.109  13.923  4.655   1.00 12.95 ? 101 THR A O   1 
ATOM   171  C  CB  . THR A 1 26  ? -4.740  12.168  5.299   1.00 12.73 ? 101 THR A CB  1 
ATOM   172  O  OG1 . THR A 1 26  ? -5.363  10.967  5.781   1.00 12.72 ? 101 THR A OG1 1 
ATOM   173  C  CG2 . THR A 1 26  ? -3.225  12.035  5.416   1.00 14.18 ? 101 THR A CG2 1 
ATOM   174  N  N   . GLY A 1 27  ? -7.613  13.019  6.676   1.00 11.96 ? 102 GLY A N   1 
ATOM   175  C  CA  . GLY A 1 27  ? -9.052  12.934  6.365   1.00 12.94 ? 102 GLY A CA  1 
ATOM   176  C  C   . GLY A 1 27  ? -9.333  11.878  5.312   1.00 13.61 ? 102 GLY A C   1 
ATOM   177  O  O   . GLY A 1 27  ? -10.278 12.022  4.523   1.00 14.27 ? 102 GLY A O   1 
ATOM   178  N  N   . GLU A 1 28  ? -8.507  10.841  5.279   1.00 13.64 ? 103 GLU A N   1 
ATOM   179  C  CA  . GLU A 1 28  ? -8.692  9.751   4.297   1.00 13.25 ? 103 GLU A CA  1 
ATOM   180  C  C   . GLU A 1 28  ? -8.602  8.372   4.944   1.00 14.45 ? 103 GLU A C   1 
ATOM   181  O  O   . GLU A 1 28  ? -8.032  8.201   6.041   1.00 13.91 ? 103 GLU A O   1 
ATOM   182  C  CB  . GLU A 1 28  ? -7.587  9.831   3.224   1.00 13.44 ? 103 GLU A CB  1 
ATOM   183  C  CG  . GLU A 1 28  ? -7.527  11.172  2.470   1.00 13.64 ? 103 GLU A CG  1 
ATOM   184  C  CD  . GLU A 1 28  ? -8.766  11.499  1.613   1.00 15.69 ? 103 GLU A CD  1 
ATOM   185  O  OE1 . GLU A 1 28  ? -9.637  10.631  1.369   1.00 15.58 ? 103 GLU A OE1 1 
ATOM   186  O  OE2 . GLU A 1 28  ? -8.876  12.676  1.176   1.00 16.83 ? 103 GLU A OE2 1 
HETATM 187  N  N   . MSE A 1 29  ? -9.156  7.390   4.236   1.00 14.82 ? 104 MSE A N   1 
HETATM 188  C  CA  A MSE A 1 29  ? -9.005  5.966   4.548   0.50 18.76 ? 104 MSE A CA  1 
HETATM 189  C  CA  B MSE A 1 29  ? -9.020  5.999   4.626   0.50 15.48 ? 104 MSE A CA  1 
HETATM 190  C  C   . MSE A 1 29  ? -7.542  5.589   4.509   1.00 16.61 ? 104 MSE A C   1 
HETATM 191  O  O   . MSE A 1 29  ? -6.808  6.081   3.635   1.00 15.73 ? 104 MSE A O   1 
HETATM 192  C  CB  A MSE A 1 29  ? -9.648  5.121   3.450   0.50 18.01 ? 104 MSE A CB  1 
HETATM 193  C  CB  B MSE A 1 29  ? -9.932  5.122   3.744   0.50 16.25 ? 104 MSE A CB  1 
HETATM 194  C  CG  A MSE A 1 29  ? -11.101 5.247   3.258   0.50 21.12 ? 104 MSE A CG  1 
HETATM 195  C  CG  B MSE A 1 29  ? -9.825  3.649   4.040   0.50 18.11 ? 104 MSE A CG  1 
HETATM 196  SE SE  A MSE A 1 29  ? -11.573 3.655   2.218   0.50 31.51 ? 104 MSE A SE  1 
HETATM 197  SE SE  B MSE A 1 29  ? -8.390  2.705   3.090   0.50 32.02 ? 104 MSE A SE  1 
HETATM 198  C  CE  A MSE A 1 29  ? -11.573 2.473   3.646   0.50 16.69 ? 104 MSE A CE  1 
HETATM 199  C  CE  B MSE A 1 29  ? -9.500  2.101   1.594   0.50 24.46 ? 104 MSE A CE  1 
ATOM   200  N  N   . ALA A 1 30  ? -7.119  4.703   5.411   1.00 16.42 ? 105 ALA A N   1 
ATOM   201  C  CA  . ALA A 1 30  ? -5.721  4.257   5.440   1.00 15.64 ? 105 ALA A CA  1 
ATOM   202  C  C   . ALA A 1 30  ? -5.710  2.782   5.780   1.00 15.61 ? 105 ALA A C   1 
ATOM   203  O  O   . ALA A 1 30  ? -6.590  2.294   6.505   1.00 15.74 ? 105 ALA A O   1 
ATOM   204  C  CB  . ALA A 1 30  ? -4.930  5.041   6.487   1.00 17.85 ? 105 ALA A CB  1 
ATOM   205  N  N   . ALA A 1 31  ? -4.727  2.068   5.250   1.00 13.98 ? 106 ALA A N   1 
ATOM   206  C  CA  . ALA A 1 31  ? -4.654  0.629   5.507   1.00 14.34 ? 106 ALA A CA  1 
ATOM   207  C  C   . ALA A 1 31  ? -3.217  0.159   5.679   1.00 14.57 ? 106 ALA A C   1 
ATOM   208  O  O   . ALA A 1 31  ? -2.279  0.813   5.216   1.00 14.48 ? 106 ALA A O   1 
ATOM   209  C  CB  . ALA A 1 31  ? -5.282  -0.133  4.371   1.00 14.92 ? 106 ALA A CB  1 
ATOM   210  N  N   . TYR A 1 32  ? -3.079  -0.986  6.357   1.00 14.20 ? 107 TYR A N   1 
ATOM   211  C  CA  . TYR A 1 32  ? -1.821  -1.714  6.449   1.00 14.31 ? 107 TYR A CA  1 
ATOM   212  C  C   . TYR A 1 32  ? -1.991  -3.004  5.682   1.00 15.22 ? 107 TYR A C   1 
ATOM   213  O  O   . TYR A 1 32  ? -2.905  -3.797  5.965   1.00 13.99 ? 107 TYR A O   1 
ATOM   214  C  CB  . TYR A 1 32  ? -1.540  -2.038  7.906   1.00 15.29 ? 107 TYR A CB  1 
ATOM   215  C  CG  . TYR A 1 32  ? -0.282  -2.817  8.141   1.00 16.30 ? 107 TYR A CG  1 
ATOM   216  C  CD1 . TYR A 1 32  ? 0.951   -2.289  7.793   1.00 19.24 ? 107 TYR A CD1 1 
ATOM   217  C  CD2 . TYR A 1 32  ? -0.338  -4.078  8.714   1.00 18.70 ? 107 TYR A CD2 1 
ATOM   218  C  CE1 . TYR A 1 32  ? 2.134   -3.025  8.043   1.00 20.94 ? 107 TYR A CE1 1 
ATOM   219  C  CE2 . TYR A 1 32  ? 0.818   -4.811  8.964   1.00 21.95 ? 107 TYR A CE2 1 
ATOM   220  C  CZ  . TYR A 1 32  ? 2.034   -4.284  8.604   1.00 20.79 ? 107 TYR A CZ  1 
ATOM   221  O  OH  . TYR A 1 32  ? 3.176   -5.012  8.877   1.00 23.27 ? 107 TYR A OH  1 
HETATM 222  N  N   . MSE A 1 33  ? -1.114  -3.154  4.713   1.00 15.38 ? 108 MSE A N   1 
HETATM 223  C  CA  . MSE A 1 33  ? -1.125  -4.283  3.773   1.00 16.13 ? 108 MSE A CA  1 
HETATM 224  C  C   . MSE A 1 33  ? 0.093   -5.155  3.994   1.00 15.63 ? 108 MSE A C   1 
HETATM 225  O  O   . MSE A 1 33  ? 1.166   -4.647  4.334   1.00 14.98 ? 108 MSE A O   1 
HETATM 226  C  CB  . MSE A 1 33  ? -1.060  -3.737  2.344   1.00 17.95 ? 108 MSE A CB  1 
HETATM 227  C  CG  . MSE A 1 33  ? -1.864  -2.444  2.115   1.00 21.41 ? 108 MSE A CG  1 
HETATM 228  SE SE  . MSE A 1 33  ? -3.734  -3.032  1.963   1.00 34.90 ? 108 MSE A SE  1 
HETATM 229  C  CE  . MSE A 1 33  ? -3.403  -3.726  0.249   1.00 26.08 ? 108 MSE A CE  1 
ATOM   230  N  N   . VAL A 1 34  ? -0.044  -6.462  3.770   1.00 14.25 ? 109 VAL A N   1 
ATOM   231  C  CA  A VAL A 1 34  ? 1.137   -7.329  3.826   0.50 13.89 ? 109 VAL A CA  1 
ATOM   232  C  CA  B VAL A 1 34  ? 1.071   -7.394  3.913   0.50 14.60 ? 109 VAL A CA  1 
ATOM   233  C  C   . VAL A 1 34  ? 1.137   -8.247  2.628   1.00 14.20 ? 109 VAL A C   1 
ATOM   234  O  O   . VAL A 1 34  ? 0.074   -8.607  2.097   1.00 15.45 ? 109 VAL A O   1 
ATOM   235  C  CB  A VAL A 1 34  ? 1.291   -8.156  5.123   0.50 13.91 ? 109 VAL A CB  1 
ATOM   236  C  CB  B VAL A 1 34  ? 0.837   -8.262  5.168   0.50 15.07 ? 109 VAL A CB  1 
ATOM   237  C  CG1 A VAL A 1 34  ? 1.432   -7.239  6.339   0.50 14.21 ? 109 VAL A CG1 1 
ATOM   238  C  CG1 B VAL A 1 34  ? 1.897   -9.284  5.333   0.50 16.27 ? 109 VAL A CG1 1 
ATOM   239  C  CG2 A VAL A 1 34  ? 0.164   -9.168  5.269   0.50 12.11 ? 109 VAL A CG2 1 
ATOM   240  C  CG2 B VAL A 1 34  ? 0.774   -7.368  6.422   0.50 15.32 ? 109 VAL A CG2 1 
ATOM   241  N  N   . PRO A 1 35  ? 2.343   -8.591  2.151   1.00 13.81 ? 110 PRO A N   1 
ATOM   242  C  CA  . PRO A 1 35  ? 2.407   -9.486  0.992   1.00 13.68 ? 110 PRO A CA  1 
ATOM   243  C  C   . PRO A 1 35  ? 2.213   -10.935 1.417   1.00 13.92 ? 110 PRO A C   1 
ATOM   244  O  O   . PRO A 1 35  ? 2.808   -11.362 2.416   1.00 16.11 ? 110 PRO A O   1 
ATOM   245  C  CB  . PRO A 1 35  ? 3.810   -9.229  0.440   1.00 14.54 ? 110 PRO A CB  1 
ATOM   246  C  CG  . PRO A 1 35  ? 4.639   -8.767  1.612   1.00 14.82 ? 110 PRO A CG  1 
ATOM   247  C  CD  . PRO A 1 35  ? 3.687   -8.149  2.615   1.00 14.35 ? 110 PRO A CD  1 
ATOM   248  N  N   . VAL A 1 36  ? 1.366   -11.669 0.695   1.00 12.37 ? 111 VAL A N   1 
ATOM   249  C  CA  . VAL A 1 36  ? 1.135   -13.081 1.003   1.00 13.91 ? 111 VAL A CA  1 
ATOM   250  C  C   . VAL A 1 36  ? 1.087   -13.783 -0.341  1.00 13.18 ? 111 VAL A C   1 
ATOM   251  O  O   . VAL A 1 36  ? 0.089   -13.701 -1.075  1.00 14.10 ? 111 VAL A O   1 
ATOM   252  C  CB  . VAL A 1 36  ? -0.203  -13.301 1.761   1.00 14.11 ? 111 VAL A CB  1 
ATOM   253  C  CG1 . VAL A 1 36  ? -0.383  -14.779 2.115   1.00 15.88 ? 111 VAL A CG1 1 
ATOM   254  C  CG2 . VAL A 1 36  ? -0.243  -12.420 3.040   1.00 16.44 ? 111 VAL A CG2 1 
ATOM   255  N  N   . GLY A 1 37  ? 2.188   -14.439 -0.666  1.00 12.89 ? 112 GLY A N   1 
ATOM   256  C  CA  . GLY A 1 37  ? 2.265   -15.171 -1.928  1.00 12.59 ? 112 GLY A CA  1 
ATOM   257  C  C   . GLY A 1 37  ? 2.122   -14.221 -3.097  1.00 13.20 ? 112 GLY A C   1 
ATOM   258  O  O   . GLY A 1 37  ? 2.945   -13.280 -3.275  1.00 13.34 ? 112 GLY A O   1 
ATOM   259  N  N   . TYR A 1 38  ? 1.083   -14.459 -3.906  1.00 11.98 ? 113 TYR A N   1 
ATOM   260  C  CA  . TYR A 1 38  ? 0.858   -13.641 -5.088  1.00 12.29 ? 113 TYR A CA  1 
ATOM   261  C  C   . TYR A 1 38  ? -0.027  -12.418 -4.807  1.00 12.96 ? 113 TYR A C   1 
ATOM   262  O  O   . TYR A 1 38  ? -0.410  -11.708 -5.761  1.00 13.57 ? 113 TYR A O   1 
ATOM   263  C  CB  . TYR A 1 38  ? 0.184   -14.484 -6.169  1.00 12.34 ? 113 TYR A CB  1 
ATOM   264  C  CG  . TYR A 1 38  ? 1.029   -15.568 -6.760  1.00 10.70 ? 113 TYR A CG  1 
ATOM   265  C  CD1 . TYR A 1 38  ? 2.368   -15.349 -7.114  1.00 10.34 ? 113 TYR A CD1 1 
ATOM   266  C  CD2 . TYR A 1 38  ? 0.483   -16.826 -7.041  1.00 11.12 ? 113 TYR A CD2 1 
ATOM   267  C  CE1 . TYR A 1 38  ? 3.133   -16.348 -7.712  1.00 11.69 ? 113 TYR A CE1 1 
ATOM   268  C  CE2 . TYR A 1 38  ? 1.219   -17.820 -7.627  1.00 10.38 ? 113 TYR A CE2 1 
ATOM   269  C  CZ  . TYR A 1 38  ? 2.552   -17.598 -7.982  1.00 10.66 ? 113 TYR A CZ  1 
ATOM   270  O  OH  . TYR A 1 38  ? 3.235   -18.631 -8.584  1.00 10.36 ? 113 TYR A OH  1 
ATOM   271  N  N   . ARG A 1 39  ? -0.407  -12.207 -3.532  1.00 13.28 ? 114 ARG A N   1 
ATOM   272  C  CA  . ARG A 1 39  ? -1.476  -11.224 -3.212  1.00 13.68 ? 114 ARG A CA  1 
ATOM   273  C  C   . ARG A 1 39  ? -1.090  -10.279 -2.100  1.00 15.06 ? 114 ARG A C   1 
ATOM   274  O  O   . ARG A 1 39  ? -0.156  -10.542 -1.356  1.00 15.06 ? 114 ARG A O   1 
ATOM   275  C  CB  . ARG A 1 39  ? -2.811  -11.926 -2.873  1.00 14.34 ? 114 ARG A CB  1 
ATOM   276  C  CG  . ARG A 1 39  ? -3.190  -12.970 -3.942  1.00 14.98 ? 114 ARG A CG  1 
ATOM   277  C  CD  . ARG A 1 39  ? -4.495  -13.640 -3.627  1.00 16.14 ? 114 ARG A CD  1 
ATOM   278  N  NE  . ARG A 1 39  ? -5.637  -12.749 -3.760  1.00 16.21 ? 114 ARG A NE  1 
ATOM   279  C  CZ  . ARG A 1 39  ? -6.295  -12.508 -4.897  1.00 18.62 ? 114 ARG A CZ  1 
ATOM   280  N  NH1 . ARG A 1 39  ? -5.909  -13.061 -6.056  1.00 17.31 ? 114 ARG A NH1 1 
ATOM   281  N  NH2 . ARG A 1 39  ? -7.341  -11.665 -4.878  1.00 19.59 ? 114 ARG A NH2 1 
ATOM   282  N  N   . ALA A 1 40  ? -1.793  -9.148  -2.060  1.00 15.36 ? 115 ALA A N   1 
ATOM   283  C  CA  . ALA A 1 40  ? -1.610  -8.112  -1.035  1.00 16.92 ? 115 ALA A CA  1 
ATOM   284  C  C   . ALA A 1 40  ? -2.818  -8.243  -0.116  1.00 16.36 ? 115 ALA A C   1 
ATOM   285  O  O   . ALA A 1 40  ? -3.954  -8.047  -0.544  1.00 16.94 ? 115 ALA A O   1 
ATOM   286  C  CB  . ALA A 1 40  ? -1.568  -6.738  -1.682  1.00 18.78 ? 115 ALA A CB  1 
ATOM   287  N  N   . LEU A 1 41  ? -2.568  -8.597  1.137   1.00 16.11 ? 116 LEU A N   1 
ATOM   288  C  CA  . LEU A 1 41  ? -3.648  -8.758  2.100   1.00 15.81 ? 116 LEU A CA  1 
ATOM   289  C  C   . LEU A 1 41  ? -3.868  -7.459  2.896   1.00 16.27 ? 116 LEU A C   1 
ATOM   290  O  O   . LEU A 1 41  ? -2.922  -6.891  3.430   1.00 16.14 ? 116 LEU A O   1 
ATOM   291  C  CB  . LEU A 1 41  ? -3.315  -9.903  3.060   1.00 16.67 ? 116 LEU A CB  1 
ATOM   292  C  CG  . LEU A 1 41  ? -4.286  -10.070 4.222   1.00 17.64 ? 116 LEU A CG  1 
ATOM   293  C  CD1 . LEU A 1 41  ? -5.649  -10.585 3.738   1.00 19.97 ? 116 LEU A CD1 1 
ATOM   294  C  CD2 . LEU A 1 41  ? -3.709  -11.021 5.259   1.00 20.68 ? 116 LEU A CD2 1 
ATOM   295  N  N   . CYS A 1 42  ? -5.112  -7.015  2.991   1.00 16.07 ? 117 CYS A N   1 
ATOM   296  C  CA  . CYS A 1 42  ? -5.397  -5.860  3.836   1.00 15.64 ? 117 CYS A CA  1 
ATOM   297  C  C   . CYS A 1 42  ? -5.590  -6.335  5.281   1.00 16.67 ? 117 CYS A C   1 
ATOM   298  O  O   . CYS A 1 42  ? -6.606  -6.957  5.607   1.00 17.50 ? 117 CYS A O   1 
ATOM   299  C  CB  . CYS A 1 42  ? -6.619  -5.137  3.318   1.00 17.34 ? 117 CYS A CB  1 
ATOM   300  S  SG  . CYS A 1 42  ? -6.981  -3.680  4.316   1.00 20.45 ? 117 CYS A SG  1 
ATOM   301  N  N   . VAL A 1 43  ? -4.604  -6.079  6.132   1.00 15.48 ? 118 VAL A N   1 
ATOM   302  C  CA  . VAL A 1 43  ? -4.626  -6.604  7.494   1.00 16.19 ? 118 VAL A CA  1 
ATOM   303  C  C   . VAL A 1 43  ? -5.396  -5.700  8.462   1.00 16.17 ? 118 VAL A C   1 
ATOM   304  O  O   . VAL A 1 43  ? -6.093  -6.174  9.380   1.00 16.90 ? 118 VAL A O   1 
ATOM   305  C  CB  . VAL A 1 43  ? -3.190  -6.837  8.009   1.00 16.07 ? 118 VAL A CB  1 
ATOM   306  C  CG1 . VAL A 1 43  ? -3.162  -7.164  9.496   1.00 17.74 ? 118 VAL A CG1 1 
ATOM   307  C  CG2 . VAL A 1 43  ? -2.545  -7.988  7.216   1.00 17.30 ? 118 VAL A CG2 1 
ATOM   308  N  N   . SER A 1 44  ? -5.289  -4.394  8.246   1.00 16.30 ? 119 SER A N   1 
ATOM   309  C  CA  . SER A 1 44  ? -5.981  -3.445  9.104   1.00 15.58 ? 119 SER A CA  1 
ATOM   310  C  C   . SER A 1 44  ? -6.369  -2.244  8.257   1.00 16.56 ? 119 SER A C   1 
ATOM   311  O  O   . SER A 1 44  ? -5.593  -1.803  7.422   1.00 15.94 ? 119 SER A O   1 
ATOM   312  C  CB  . SER A 1 44  ? -5.087  -3.012  10.259  1.00 15.68 ? 119 SER A CB  1 
ATOM   313  O  OG  . SER A 1 44  ? -5.803  -2.144  11.161  1.00 18.41 ? 119 SER A OG  1 
ATOM   314  N  N   . GLN A 1 45  ? -7.588  -1.744  8.458   1.00 18.30 ? 120 GLN A N   1 
ATOM   315  C  CA  . GLN A 1 45  ? -8.081  -0.646  7.638   1.00 19.08 ? 120 GLN A CA  1 
ATOM   316  C  C   . GLN A 1 45  ? -8.959  0.280   8.453   1.00 20.39 ? 120 GLN A C   1 
ATOM   317  O  O   . GLN A 1 45  ? -9.781  -0.196  9.251   1.00 20.03 ? 120 GLN A O   1 
ATOM   318  C  CB  . GLN A 1 45  ? -8.903  -1.209  6.494   1.00 20.60 ? 120 GLN A CB  1 
ATOM   319  C  CG  . GLN A 1 45  ? -9.392  -0.180  5.482   1.00 25.35 ? 120 GLN A CG  1 
ATOM   320  C  CD  . GLN A 1 45  ? -10.243 -0.833  4.433   1.00 29.99 ? 120 GLN A CD  1 
ATOM   321  O  OE1 . GLN A 1 45  ? -11.288 -1.407  4.750   1.00 34.70 ? 120 GLN A OE1 1 
ATOM   322  N  NE2 . GLN A 1 45  ? -9.792  -0.807  3.196   1.00 33.36 ? 120 GLN A NE2 1 
ATOM   323  N  N   A ARG A 1 46  ? -8.818  1.580   8.227   0.50 20.41 ? 121 ARG A N   1 
ATOM   324  N  N   B ARG A 1 46  ? -8.759  1.585   8.252   0.50 20.18 ? 121 ARG A N   1 
ATOM   325  C  CA  A ARG A 1 46  ? -9.618  2.569   8.956   0.50 21.22 ? 121 ARG A CA  1 
ATOM   326  C  CA  B ARG A 1 46  ? -9.640  2.632   8.792   0.50 20.71 ? 121 ARG A CA  1 
ATOM   327  C  C   A ARG A 1 46  ? -11.073 2.699   8.473   0.50 21.46 ? 121 ARG A C   1 
ATOM   328  C  C   B ARG A 1 46  ? -10.689 3.022   7.798   0.50 20.99 ? 121 ARG A C   1 
ATOM   329  O  O   A ARG A 1 46  ? -11.976 2.978   9.252   0.50 22.91 ? 121 ARG A O   1 
ATOM   330  O  O   B ARG A 1 46  ? -10.333 3.645   6.767   0.50 21.69 ? 121 ARG A O   1 
ATOM   331  C  CB  . ARG A 1 46  ? -8.897  3.929   8.992   1.00 21.77 ? 121 ARG A CB  1 
ATOM   332  C  CG  . ARG A 1 46  ? -7.683  3.911   9.756   1.00 22.45 ? 121 ARG A CG  1 
ATOM   333  C  CD  . ARG A 1 46  ? -7.976  3.679   11.140  1.00 23.71 ? 121 ARG A CD  1 
ATOM   334  N  NE  . ARG A 1 46  ? -8.888  4.687   11.646  1.00 28.45 ? 121 ARG A NE  1 
ATOM   335  C  CZ  . ARG A 1 46  ? -9.277  4.724   12.906  1.00 31.38 ? 121 ARG A CZ  1 
ATOM   336  N  NH1 . ARG A 1 46  ? -8.821  3.809   13.739  1.00 28.97 ? 121 ARG A NH1 1 
ATOM   337  N  NH2 . ARG A 1 46  ? -10.102 5.675   13.336  1.00 32.88 ? 121 ARG A NH2 1 
ATOM   338  N  N   A GLU A 1 47  ? -11.334 2.491   7.201   0.50 21.04 ? 122 GLU A N   1 
ATOM   339  N  N   B GLU A 1 47  ? -11.947 2.730   8.162   0.50 19.05 ? 122 GLU A N   1 
ATOM   340  C  CA  A GLU A 1 47  ? -12.679 2.774   6.773   0.50 21.08 ? 122 GLU A CA  1 
ATOM   341  C  CA  B GLU A 1 47  ? -13.194 2.965   7.409   0.50 20.20 ? 122 GLU A CA  1 
ATOM   342  C  C   A GLU A 1 47  ? -12.982 4.256   6.651   0.50 19.99 ? 122 GLU A C   1 
ATOM   343  C  C   B GLU A 1 47  ? -13.296 4.379   6.844   0.50 19.16 ? 122 GLU A C   1 
ATOM   344  O  O   A GLU A 1 47  ? -12.704 5.104   7.519   0.50 18.99 ? 122 GLU A O   1 
ATOM   345  O  O   B GLU A 1 47  ? -13.055 5.351   7.587   0.50 17.03 ? 122 GLU A O   1 
ATOM   346  C  CB  A GLU A 1 47  ? -13.733 2.076   7.659   0.50 20.81 ? 122 GLU A CB  1 
ATOM   347  C  CB  B GLU A 1 47  ? -14.404 2.674   8.334   0.50 20.90 ? 122 GLU A CB  1 
ATOM   348  C  CG  A GLU A 1 47  ? -14.354 2.917   8.814   0.50 24.54 ? 122 GLU A CG  1 
ATOM   349  C  CG  B GLU A 1 47  ? -15.795 3.191   7.852   0.50 22.18 ? 122 GLU A CG  1 
ATOM   350  C  CD  A GLU A 1 47  ? -15.828 2.585   9.055   0.50 27.97 ? 122 GLU A CD  1 
ATOM   351  C  CD  B GLU A 1 47  ? -16.984 2.848   8.770   0.50 22.15 ? 122 GLU A CD  1 
ATOM   352  O  OE1 A GLU A 1 47  ? -16.459 3.201   9.952   0.50 30.78 ? 122 GLU A OE1 1 
ATOM   353  O  OE1 B GLU A 1 47  ? -16.850 2.808   10.019  0.50 24.94 ? 122 GLU A OE1 1 
ATOM   354  O  OE2 A GLU A 1 47  ? -16.371 1.699   8.346   0.50 30.45 ? 122 GLU A OE2 1 
ATOM   355  O  OE2 B GLU A 1 47  ? -18.082 2.627   8.218   0.50 25.50 ? 122 GLU A OE2 1 
ATOM   356  N  N   . SER A 1 48  ? -13.655 4.499   5.551   1.00 19.52 ? 123 SER A N   1 
ATOM   357  C  CA  . SER A 1 48  ? -13.960 5.822   5.003   1.00 18.54 ? 123 SER A CA  1 
ATOM   358  C  C   . SER A 1 48  ? -15.070 6.447   5.812   1.00 18.55 ? 123 SER A C   1 
ATOM   359  O  O   . SER A 1 48  ? -16.102 5.809   6.102   1.00 18.19 ? 123 SER A O   1 
ATOM   360  C  CB  . SER A 1 48  ? -14.427 5.668   3.546   1.00 17.95 ? 123 SER A CB  1 
ATOM   361  O  OG  . SER A 1 48  ? -14.923 6.905   3.028   1.00 16.75 ? 123 SER A OG  1 
HETATM 362  N  N   . MSE A 1 49  ? -14.866 7.720   6.144   1.00 18.23 ? 124 MSE A N   1 
HETATM 363  C  CA  . MSE A 1 49  ? -15.892 8.525   6.805   1.00 19.71 ? 124 MSE A CA  1 
HETATM 364  C  C   . MSE A 1 49  ? -16.622 9.323   5.749   1.00 18.66 ? 124 MSE A C   1 
HETATM 365  O  O   . MSE A 1 49  ? -17.499 10.162  6.018   1.00 20.33 ? 124 MSE A O   1 
HETATM 366  C  CB  . MSE A 1 49  ? -15.253 9.470   7.801   1.00 19.97 ? 124 MSE A CB  1 
HETATM 367  C  CG  . MSE A 1 49  ? -14.683 8.770   8.999   1.00 24.83 ? 124 MSE A CG  1 
HETATM 368  SE SE  . MSE A 1 49  ? -16.090 7.991   10.052  1.00 44.96 ? 124 MSE A SE  1 
HETATM 369  C  CE  . MSE A 1 49  ? -15.628 6.217   9.838   1.00 28.12 ? 124 MSE A CE  1 
ATOM   370  N  N   . GLN A 1 50  ? -16.252 9.077   4.518   1.00 18.51 ? 125 GLN A N   1 
ATOM   371  C  CA  . GLN A 1 50  ? -16.992 9.654   3.486   1.00 18.06 ? 125 GLN A CA  1 
ATOM   372  C  C   . GLN A 1 50  ? -17.857 8.466   3.082   1.00 20.64 ? 125 GLN A C   1 
ATOM   373  O  O   . GLN A 1 50  ? -18.439 7.796   3.978   1.00 22.31 ? 125 GLN A O   1 
ATOM   374  C  CB  . GLN A 1 50  ? -16.048 10.366  2.482   1.00 17.90 ? 125 GLN A CB  1 
ATOM   375  C  CG  . GLN A 1 50  ? -15.271 11.596  3.122   1.00 14.86 ? 125 GLN A CG  1 
ATOM   376  C  CD  . GLN A 1 50  ? -13.859 11.273  3.696   1.00 13.29 ? 125 GLN A CD  1 
ATOM   377  O  OE1 . GLN A 1 50  ? -13.517 10.106  3.990   1.00 14.33 ? 125 GLN A OE1 1 
ATOM   378  N  NE2 . GLN A 1 50  ? -13.052 12.308  3.887   1.00 12.79 ? 125 GLN A NE2 1 
ATOM   379  N  N   . ALA A 1 51  ? -17.958 8.201   1.800   1.00 16.65 ? 126 ALA A N   1 
ATOM   380  C  CA  . ALA A 1 51  ? -18.810 7.141   1.293   1.00 15.70 ? 126 ALA A CA  1 
ATOM   381  C  C   . ALA A 1 51  ? -17.980 6.389   0.269   1.00 14.78 ? 126 ALA A C   1 
ATOM   382  O  O   . ALA A 1 51  ? -18.496 5.892   -0.724  1.00 14.87 ? 126 ALA A O   1 
ATOM   383  C  CB  . ALA A 1 51  ? -20.047 7.752   0.659   1.00 15.00 ? 126 ALA A CB  1 
ATOM   384  N  N   . LEU A 1 52  ? -16.680 6.296   0.509   1.00 14.92 ? 127 LEU A N   1 
ATOM   385  C  CA  . LEU A 1 52  ? -15.815 5.655   -0.487  1.00 15.47 ? 127 LEU A CA  1 
ATOM   386  C  C   . LEU A 1 52  ? -15.913 4.153   -0.435  1.00 17.64 ? 127 LEU A C   1 
ATOM   387  O  O   . LEU A 1 52  ? -15.679 3.549   0.615   1.00 19.47 ? 127 LEU A O   1 
ATOM   388  C  CB  . LEU A 1 52  ? -14.366 6.115   -0.352  1.00 16.03 ? 127 LEU A CB  1 
ATOM   389  C  CG  . LEU A 1 52  ? -13.395 5.662   -1.462  1.00 15.67 ? 127 LEU A CG  1 
ATOM   390  C  CD1 . LEU A 1 52  ? -13.718 6.451   -2.742  1.00 18.44 ? 127 LEU A CD1 1 
ATOM   391  N  N   A ARG A 1 53  ? -16.193 3.525   -1.583  0.50 17.95 ? 128 ARG A N   1 
ATOM   392  N  N   B ARG A 1 53  ? -16.300 3.568   -1.554  0.50 18.30 ? 128 ARG A N   1 
ATOM   393  C  CA  A ARG A 1 53  ? -16.316 2.052   -1.653  0.50 19.20 ? 128 ARG A CA  1 
ATOM   394  C  CA  B ARG A 1 53  ? -16.312 2.133   -1.661  0.50 19.93 ? 128 ARG A CA  1 
ATOM   395  C  C   A ARG A 1 53  ? -15.352 1.358   -2.597  0.50 19.49 ? 128 ARG A C   1 
ATOM   396  C  C   B ARG A 1 53  ? -15.227 1.843   -2.685  0.50 20.61 ? 128 ARG A C   1 
ATOM   397  O  O   A ARG A 1 53  ? -15.750 0.783   -3.616  0.50 18.94 ? 128 ARG A O   1 
ATOM   398  O  O   B ARG A 1 53  ? -15.318 2.267   -3.832  0.50 22.07 ? 128 ARG A O   1 
ATOM   399  C  CB  . ARG A 1 53  ? -17.732 1.635   -2.042  1.00 20.02 ? 128 ARG A CB  1 
ATOM   400  C  CG  . ARG A 1 53  ? -18.774 2.067   -1.007  1.00 22.46 ? 128 ARG A CG  1 
ATOM   401  C  CD  . ARG A 1 53  ? -19.892 1.082   -0.801  1.00 28.52 ? 128 ARG A CD  1 
ATOM   402  N  NE  . ARG A 1 53  ? -20.798 1.538   0.257   1.00 32.79 ? 128 ARG A NE  1 
ATOM   403  C  CZ  . ARG A 1 53  ? -21.970 0.975   0.567   1.00 33.70 ? 128 ARG A CZ  1 
ATOM   404  N  NH1 . ARG A 1 53  ? -22.421 -0.087  -0.086  1.00 34.40 ? 128 ARG A NH1 1 
ATOM   405  N  NH2 . ARG A 1 53  ? -22.693 1.485   1.552   1.00 36.12 ? 128 ARG A NH2 1 
ATOM   406  N  N   A CYS A 1 54  ? -14.086 1.365   -2.240  0.50 20.04 ? 129 CYS A N   1 
ATOM   407  N  N   B CYS A 1 54  ? -14.147 1.220   -2.241  0.50 20.92 ? 129 CYS A N   1 
ATOM   408  C  CA  A CYS A 1 54  ? -13.082 0.822   -3.137  0.50 21.08 ? 129 CYS A CA  1 
ATOM   409  C  CA  B CYS A 1 54  ? -13.092 0.796   -3.161  0.50 21.40 ? 129 CYS A CA  1 
ATOM   410  C  C   A CYS A 1 54  ? -12.777 -0.674  -2.931  0.50 21.01 ? 129 CYS A C   1 
ATOM   411  C  C   B CYS A 1 54  ? -12.781 -0.680  -2.940  0.50 21.19 ? 129 CYS A C   1 
ATOM   412  O  O   . CYS A 1 54  ? -13.423 -1.348  -2.114  1.00 20.78 ? 129 CYS A O   1 
ATOM   413  C  CB  . CYS A 1 54  ? -11.837 1.692   -3.070  1.00 21.69 ? 129 CYS A CB  1 
ATOM   414  S  SG  . CYS A 1 54  ? -10.805 1.436   -1.607  1.00 25.86 ? 129 CYS A SG  1 
ATOM   415  N  N   . SER A 1 55  ? -11.829 -1.197  -3.707  1.00 20.06 ? 130 SER A N   1 
ATOM   416  C  CA  . SER A 1 55  ? -11.591 -2.629  -3.752  1.00 20.58 ? 130 SER A CA  1 
ATOM   417  C  C   . SER A 1 55  ? -10.865 -3.193  -2.535  1.00 20.99 ? 130 SER A C   1 
ATOM   418  O  O   . SER A 1 55  ? -10.851 -4.406  -2.356  1.00 22.59 ? 130 SER A O   1 
ATOM   419  C  CB  . SER A 1 55  ? -10.866 -3.030  -5.038  1.00 20.97 ? 130 SER A CB  1 
ATOM   420  O  OG  . SER A 1 55  ? -11.715 -2.886  -6.160  1.00 19.98 ? 130 SER A OG  1 
ATOM   421  N  N   . PHE A 1 56  ? -10.284 -2.322  -1.720  1.00 21.18 ? 131 PHE A N   1 
ATOM   422  C  CA  . PHE A 1 56  ? -9.529  -2.730  -0.539  1.00 21.64 ? 131 PHE A CA  1 
ATOM   423  C  C   . PHE A 1 56  ? -10.460 -2.894  0.653   1.00 21.70 ? 131 PHE A C   1 
ATOM   424  O  O   . PHE A 1 56  ? -11.128 -1.948  1.065   1.00 22.46 ? 131 PHE A O   1 
ATOM   425  C  CB  . PHE A 1 56  ? -8.443  -1.698  -0.259  1.00 22.22 ? 131 PHE A CB  1 
ATOM   426  C  CG  . PHE A 1 56  ? -7.390  -1.664  -1.318  1.00 23.10 ? 131 PHE A CG  1 
ATOM   427  C  CD1 . PHE A 1 56  ? -6.418  -2.665  -1.378  1.00 23.81 ? 131 PHE A CD1 1 
ATOM   428  C  CD2 . PHE A 1 56  ? -7.389  -0.668  -2.287  1.00 20.86 ? 131 PHE A CD2 1 
ATOM   429  C  CE1 . PHE A 1 56  ? -5.446  -2.665  -2.363  1.00 24.82 ? 131 PHE A CE1 1 
ATOM   430  C  CE2 . PHE A 1 56  ? -6.419  -0.657  -3.277  1.00 23.27 ? 131 PHE A CE2 1 
ATOM   431  C  CZ  . PHE A 1 56  ? -5.428  -1.663  -3.310  1.00 23.33 ? 131 PHE A CZ  1 
ATOM   432  N  N   . VAL A 1 57  ? -10.481 -4.110  1.193   1.00 20.53 ? 132 VAL A N   1 
ATOM   433  C  CA  . VAL A 1 57  ? -11.392 -4.470  2.284   1.00 19.29 ? 132 VAL A CA  1 
ATOM   434  C  C   . VAL A 1 57  ? -10.575 -5.252  3.318   1.00 18.38 ? 132 VAL A C   1 
ATOM   435  O  O   . VAL A 1 57  ? -9.868  -6.192  2.965   1.00 18.25 ? 132 VAL A O   1 
ATOM   436  C  CB  . VAL A 1 57  ? -12.554 -5.354  1.757   1.00 20.18 ? 132 VAL A CB  1 
ATOM   437  C  CG1 . VAL A 1 57  ? -13.417 -5.912  2.918   1.00 21.38 ? 132 VAL A CG1 1 
ATOM   438  C  CG2 . VAL A 1 57  ? -13.448 -4.545  0.798   1.00 20.92 ? 132 VAL A CG2 1 
ATOM   439  N  N   A GLN A 1 58  ? -10.680 -4.863  4.585   0.50 18.18 ? 133 GLN A N   1 
ATOM   440  N  N   B GLN A 1 58  ? -10.663 -4.854  4.581   0.50 18.73 ? 133 GLN A N   1 
ATOM   441  C  CA  A GLN A 1 58  ? -9.995  -5.587  5.649   0.50 17.16 ? 133 GLN A CA  1 
ATOM   442  C  CA  B GLN A 1 58  ? -9.955  -5.557  5.643   0.50 18.28 ? 133 GLN A CA  1 
ATOM   443  C  C   A GLN A 1 58  ? -10.299 -7.087  5.599   0.50 17.27 ? 133 GLN A C   1 
ATOM   444  C  C   B GLN A 1 58  ? -10.287 -7.060  5.642   0.50 17.90 ? 133 GLN A C   1 
ATOM   445  O  O   A GLN A 1 58  ? -11.463 -7.496  5.477   0.50 17.22 ? 133 GLN A O   1 
ATOM   446  O  O   B GLN A 1 58  ? -11.466 -7.443  5.601   0.50 17.83 ? 133 GLN A O   1 
ATOM   447  C  CB  A GLN A 1 58  ? -10.375 -5.024  7.020   0.50 17.25 ? 133 GLN A CB  1 
ATOM   448  C  CB  B GLN A 1 58  ? -10.288 -4.916  6.994   0.50 18.90 ? 133 GLN A CB  1 
ATOM   449  C  CG  A GLN A 1 58  ? -9.456  -5.514  8.108   0.50 15.48 ? 133 GLN A CG  1 
ATOM   450  C  CG  B GLN A 1 58  ? -9.337  -5.300  8.102   0.50 20.29 ? 133 GLN A CG  1 
ATOM   451  C  CD  A GLN A 1 58  ? -9.692  -4.822  9.431   0.50 14.45 ? 133 GLN A CD  1 
ATOM   452  C  CD  B GLN A 1 58  ? -9.693  -6.617  8.729   0.50 23.75 ? 133 GLN A CD  1 
ATOM   453  O  OE1 A GLN A 1 58  ? -9.565  -3.600  9.554   0.50 12.88 ? 133 GLN A OE1 1 
ATOM   454  O  OE1 B GLN A 1 58  ? -10.831 -7.091  8.608   0.50 24.70 ? 133 GLN A OE1 1 
ATOM   455  N  NE2 A GLN A 1 58  ? -10.006 -5.609  10.445  0.50 17.32 ? 133 GLN A NE2 1 
ATOM   456  N  NE2 B GLN A 1 58  ? -8.729  -7.233  9.404   0.50 25.06 ? 133 GLN A NE2 1 
ATOM   457  N  N   . GLY A 1 59  ? -9.243  -7.895  5.683   1.00 16.60 ? 134 GLY A N   1 
ATOM   458  C  CA  . GLY A 1 59  ? -9.382  -9.363  5.657   1.00 17.55 ? 134 GLY A CA  1 
ATOM   459  C  C   . GLY A 1 59  ? -9.464  -9.961  4.267   1.00 17.54 ? 134 GLY A C   1 
ATOM   460  O  O   . GLY A 1 59  ? -9.546  -11.193 4.118   1.00 18.62 ? 134 GLY A O   1 
ATOM   461  N  N   . GLN A 1 60  ? -9.463  -9.100  3.257   1.00 17.46 ? 135 GLN A N   1 
ATOM   462  C  CA  . GLN A 1 60  ? -9.449  -9.553  1.858   1.00 18.10 ? 135 GLN A CA  1 
ATOM   463  C  C   . GLN A 1 60  ? -8.146  -9.133  1.167   1.00 17.62 ? 135 GLN A C   1 
ATOM   464  O  O   . GLN A 1 60  ? -7.481  -8.187  1.585   1.00 16.56 ? 135 GLN A O   1 
ATOM   465  C  CB  . GLN A 1 60  ? -10.670 -9.027  1.092   1.00 19.53 ? 135 GLN A CB  1 
ATOM   466  C  CG  . GLN A 1 60  ? -12.038 -9.486  1.676   1.00 23.94 ? 135 GLN A CG  1 
ATOM   467  C  CD  . GLN A 1 60  ? -12.203 -11.009 1.791   1.00 28.42 ? 135 GLN A CD  1 
ATOM   468  O  OE1 . GLN A 1 60  ? -11.902 -11.772 0.849   1.00 30.30 ? 135 GLN A OE1 1 
ATOM   469  N  NE2 . GLN A 1 60  ? -12.713 -11.458 2.940   1.00 30.11 ? 135 GLN A NE2 1 
ATOM   470  N  N   . SER A 1 61  ? -7.806  -9.867  0.104   1.00 17.45 ? 136 SER A N   1 
ATOM   471  C  CA  . SER A 1 61  ? -6.586  -9.611  -0.645  1.00 17.43 ? 136 SER A CA  1 
ATOM   472  C  C   . SER A 1 61  ? -6.850  -9.322  -2.127  1.00 18.74 ? 136 SER A C   1 
ATOM   473  O  O   . SER A 1 61  ? -7.923  -9.639  -2.665  1.00 19.75 ? 136 SER A O   1 
ATOM   474  C  CB  . SER A 1 61  ? -5.634  -10.796 -0.537  1.00 17.58 ? 136 SER A CB  1 
ATOM   475  O  OG  . SER A 1 61  ? -6.242  -11.937 -1.092  1.00 15.42 ? 136 SER A OG  1 
ATOM   476  N  N   . GLN A 1 62  ? -5.872  -8.681  -2.755  1.00 19.19 ? 137 GLN A N   1 
ATOM   477  C  CA  A GLN A 1 62  ? -5.881  -8.303  -4.169  0.50 19.56 ? 137 GLN A CA  1 
ATOM   478  C  CA  B GLN A 1 62  ? -5.937  -8.488  -4.193  0.50 19.79 ? 137 GLN A CA  1 
ATOM   479  C  C   . GLN A 1 62  ? -4.601  -8.836  -4.809  1.00 19.43 ? 137 GLN A C   1 
ATOM   480  O  O   . GLN A 1 62  ? -3.593  -8.924  -4.134  1.00 18.74 ? 137 GLN A O   1 
ATOM   481  C  CB  A GLN A 1 62  ? -5.864  -6.772  -4.294  0.50 20.91 ? 137 GLN A CB  1 
ATOM   482  C  CB  B GLN A 1 62  ? -6.360  -7.069  -4.587  0.50 20.85 ? 137 GLN A CB  1 
ATOM   483  C  CG  A GLN A 1 62  ? -7.192  -6.076  -3.942  0.50 21.56 ? 137 GLN A CG  1 
ATOM   484  C  CG  B GLN A 1 62  ? -7.834  -6.745  -4.324  0.50 23.71 ? 137 GLN A CG  1 
ATOM   485  C  CD  A GLN A 1 62  ? -8.247  -6.240  -5.036  0.50 25.01 ? 137 GLN A CD  1 
ATOM   486  C  CD  B GLN A 1 62  ? -8.090  -6.326  -2.892  0.50 26.18 ? 137 GLN A CD  1 
ATOM   487  O  OE1 A GLN A 1 62  ? -7.995  -5.966  -6.216  0.50 26.76 ? 137 GLN A OE1 1 
ATOM   488  O  OE1 B GLN A 1 62  ? -7.336  -5.534  -2.329  0.50 29.41 ? 137 GLN A OE1 1 
ATOM   489  N  NE2 A GLN A 1 62  ? -9.435  -6.689  -4.644  0.50 25.24 ? 137 GLN A NE2 1 
ATOM   490  N  NE2 B GLN A 1 62  ? -9.155  -6.854  -2.291  0.50 29.22 ? 137 GLN A NE2 1 
ATOM   491  N  N   . PRO A 1 63  ? -4.603  -9.082  -6.125  1.00 19.12 ? 138 PRO A N   1 
ATOM   492  C  CA  . PRO A 1 63  ? -3.326  -9.483  -6.722  1.00 19.14 ? 138 PRO A CA  1 
ATOM   493  C  C   . PRO A 1 63  ? -2.222  -8.443  -6.501  1.00 19.35 ? 138 PRO A C   1 
ATOM   494  O  O   . PRO A 1 63  ? -2.469  -7.227  -6.548  1.00 19.16 ? 138 PRO A O   1 
ATOM   495  C  CB  . PRO A 1 63  ? -3.665  -9.593  -8.224  1.00 19.93 ? 138 PRO A CB  1 
ATOM   496  C  CG  . PRO A 1 63  ? -5.145  -9.809  -8.264  1.00 21.40 ? 138 PRO A CG  1 
ATOM   497  C  CD  . PRO A 1 63  ? -5.691  -9.017  -7.118  1.00 19.99 ? 138 PRO A CD  1 
ATOM   498  N  N   . LEU A 1 64  ? -1.008  -8.933  -6.265  1.00 19.41 ? 139 LEU A N   1 
ATOM   499  C  CA  . LEU A 1 64  ? 0.162   -8.106  -6.050  1.00 21.49 ? 139 LEU A CA  1 
ATOM   500  C  C   . LEU A 1 64  ? 0.713   -7.714  -7.412  1.00 21.18 ? 139 LEU A C   1 
ATOM   501  O  O   . LEU A 1 64  ? 1.620   -8.370  -7.972  1.00 21.84 ? 139 LEU A O   1 
ATOM   502  C  CB  . LEU A 1 64  ? 1.173   -8.910  -5.218  1.00 22.42 ? 139 LEU A CB  1 
ATOM   503  C  CG  . LEU A 1 64  ? 2.108   -8.296  -4.191  1.00 25.13 ? 139 LEU A CG  1 
ATOM   504  C  CD1 . LEU A 1 64  ? 1.532   -7.194  -3.425  1.00 27.72 ? 139 LEU A CD1 1 
ATOM   505  C  CD2 . LEU A 1 64  ? 2.700   -9.425  -3.282  1.00 24.39 ? 139 LEU A CD2 1 
ATOM   506  N  N   . LEU A 1 65  ? 0.129   -6.647  -7.976  1.00 20.73 ? 140 LEU A N   1 
ATOM   507  C  CA  . LEU A 1 65  ? 0.404   -6.297  -9.372  1.00 21.68 ? 140 LEU A CA  1 
ATOM   508  C  C   . LEU A 1 65  ? 0.093   -4.838  -9.656  1.00 22.44 ? 140 LEU A C   1 
ATOM   509  O  O   . LEU A 1 65  ? 0.961   -4.121  -10.158 1.00 23.65 ? 140 LEU A O   1 
ATOM   510  C  CB  . LEU A 1 65  ? -0.393  -7.197  -10.327 1.00 21.70 ? 140 LEU A CB  1 
ATOM   511  C  CG  . LEU A 1 65  ? -0.379  -6.920  -11.846 1.00 22.19 ? 140 LEU A CG  1 
ATOM   512  C  CD1 . LEU A 1 65  ? 1.028   -7.208  -12.353 1.00 23.93 ? 140 LEU A CD1 1 
ATOM   513  C  CD2 . LEU A 1 65  ? -1.393  -7.776  -12.577 1.00 23.46 ? 140 LEU A CD2 1 
ATOM   514  N  N   . ARG A 1 66  ? -1.137  -4.418  -9.361  1.00 20.51 ? 141 ARG A N   1 
ATOM   515  C  CA  . ARG A 1 66  ? -1.582  -3.051  -9.617  1.00 20.10 ? 141 ARG A CA  1 
ATOM   516  C  C   . ARG A 1 66  ? -1.638  -2.227  -8.331  1.00 19.47 ? 141 ARG A C   1 
ATOM   517  O  O   . ARG A 1 66  ? -1.846  -2.770  -7.247  1.00 19.70 ? 141 ARG A O   1 
ATOM   518  C  CB  . ARG A 1 66  ? -2.962  -3.043  -10.276 1.00 21.31 ? 141 ARG A CB  1 
ATOM   519  C  CG  . ARG A 1 66  ? -3.062  -3.831  -11.595 1.00 24.08 ? 141 ARG A CG  1 
ATOM   520  C  CD  . ARG A 1 66  ? -2.037  -3.384  -12.616 1.00 31.91 ? 141 ARG A CD  1 
ATOM   521  N  NE  . ARG A 1 66  ? -2.129  -4.173  -13.849 1.00 37.88 ? 141 ARG A NE  1 
ATOM   522  C  CZ  . ARG A 1 66  ? -1.167  -4.267  -14.772 1.00 40.17 ? 141 ARG A CZ  1 
ATOM   523  N  NH1 . ARG A 1 66  ? -0.012  -3.623  -14.623 1.00 40.44 ? 141 ARG A NH1 1 
ATOM   524  N  NH2 . ARG A 1 66  ? -1.363  -5.018  -15.846 1.00 40.89 ? 141 ARG A NH2 1 
ATOM   525  N  N   . GLY A 1 67  ? -1.463  -0.915  -8.484  1.00 17.41 ? 142 GLY A N   1 
ATOM   526  C  CA  . GLY A 1 67  ? -1.665  0.014   -7.368  1.00 17.76 ? 142 GLY A CA  1 
ATOM   527  C  C   . GLY A 1 67  ? -0.391  0.295   -6.595  1.00 17.06 ? 142 GLY A C   1 
ATOM   528  O  O   . GLY A 1 67  ? 0.531   -0.523  -6.571  1.00 16.86 ? 142 GLY A O   1 
ATOM   529  N  N   . ALA A 1 68  ? -0.380  1.447   -5.924  1.00 16.36 ? 143 ALA A N   1 
ATOM   530  C  CA  . ALA A 1 68  ? 0.784   1.886   -5.143  1.00 16.20 ? 143 ALA A CA  1 
ATOM   531  C  C   . ALA A 1 68  ? 1.251   0.869   -4.104  1.00 16.07 ? 143 ALA A C   1 
ATOM   532  O  O   . ALA A 1 68  ? 2.440   0.683   -3.960  1.00 16.80 ? 143 ALA A O   1 
ATOM   533  C  CB  . ALA A 1 68  ? 0.486   3.224   -4.479  1.00 16.49 ? 143 ALA A CB  1 
ATOM   534  N  N   . SER A 1 69  ? 0.324   0.211   -3.402  1.00 17.27 ? 144 SER A N   1 
ATOM   535  C  CA  . SER A 1 69  ? 0.697   -0.727  -2.338  1.00 17.96 ? 144 SER A CA  1 
ATOM   536  C  C   . SER A 1 69  ? 1.460   -1.915  -2.932  1.00 18.19 ? 144 SER A C   1 
ATOM   537  O  O   . SER A 1 69  ? 2.515   -2.310  -2.414  1.00 18.29 ? 144 SER A O   1 
ATOM   538  C  CB  . SER A 1 69  ? -0.560  -1.283  -1.648  1.00 18.87 ? 144 SER A CB  1 
ATOM   539  O  OG  . SER A 1 69  ? -1.331  -0.262  -1.059  1.00 24.48 ? 144 SER A OG  1 
ATOM   540  N  N   . SER A 1 70  ? 0.913   -2.479  -4.010  1.00 17.85 ? 145 SER A N   1 
ATOM   541  C  CA  . SER A 1 70  ? 1.572   -3.609  -4.705  1.00 18.58 ? 145 SER A CA  1 
ATOM   542  C  C   . SER A 1 70  ? 2.950   -3.189  -5.207  1.00 17.62 ? 145 SER A C   1 
ATOM   543  O  O   . SER A 1 70  ? 3.929   -3.926  -5.029  1.00 18.74 ? 145 SER A O   1 
ATOM   544  C  CB  . SER A 1 70  ? 0.756   -4.105  -5.906  1.00 19.01 ? 145 SER A CB  1 
ATOM   545  O  OG  . SER A 1 70  ? -0.453  -4.671  -5.460  1.00 22.56 ? 145 SER A OG  1 
ATOM   546  N  N   A LYS A 1 71  ? 3.044   -2.001  -5.795  0.50 17.18 ? 146 LYS A N   1 
ATOM   547  N  N   B LYS A 1 71  ? 3.030   -2.007  -5.811  0.50 17.39 ? 146 LYS A N   1 
ATOM   548  C  CA  A LYS A 1 71  ? 4.304   -1.566  -6.405  0.50 17.56 ? 146 LYS A CA  1 
ATOM   549  C  CA  B LYS A 1 71  ? 4.291   -1.535  -6.389  0.50 17.97 ? 146 LYS A CA  1 
ATOM   550  C  C   A LYS A 1 71  ? 5.400   -1.254  -5.371  0.50 17.86 ? 146 LYS A C   1 
ATOM   551  C  C   B LYS A 1 71  ? 5.360   -1.394  -5.305  0.50 17.96 ? 146 LYS A C   1 
ATOM   552  O  O   A LYS A 1 71  ? 6.576   -1.479  -5.633  0.50 17.76 ? 146 LYS A O   1 
ATOM   553  O  O   B LYS A 1 71  ? 6.463   -1.899  -5.447  0.50 17.48 ? 146 LYS A O   1 
ATOM   554  C  CB  A LYS A 1 71  ? 4.073   -0.374  -7.329  0.50 17.68 ? 146 LYS A CB  1 
ATOM   555  C  CB  B LYS A 1 71  ? 4.091   -0.208  -7.128  0.50 18.31 ? 146 LYS A CB  1 
ATOM   556  C  CG  A LYS A 1 71  ? 3.312   -0.710  -8.594  0.50 17.88 ? 146 LYS A CG  1 
ATOM   557  C  CG  B LYS A 1 71  ? 3.152   -0.294  -8.312  0.50 20.16 ? 146 LYS A CG  1 
ATOM   558  C  CD  A LYS A 1 71  ? 3.245   0.546   -9.434  0.50 20.07 ? 146 LYS A CD  1 
ATOM   559  C  CD  B LYS A 1 71  ? 3.682   -1.170  -9.414  0.50 22.76 ? 146 LYS A CD  1 
ATOM   560  C  CE  A LYS A 1 71  ? 2.110   0.528   -10.410 0.50 22.99 ? 146 LYS A CE  1 
ATOM   561  C  CE  B LYS A 1 71  ? 2.917   -0.907  -10.702 0.50 24.04 ? 146 LYS A CE  1 
ATOM   562  N  NZ  A LYS A 1 71  ? 1.914   1.914   -10.923 0.50 21.64 ? 146 LYS A NZ  1 
ATOM   563  N  NZ  B LYS A 1 71  ? 1.463   -1.258  -10.606 0.50 26.79 ? 146 LYS A NZ  1 
ATOM   564  N  N   . VAL A 1 72  ? 5.015   -0.725  -4.206  1.00 17.64 ? 147 VAL A N   1 
ATOM   565  C  CA  . VAL A 1 72  ? 5.959   -0.535  -3.094  1.00 19.26 ? 147 VAL A CA  1 
ATOM   566  C  C   . VAL A 1 72  ? 6.502   -1.874  -2.588  1.00 19.62 ? 147 VAL A C   1 
ATOM   567  O  O   . VAL A 1 72  ? 7.720   -2.034  -2.387  1.00 19.24 ? 147 VAL A O   1 
ATOM   568  C  CB  . VAL A 1 72  ? 5.271   0.203   -1.932  1.00 19.36 ? 147 VAL A CB  1 
ATOM   569  C  CG1 . VAL A 1 72  ? 6.024   -0.027  -0.622  1.00 23.59 ? 147 VAL A CG1 1 
ATOM   570  C  CG2 . VAL A 1 72  ? 5.206   1.635   -2.286  1.00 21.79 ? 147 VAL A CG2 1 
HETATM 571  N  N   . MSE A 1 73  ? 5.615   -2.850  -2.435  1.00 19.02 ? 148 MSE A N   1 
HETATM 572  C  CA  . MSE A 1 73  ? 6.022   -4.138  -1.901  1.00 21.01 ? 148 MSE A CA  1 
HETATM 573  C  C   . MSE A 1 73  ? 6.906   -4.860  -2.909  1.00 19.59 ? 148 MSE A C   1 
HETATM 574  O  O   . MSE A 1 73  ? 7.960   -5.401  -2.542  1.00 19.81 ? 148 MSE A O   1 
HETATM 575  C  CB  . MSE A 1 73  ? 4.805   -4.956  -1.466  1.00 20.37 ? 148 MSE A CB  1 
HETATM 576  C  CG  . MSE A 1 73  ? 4.160   -4.290  -0.237  1.00 20.01 ? 148 MSE A CG  1 
HETATM 577  SE SE  . MSE A 1 73  ? 2.704   -5.307  0.537   1.00 33.01 ? 148 MSE A SE  1 
HETATM 578  C  CE  . MSE A 1 73  ? 1.701   -5.599  -0.962  1.00 26.53 ? 148 MSE A CE  1 
ATOM   579  N  N   . LEU A 1 74  ? 6.510   -4.821  -4.184  1.00 17.58 ? 149 LEU A N   1 
ATOM   580  C  CA  . LEU A 1 74  ? 7.341   -5.416  -5.259  1.00 17.94 ? 149 LEU A CA  1 
ATOM   581  C  C   . LEU A 1 74  ? 8.729   -4.754  -5.340  1.00 17.67 ? 149 LEU A C   1 
ATOM   582  O  O   . LEU A 1 74  ? 9.743   -5.446  -5.545  1.00 19.48 ? 149 LEU A O   1 
ATOM   583  C  CB  . LEU A 1 74  ? 6.640   -5.335  -6.609  1.00 18.06 ? 149 LEU A CB  1 
ATOM   584  C  CG  . LEU A 1 74  ? 5.422   -6.257  -6.733  1.00 18.99 ? 149 LEU A CG  1 
ATOM   585  C  CD1 . LEU A 1 74  ? 4.581   -5.794  -7.965  1.00 20.89 ? 149 LEU A CD1 1 
ATOM   586  C  CD2 . LEU A 1 74  ? 5.867   -7.733  -6.861  1.00 21.34 ? 149 LEU A CD2 1 
ATOM   587  N  N   . ALA A 1 75  ? 8.781   -3.434  -5.177  1.00 17.13 ? 150 ALA A N   1 
ATOM   588  C  CA  . ALA A 1 75  ? 10.069  -2.710  -5.259  1.00 17.78 ? 150 ALA A CA  1 
ATOM   589  C  C   . ALA A 1 75  ? 11.026  -3.057  -4.112  1.00 18.19 ? 150 ALA A C   1 
ATOM   590  O  O   . ALA A 1 75  ? 12.256  -3.051  -4.293  1.00 19.04 ? 150 ALA A O   1 
ATOM   591  C  CB  . ALA A 1 75  ? 9.857   -1.205  -5.307  1.00 17.06 ? 150 ALA A CB  1 
ATOM   592  N  N   . TYR A 1 76  ? 10.467  -3.336  -2.936  1.00 18.00 ? 151 TYR A N   1 
ATOM   593  C  CA  . TYR A 1 76  ? 11.283  -3.495  -1.718  1.00 18.30 ? 151 TYR A CA  1 
ATOM   594  C  C   . TYR A 1 76  ? 11.548  -4.927  -1.266  1.00 18.82 ? 151 TYR A C   1 
ATOM   595  O  O   . TYR A 1 76  ? 12.460  -5.155  -0.455  1.00 19.57 ? 151 TYR A O   1 
ATOM   596  C  CB  . TYR A 1 76  ? 10.707  -2.678  -0.551  1.00 17.95 ? 151 TYR A CB  1 
ATOM   597  C  CG  . TYR A 1 76  ? 11.063  -1.216  -0.610  1.00 18.33 ? 151 TYR A CG  1 
ATOM   598  C  CD1 . TYR A 1 76  ? 10.281  -0.312  -1.315  1.00 17.43 ? 151 TYR A CD1 1 
ATOM   599  C  CD2 . TYR A 1 76  ? 12.210  -0.737  0.033   1.00 18.69 ? 151 TYR A CD2 1 
ATOM   600  C  CE1 . TYR A 1 76  ? 10.621  1.062   -1.370  1.00 19.12 ? 151 TYR A CE1 1 
ATOM   601  C  CE2 . TYR A 1 76  ? 12.553  0.609   -0.011  1.00 20.69 ? 151 TYR A CE2 1 
ATOM   602  C  CZ  . TYR A 1 76  ? 11.757  1.502   -0.703  1.00 20.29 ? 151 TYR A CZ  1 
ATOM   603  O  OH  . TYR A 1 76  ? 12.141  2.833   -0.714  1.00 21.81 ? 151 TYR A OH  1 
HETATM 604  N  N   . MSE A 1 77  ? 10.750  -5.879  -1.751  1.00 19.13 ? 152 MSE A N   1 
HETATM 605  C  CA  . MSE A 1 77  ? 11.037  -7.298  -1.507  1.00 20.79 ? 152 MSE A CA  1 
HETATM 606  C  C   . MSE A 1 77  ? 12.279  -7.750  -2.312  1.00 19.97 ? 152 MSE A C   1 
HETATM 607  O  O   . MSE A 1 77  ? 12.746  -7.033  -3.196  1.00 19.16 ? 152 MSE A O   1 
HETATM 608  C  CB  . MSE A 1 77  ? 9.821   -8.162  -1.865  1.00 20.45 ? 152 MSE A CB  1 
HETATM 609  C  CG  . MSE A 1 77  ? 9.525   -8.185  -3.329  1.00 21.39 ? 152 MSE A CG  1 
HETATM 610  SE SE  . MSE A 1 77  ? 8.029   -9.408  -3.700  1.00 27.10 ? 152 MSE A SE  1 
HETATM 611  C  CE  . MSE A 1 77  ? 6.681   -8.626  -2.509  1.00 23.20 ? 152 MSE A CE  1 
ATOM   612  N  N   . PRO A 1 78  ? 12.822  -8.946  -2.006  1.00 20.20 ? 153 PRO A N   1 
ATOM   613  C  CA  . PRO A 1 78  ? 13.937  -9.477  -2.793  1.00 20.21 ? 153 PRO A CA  1 
ATOM   614  C  C   . PRO A 1 78  ? 13.576  -9.607  -4.265  1.00 20.52 ? 153 PRO A C   1 
ATOM   615  O  O   . PRO A 1 78  ? 12.437  -9.974  -4.605  1.00 20.63 ? 153 PRO A O   1 
ATOM   616  C  CB  . PRO A 1 78  ? 14.159  -10.855 -2.173  1.00 20.15 ? 153 PRO A CB  1 
ATOM   617  C  CG  . PRO A 1 78  ? 13.735  -10.656 -0.737  1.00 20.34 ? 153 PRO A CG  1 
ATOM   618  C  CD  . PRO A 1 78  ? 12.459  -9.865  -0.913  1.00 20.60 ? 153 PRO A CD  1 
ATOM   619  N  N   . ALA A 1 79  ? 14.538  -9.293  -5.125  1.00 20.98 ? 154 ALA A N   1 
ATOM   620  C  CA  . ALA A 1 79  ? 14.333  -9.370  -6.572  1.00 20.95 ? 154 ALA A CA  1 
ATOM   621  C  C   . ALA A 1 79  ? 13.737  -10.689 -7.045  1.00 20.91 ? 154 ALA A C   1 
ATOM   622  O  O   . ALA A 1 79  ? 12.813  -10.687 -7.868  1.00 20.67 ? 154 ALA A O   1 
ATOM   623  C  CB  . ALA A 1 79  ? 15.636  -9.099  -7.298  1.00 21.63 ? 154 ALA A CB  1 
ATOM   624  N  N   . ALA A 1 80  ? 14.279  -11.808 -6.556  1.00 19.78 ? 155 ALA A N   1 
ATOM   625  C  CA  . ALA A 1 80  ? 13.846  -13.140 -6.983  1.00 19.90 ? 155 ALA A CA  1 
ATOM   626  C  C   . ALA A 1 80  ? 12.366  -13.359 -6.716  1.00 19.91 ? 155 ALA A C   1 
ATOM   627  O  O   . ALA A 1 80  ? 11.662  -13.953 -7.541  1.00 20.41 ? 155 ALA A O   1 
ATOM   628  C  CB  . ALA A 1 80  ? 14.655  -14.196 -6.287  1.00 20.09 ? 155 ALA A CB  1 
ATOM   629  N  N   A ARG A 1 81  ? 11.921  -12.883 -5.553  0.50 19.52 ? 156 ARG A N   1 
ATOM   630  N  N   B ARG A 1 81  ? 11.879  -12.890 -5.570  0.50 19.85 ? 156 ARG A N   1 
ATOM   631  C  CA  A ARG A 1 81  ? 10.536  -13.002 -5.121  0.50 19.24 ? 156 ARG A CA  1 
ATOM   632  C  CA  B ARG A 1 81  ? 10.469  -13.084 -5.249  0.50 19.89 ? 156 ARG A CA  1 
ATOM   633  C  C   A ARG A 1 81  ? 9.660   -12.172 -6.063  0.50 19.40 ? 156 ARG A C   1 
ATOM   634  C  C   B ARG A 1 81  ? 9.611   -12.162 -6.108  0.50 19.73 ? 156 ARG A C   1 
ATOM   635  O  O   A ARG A 1 81  ? 8.670   -12.662 -6.621  0.50 19.43 ? 156 ARG A O   1 
ATOM   636  O  O   B ARG A 1 81  ? 8.569   -12.569 -6.643  0.50 19.57 ? 156 ARG A O   1 
ATOM   637  C  CB  A ARG A 1 81  ? 10.402  -12.505 -3.682  0.50 18.97 ? 156 ARG A CB  1 
ATOM   638  C  CB  B ARG A 1 81  ? 10.188  -12.839 -3.777  0.50 19.91 ? 156 ARG A CB  1 
ATOM   639  C  CG  A ARG A 1 81  ? 9.050   -12.763 -3.037  0.50 19.44 ? 156 ARG A CG  1 
ATOM   640  C  CG  B ARG A 1 81  ? 8.857   -13.436 -3.323  0.50 21.15 ? 156 ARG A CG  1 
ATOM   641  C  CD  A ARG A 1 81  ? 8.965   -12.137 -1.625  0.50 18.89 ? 156 ARG A CD  1 
ATOM   642  C  CD  B ARG A 1 81  ? 8.428   -12.847 -1.984  0.50 26.42 ? 156 ARG A CD  1 
ATOM   643  N  NE  A ARG A 1 81  ? 7.635   -12.325 -1.038  0.50 19.66 ? 156 ARG A NE  1 
ATOM   644  N  NE  B ARG A 1 81  ? 9.520   -12.799 -1.016  0.50 29.82 ? 156 ARG A NE  1 
ATOM   645  C  CZ  A ARG A 1 81  ? 7.256   -11.966 0.190   0.50 17.54 ? 156 ARG A CZ  1 
ATOM   646  C  CZ  B ARG A 1 81  ? 9.526   -12.047 0.085   0.50 31.24 ? 156 ARG A CZ  1 
ATOM   647  N  NH1 A ARG A 1 81  ? 8.099   -11.376 1.044   0.50 20.25 ? 156 ARG A NH1 1 
ATOM   648  N  NH1 B ARG A 1 81  ? 8.501   -11.253 0.380   0.50 32.88 ? 156 ARG A NH1 1 
ATOM   649  N  NH2 A ARG A 1 81  ? 6.008   -12.211 0.576   0.50 17.24 ? 156 ARG A NH2 1 
ATOM   650  N  NH2 B ARG A 1 81  ? 10.568  -12.091 0.900   0.50 33.43 ? 156 ARG A NH2 1 
ATOM   651  N  N   . CYS A 1 82  ? 10.045  -10.909 -6.234  1.00 19.77 ? 157 CYS A N   1 
ATOM   652  C  CA  . CYS A 1 82  ? 9.349   -9.989  -7.122  1.00 19.42 ? 157 CYS A CA  1 
ATOM   653  C  C   . CYS A 1 82  ? 9.212   -10.588 -8.545  1.00 19.47 ? 157 CYS A C   1 
ATOM   654  O  O   . CYS A 1 82  ? 8.136   -10.542 -9.140  1.00 18.67 ? 157 CYS A O   1 
ATOM   655  C  CB  . CYS A 1 82  ? 10.068  -8.632  -7.160  1.00 19.69 ? 157 CYS A CB  1 
ATOM   656  S  SG  . CYS A 1 82  ? 9.472   -7.545  -8.468  1.00 21.47 ? 157 CYS A SG  1 
ATOM   657  N  N   . GLU A 1 83  ? 10.290  -11.184 -9.054  1.00 20.02 ? 158 GLU A N   1 
ATOM   658  C  CA  . GLU A 1 83  ? 10.270  -11.779 -10.397 1.00 20.82 ? 158 GLU A CA  1 
ATOM   659  C  C   . GLU A 1 83  ? 9.261   -12.922 -10.520 1.00 20.80 ? 158 GLU A C   1 
ATOM   660  O  O   . GLU A 1 83  ? 8.505   -12.994 -11.509 1.00 20.92 ? 158 GLU A O   1 
ATOM   661  C  CB  . GLU A 1 83  ? 11.685  -12.225 -10.818 1.00 21.28 ? 158 GLU A CB  1 
ATOM   662  C  CG  . GLU A 1 83  ? 12.631  -11.033 -10.954 1.00 26.43 ? 158 GLU A CG  1 
ATOM   663  C  CD  . GLU A 1 83  ? 14.100  -11.447 -10.971 1.00 30.48 ? 158 GLU A CD  1 
ATOM   664  O  OE1 . GLU A 1 83  ? 14.405  -12.665 -10.930 1.00 37.25 ? 158 GLU A OE1 1 
ATOM   665  O  OE2 . GLU A 1 83  ? 14.952  -10.543 -11.030 1.00 35.16 ? 158 GLU A OE2 1 
ATOM   666  N  N   . LYS A 1 84  ? 9.209   -13.788 -9.507  1.00 19.55 ? 159 LYS A N   1 
ATOM   667  C  CA  . LYS A 1 84  ? 8.265   -14.920 -9.491  1.00 20.19 ? 159 LYS A CA  1 
ATOM   668  C  C   . LYS A 1 84  ? 6.826   -14.434 -9.558  1.00 19.34 ? 159 LYS A C   1 
ATOM   669  O  O   . LYS A 1 84  ? 5.966   -15.020 -10.243 1.00 19.68 ? 159 LYS A O   1 
ATOM   670  C  CB  . LYS A 1 84  ? 8.440   -15.759 -8.213  1.00 19.86 ? 159 LYS A CB  1 
ATOM   671  C  CG  . LYS A 1 84  ? 9.663   -16.647 -8.190  1.00 23.23 ? 159 LYS A CG  1 
ATOM   672  C  CD  . LYS A 1 84  ? 9.662   -17.436 -6.898  1.00 25.85 ? 159 LYS A CD  1 
ATOM   673  C  CE  . LYS A 1 84  ? 10.846  -18.371 -6.842  1.00 26.45 ? 159 LYS A CE  1 
ATOM   674  N  NZ  . LYS A 1 84  ? 10.976  -18.921 -5.471  1.00 28.76 ? 159 LYS A NZ  1 
ATOM   675  N  N   . ILE A 1 85  ? 6.550   -13.359 -8.820  1.00 17.68 ? 160 ILE A N   1 
ATOM   676  C  CA  . ILE A 1 85  ? 5.208   -12.839 -8.757  1.00 18.26 ? 160 ILE A CA  1 
ATOM   677  C  C   . ILE A 1 85  ? 4.829   -12.224 -10.105 1.00 17.88 ? 160 ILE A C   1 
ATOM   678  O  O   . ILE A 1 85  ? 3.790   -12.529 -10.656 1.00 17.92 ? 160 ILE A O   1 
ATOM   679  C  CB  . ILE A 1 85  ? 5.063   -11.800 -7.603  1.00 17.82 ? 160 ILE A CB  1 
ATOM   680  C  CG1 . ILE A 1 85  ? 5.202   -12.529 -6.266  1.00 18.73 ? 160 ILE A CG1 1 
ATOM   681  C  CG2 . ILE A 1 85  ? 3.725   -11.105 -7.679  1.00 20.49 ? 160 ILE A CG2 1 
ATOM   682  C  CD1 . ILE A 1 85  ? 5.404   -11.590 -5.062  1.00 19.27 ? 160 ILE A CD1 1 
ATOM   683  N  N   . LEU A 1 86  ? 5.695   -11.379 -10.651 1.00 18.29 ? 161 LEU A N   1 
ATOM   684  C  CA  . LEU A 1 86  ? 5.364   -10.694 -11.909 1.00 18.50 ? 161 LEU A CA  1 
ATOM   685  C  C   . LEU A 1 86  ? 5.207   -11.741 -13.028 1.00 18.65 ? 161 LEU A C   1 
ATOM   686  O  O   . LEU A 1 86  ? 4.310   -11.613 -13.872 1.00 18.90 ? 161 LEU A O   1 
ATOM   687  C  CB  . LEU A 1 86  ? 6.436   -9.664  -12.268 1.00 19.06 ? 161 LEU A CB  1 
ATOM   688  C  CG  . LEU A 1 86  ? 6.357   -8.366  -11.444 1.00 21.34 ? 161 LEU A CG  1 
ATOM   689  C  CD1 . LEU A 1 86  ? 7.374   -7.390  -11.991 1.00 25.12 ? 161 LEU A CD1 1 
ATOM   690  C  CD2 . LEU A 1 86  ? 4.978   -7.761  -11.482 1.00 25.37 ? 161 LEU A CD2 1 
ATOM   691  N  N   . ARG A 1 87  ? 6.082   -12.757 -13.037 1.00 18.11 ? 162 ARG A N   1 
ATOM   692  C  CA  . ARG A 1 87  ? 5.979   -13.807 -14.078 1.00 17.88 ? 162 ARG A CA  1 
ATOM   693  C  C   . ARG A 1 87  ? 4.661   -14.595 -13.976 1.00 18.00 ? 162 ARG A C   1 
ATOM   694  O  O   . ARG A 1 87  ? 4.050   -15.004 -14.988 1.00 18.18 ? 162 ARG A O   1 
ATOM   695  C  CB  . ARG A 1 87  ? 7.194   -14.740 -14.086 1.00 18.23 ? 162 ARG A CB  1 
ATOM   696  C  CG  . ARG A 1 87  ? 8.478   -14.006 -14.518 1.00 19.44 ? 162 ARG A CG  1 
ATOM   697  C  CD  . ARG A 1 87  ? 9.573   -14.895 -15.049 1.00 21.89 ? 162 ARG A CD  1 
ATOM   698  N  NE  . ARG A 1 87  ? 10.581  -14.064 -15.725 1.00 25.28 ? 162 ARG A NE  1 
ATOM   699  C  CZ  . ARG A 1 87  ? 11.738  -13.682 -15.188 1.00 26.82 ? 162 ARG A CZ  1 
ATOM   700  N  NH1 . ARG A 1 87  ? 12.070  -14.062 -13.953 1.00 26.29 ? 162 ARG A NH1 1 
ATOM   701  N  NH2 . ARG A 1 87  ? 12.566  -12.914 -15.891 1.00 26.18 ? 162 ARG A NH2 1 
ATOM   702  N  N   . TYR A 1 88  ? 4.218   -14.851 -12.753 1.00 17.18 ? 163 TYR A N   1 
ATOM   703  C  CA  . TYR A 1 88  ? 2.922   -15.502 -12.594 1.00 16.73 ? 163 TYR A CA  1 
ATOM   704  C  C   . TYR A 1 88  ? 1.808   -14.693 -13.249 1.00 16.69 ? 163 TYR A C   1 
ATOM   705  O  O   . TYR A 1 88  ? 0.939   -15.240 -13.897 1.00 17.45 ? 163 TYR A O   1 
ATOM   706  C  CB  . TYR A 1 88  ? 2.617   -15.660 -11.117 1.00 16.86 ? 163 TYR A CB  1 
ATOM   707  C  CG  . TYR A 1 88  ? 1.222   -16.144 -10.847 1.00 15.11 ? 163 TYR A CG  1 
ATOM   708  C  CD1 . TYR A 1 88  ? 0.826   -17.427 -11.242 1.00 14.97 ? 163 TYR A CD1 1 
ATOM   709  C  CD2 . TYR A 1 88  ? 0.291   -15.337 -10.192 1.00 16.22 ? 163 TYR A CD2 1 
ATOM   710  C  CE1 . TYR A 1 88  ? -0.473  -17.911 -10.965 1.00 14.92 ? 163 TYR A CE1 1 
ATOM   711  C  CE2 . TYR A 1 88  ? -1.012  -15.795 -9.918  1.00 15.51 ? 163 TYR A CE2 1 
ATOM   712  C  CZ  . TYR A 1 88  ? -1.377  -17.095 -10.311 1.00 14.70 ? 163 TYR A CZ  1 
ATOM   713  O  OH  . TYR A 1 88  ? -2.667  -17.532 -10.025 1.00 17.22 ? 163 TYR A OH  1 
ATOM   714  N  N   . PHE A 1 89  ? 1.851   -13.370 -13.098 1.00 16.49 ? 164 PHE A N   1 
ATOM   715  C  CA  . PHE A 1 89  ? 0.820   -12.526 -13.678 1.00 17.02 ? 164 PHE A CA  1 
ATOM   716  C  C   . PHE A 1 89  ? 1.091   -12.166 -15.141 1.00 17.61 ? 164 PHE A C   1 
ATOM   717  O  O   . PHE A 1 89  ? 0.403   -11.307 -15.703 1.00 19.58 ? 164 PHE A O   1 
ATOM   718  C  CB  . PHE A 1 89  ? 0.673   -11.265 -12.834 1.00 18.07 ? 164 PHE A CB  1 
ATOM   719  C  CG  . PHE A 1 89  ? 0.020   -11.514 -11.508 1.00 15.99 ? 164 PHE A CG  1 
ATOM   720  C  CD1 . PHE A 1 89  ? -1.273  -12.072 -11.437 1.00 18.81 ? 164 PHE A CD1 1 
ATOM   721  C  CD2 . PHE A 1 89  ? 0.698   -11.220 -10.314 1.00 17.68 ? 164 PHE A CD2 1 
ATOM   722  C  CE1 . PHE A 1 89  ? -1.885  -12.336 -10.197 1.00 19.48 ? 164 PHE A CE1 1 
ATOM   723  C  CE2 . PHE A 1 89  ? 0.067   -11.448 -9.064  1.00 15.84 ? 164 PHE A CE2 1 
ATOM   724  C  CZ  . PHE A 1 89  ? -1.207  -12.020 -9.008  1.00 17.67 ? 164 PHE A CZ  1 
ATOM   725  N  N   . GLY A 1 90  ? 2.106   -12.779 -15.747 1.00 17.13 ? 165 GLY A N   1 
ATOM   726  C  CA  . GLY A 1 90  ? 2.352   -12.616 -17.185 1.00 17.95 ? 165 GLY A CA  1 
ATOM   727  C  C   . GLY A 1 90  ? 3.103   -11.341 -17.559 1.00 17.47 ? 165 GLY A C   1 
ATOM   728  O  O   . GLY A 1 90  ? 3.131   -10.937 -18.720 1.00 19.68 ? 165 GLY A O   1 
ATOM   729  N  N   . GLU A 1 91  ? 3.753   -10.740 -16.574 1.00 18.90 ? 166 GLU A N   1 
ATOM   730  C  CA  . GLU A 1 91  ? 4.586   -9.571  -16.781 1.00 20.31 ? 166 GLU A CA  1 
ATOM   731  C  C   . GLU A 1 91  ? 6.029   -10.003 -16.922 1.00 21.18 ? 166 GLU A C   1 
ATOM   732  O  O   . GLU A 1 91  ? 6.436   -11.035 -16.375 1.00 20.94 ? 166 GLU A O   1 
ATOM   733  C  CB  . GLU A 1 91  ? 4.458   -8.603  -15.604 1.00 19.83 ? 166 GLU A CB  1 
ATOM   734  C  CG  . GLU A 1 91  ? 3.058   -8.018  -15.415 1.00 21.37 ? 166 GLU A CG  1 
ATOM   735  C  CD  . GLU A 1 91  ? 2.626   -7.062  -16.553 1.00 26.56 ? 166 GLU A CD  1 
ATOM   736  O  OE1 . GLU A 1 91  ? 3.456   -6.265  -17.053 1.00 26.98 ? 166 GLU A OE1 1 
ATOM   737  O  OE2 . GLU A 1 91  ? 1.435   -7.107  -16.929 1.00 28.90 ? 166 GLU A OE2 1 
ATOM   738  N  N   . ASP A 1 92  ? 6.785   -9.220  -17.691 1.00 22.30 ? 167 ASP A N   1 
ATOM   739  C  CA  . ASP A 1 92  ? 8.212   -9.448  -17.886 1.00 23.19 ? 167 ASP A CA  1 
ATOM   740  C  C   . ASP A 1 92  ? 8.940   -8.462  -16.984 1.00 23.88 ? 167 ASP A C   1 
ATOM   741  O  O   . ASP A 1 92  ? 9.004   -7.272  -17.296 1.00 23.00 ? 167 ASP A O   1 
ATOM   742  C  CB  . ASP A 1 92  ? 8.593   -9.253  -19.360 1.00 23.65 ? 167 ASP A CB  1 
ATOM   743  C  CG  . ASP A 1 92  ? 10.100  -9.400  -19.621 1.00 25.02 ? 167 ASP A CG  1 
ATOM   744  O  OD1 . ASP A 1 92  ? 10.880  -9.589  -18.662 1.00 25.45 ? 167 ASP A OD1 1 
ATOM   745  O  OD2 . ASP A 1 92  ? 10.503  -9.331  -20.808 1.00 26.52 ? 167 ASP A OD2 1 
ATOM   746  N  N   . PRO A 1 93  ? 9.497   -8.958  -15.863 1.00 24.49 ? 168 PRO A N   1 
ATOM   747  C  CA  . PRO A 1 93  ? 10.092  -8.048  -14.870 1.00 25.54 ? 168 PRO A CA  1 
ATOM   748  C  C   . PRO A 1 93  ? 11.333  -7.296  -15.381 1.00 26.33 ? 168 PRO A C   1 
ATOM   749  O  O   . PRO A 1 93  ? 11.710  -6.275  -14.802 1.00 26.47 ? 168 PRO A O   1 
ATOM   750  C  CB  . PRO A 1 93  ? 10.458  -8.982  -13.711 1.00 26.45 ? 168 PRO A CB  1 
ATOM   751  C  CG  . PRO A 1 93  ? 10.615  -10.334 -14.333 1.00 25.60 ? 168 PRO A CG  1 
ATOM   752  C  CD  . PRO A 1 93  ? 9.590   -10.374 -15.446 1.00 25.42 ? 168 PRO A CD  1 
ATOM   753  N  N   . THR A 1 94  ? 11.950  -7.814  -16.441 1.00 26.88 ? 169 THR A N   1 
ATOM   754  C  CA  . THR A 1 94  ? 13.187  -7.233  -16.978 1.00 27.44 ? 169 THR A CA  1 
ATOM   755  C  C   . THR A 1 94  ? 12.938  -5.999  -17.843 1.00 27.77 ? 169 THR A C   1 
ATOM   756  O  O   . THR A 1 94  ? 13.893  -5.319  -18.232 1.00 28.39 ? 169 THR A O   1 
ATOM   757  C  CB  . THR A 1 94  ? 14.015  -8.254  -17.792 1.00 27.16 ? 169 THR A CB  1 
ATOM   758  O  OG1 . THR A 1 94  ? 13.357  -8.522  -19.033 1.00 28.28 ? 169 THR A OG1 1 
ATOM   759  C  CG2 . THR A 1 94  ? 14.235  -9.563  -17.018 1.00 27.81 ? 169 THR A CG2 1 
ATOM   760  N  N   . LEU A 1 95  ? 11.673  -5.690  -18.136 1.00 27.92 ? 170 LEU A N   1 
ATOM   761  C  CA  . LEU A 1 95  ? 11.372  -4.527  -18.978 1.00 28.36 ? 170 LEU A CA  1 
ATOM   762  C  C   . LEU A 1 95  ? 11.584  -3.223  -18.226 1.00 28.84 ? 170 LEU A C   1 
ATOM   763  O  O   . LEU A 1 95  ? 11.400  -3.154  -17.001 1.00 28.02 ? 170 LEU A O   1 
ATOM   764  C  CB  . LEU A 1 95  ? 9.946   -4.580  -19.529 1.00 28.49 ? 170 LEU A CB  1 
ATOM   765  C  CG  . LEU A 1 95  ? 9.565   -5.742  -20.440 1.00 28.19 ? 170 LEU A CG  1 
ATOM   766  C  CD1 . LEU A 1 95  ? 8.094   -5.644  -20.768 1.00 28.56 ? 170 LEU A CD1 1 
ATOM   767  C  CD2 . LEU A 1 95  ? 10.402  -5.758  -21.731 1.00 28.50 ? 170 LEU A CD2 1 
ATOM   768  N  N   . ASP A 1 96  ? 11.959  -2.186  -18.975 1.00 29.87 ? 171 ASP A N   1 
ATOM   769  C  CA  . ASP A 1 96  ? 12.175  -0.864  -18.410 1.00 30.82 ? 171 ASP A CA  1 
ATOM   770  C  C   . ASP A 1 96  ? 10.962  -0.309  -17.688 1.00 31.16 ? 171 ASP A C   1 
ATOM   771  O  O   . ASP A 1 96  ? 11.120  0.377   -16.682 1.00 32.05 ? 171 ASP A O   1 
ATOM   772  C  CB  . ASP A 1 96  ? 12.627  0.120   -19.490 1.00 31.64 ? 171 ASP A CB  1 
ATOM   773  C  CG  . ASP A 1 96  ? 14.086  -0.054  -19.872 1.00 33.51 ? 171 ASP A CG  1 
ATOM   774  O  OD1 . ASP A 1 96  ? 14.594  -1.200  -19.852 1.00 37.06 ? 171 ASP A OD1 1 
ATOM   775  O  OD2 . ASP A 1 96  ? 14.729  0.966   -20.218 1.00 37.43 ? 171 ASP A OD2 1 
ATOM   776  N  N   . LYS A 1 97  ? 9.754   -0.585  -18.177 1.00 30.95 ? 172 LYS A N   1 
ATOM   777  C  CA  . LYS A 1 97  ? 8.558   -0.029  -17.523 1.00 31.14 ? 172 LYS A CA  1 
ATOM   778  C  C   . LYS A 1 97  ? 8.372   -0.520  -16.078 1.00 30.38 ? 172 LYS A C   1 
ATOM   779  O  O   . LYS A 1 97  ? 7.813   0.201   -15.233 1.00 31.13 ? 172 LYS A O   1 
ATOM   780  C  CB  . LYS A 1 97  ? 7.289   -0.234  -18.360 1.00 31.62 ? 172 LYS A CB  1 
ATOM   781  C  CG  . LYS A 1 97  ? 6.749   -1.642  -18.420 1.00 34.00 ? 172 LYS A CG  1 
ATOM   782  C  CD  . LYS A 1 97  ? 5.657   -1.704  -19.467 1.00 37.59 ? 172 LYS A CD  1 
ATOM   783  C  CE  . LYS A 1 97  ? 4.890   -3.008  -19.393 1.00 40.03 ? 172 LYS A CE  1 
ATOM   784  N  NZ  . LYS A 1 97  ? 3.817   -3.031  -20.438 1.00 41.95 ? 172 LYS A NZ  1 
ATOM   785  N  N   . TRP A 1 98  ? 8.854   -1.732  -15.799 1.00 28.75 ? 173 TRP A N   1 
ATOM   786  C  CA  . TRP A 1 98  ? 8.918   -2.234  -14.429 1.00 27.14 ? 173 TRP A CA  1 
ATOM   787  C  C   . TRP A 1 98  ? 10.170  -1.745  -13.691 1.00 26.98 ? 173 TRP A C   1 
ATOM   788  O  O   . TRP A 1 98  ? 10.077  -1.186  -12.596 1.00 26.30 ? 173 TRP A O   1 
ATOM   789  C  CB  . TRP A 1 98  ? 8.811   -3.776  -14.410 1.00 27.04 ? 173 TRP A CB  1 
ATOM   790  C  CG  . TRP A 1 98  ? 7.404   -4.241  -14.616 1.00 25.61 ? 173 TRP A CG  1 
ATOM   791  C  CD1 . TRP A 1 98  ? 6.895   -4.865  -15.722 1.00 25.21 ? 173 TRP A CD1 1 
ATOM   792  C  CD2 . TRP A 1 98  ? 6.303   -4.050  -13.715 1.00 25.12 ? 173 TRP A CD2 1 
ATOM   793  N  NE1 . TRP A 1 98  ? 5.550   -5.099  -15.549 1.00 24.98 ? 173 TRP A NE1 1 
ATOM   794  C  CE2 . TRP A 1 98  ? 5.158   -4.602  -14.333 1.00 24.96 ? 173 TRP A CE2 1 
ATOM   795  C  CE3 . TRP A 1 98  ? 6.178   -3.484  -12.446 1.00 24.70 ? 173 TRP A CE3 1 
ATOM   796  C  CZ2 . TRP A 1 98  ? 3.905   -4.622  -13.712 1.00 25.55 ? 173 TRP A CZ2 1 
ATOM   797  C  CZ3 . TRP A 1 98  ? 4.932   -3.498  -11.828 1.00 26.36 ? 173 TRP A CZ3 1 
ATOM   798  C  CH2 . TRP A 1 98  ? 3.812   -4.063  -12.462 1.00 26.12 ? 173 TRP A CH2 1 
ATOM   799  N  N   . GLN A 1 99  ? 11.341  -1.938  -14.293 1.00 26.20 ? 174 GLN A N   1 
ATOM   800  C  CA  . GLN A 1 99  ? 12.593  -1.607  -13.626 1.00 26.50 ? 174 GLN A CA  1 
ATOM   801  C  C   . GLN A 1 99  ? 12.702  -0.115  -13.308 1.00 26.29 ? 174 GLN A C   1 
ATOM   802  O  O   . GLN A 1 99  ? 13.113  0.252   -12.203 1.00 26.73 ? 174 GLN A O   1 
ATOM   803  C  CB  . GLN A 1 99  ? 13.803  -2.109  -14.425 1.00 26.41 ? 174 GLN A CB  1 
ATOM   804  C  CG  . GLN A 1 99  ? 13.955  -3.652  -14.356 1.00 28.62 ? 174 GLN A CG  1 
ATOM   805  C  CD  . GLN A 1 99  ? 13.889  -4.160  -12.919 1.00 29.40 ? 174 GLN A CD  1 
ATOM   806  O  OE1 . GLN A 1 99  ? 14.502  -3.578  -12.023 1.00 32.95 ? 174 GLN A OE1 1 
ATOM   807  N  NE2 . GLN A 1 99  ? 13.117  -5.218  -12.685 1.00 29.52 ? 174 GLN A NE2 1 
ATOM   808  N  N   . SER A 1 100 ? 12.282  0.733   -14.247 1.00 25.88 ? 175 SER A N   1 
ATOM   809  C  CA  . SER A 1 100 ? 12.276  2.181   -14.014 1.00 26.10 ? 175 SER A CA  1 
ATOM   810  C  C   . SER A 1 100 ? 11.333  2.576   -12.872 1.00 25.62 ? 175 SER A C   1 
ATOM   811  O  O   . SER A 1 100 ? 11.670  3.475   -12.095 1.00 25.20 ? 175 SER A O   1 
ATOM   812  C  CB  . SER A 1 100 ? 11.944  2.974   -15.287 1.00 26.62 ? 175 SER A CB  1 
ATOM   813  O  OG  . SER A 1 100 ? 10.606  2.727   -15.691 1.00 29.52 ? 175 SER A OG  1 
ATOM   814  N  N   . GLU A 1 101 ? 10.176  1.907   -12.769 1.00 25.07 ? 176 GLU A N   1 
ATOM   815  C  CA  . GLU A 1 101 ? 9.217   2.204   -11.697 1.00 24.13 ? 176 GLU A CA  1 
ATOM   816  C  C   . GLU A 1 101 ? 9.824   1.821   -10.354 1.00 23.37 ? 176 GLU A C   1 
ATOM   817  O  O   . GLU A 1 101 ? 9.745   2.599   -9.405  1.00 22.21 ? 176 GLU A O   1 
ATOM   818  C  CB  . GLU A 1 101 ? 7.852   1.505   -11.913 1.00 24.87 ? 176 GLU A CB  1 
ATOM   819  C  CG  . GLU A 1 101 ? 6.772   1.747   -10.803 1.00 27.26 ? 176 GLU A CG  1 
ATOM   820  C  CD  . GLU A 1 101 ? 6.284   3.217   -10.617 1.00 30.62 ? 176 GLU A CD  1 
ATOM   821  O  OE1 . GLU A 1 101 ? 6.482   4.076   -11.513 1.00 32.26 ? 176 GLU A OE1 1 
ATOM   822  O  OE2 . GLU A 1 101 ? 5.677   3.524   -9.552  1.00 30.38 ? 176 GLU A OE2 1 
ATOM   823  N  N   . PHE A 1 102 ? 10.434  0.633   -10.269 1.00 22.24 ? 177 PHE A N   1 
ATOM   824  C  CA  . PHE A 1 102 ? 11.014  0.203   -8.994  1.00 21.83 ? 177 PHE A CA  1 
ATOM   825  C  C   . PHE A 1 102 ? 12.157  1.099   -8.541  1.00 22.40 ? 177 PHE A C   1 
ATOM   826  O  O   . PHE A 1 102 ? 12.253  1.419   -7.355  1.00 22.58 ? 177 PHE A O   1 
ATOM   827  C  CB  . PHE A 1 102 ? 11.478  -1.245  -9.029  1.00 22.37 ? 177 PHE A CB  1 
ATOM   828  C  CG  . PHE A 1 102 ? 10.381  -2.235  -9.292  1.00 20.54 ? 177 PHE A CG  1 
ATOM   829  C  CD1 . PHE A 1 102 ? 9.078   -2.021  -8.822  1.00 19.56 ? 177 PHE A CD1 1 
ATOM   830  C  CD2 . PHE A 1 102 ? 10.664  -3.405  -9.984  1.00 23.63 ? 177 PHE A CD2 1 
ATOM   831  C  CE1 . PHE A 1 102 ? 8.058   -2.964  -9.069  1.00 22.32 ? 177 PHE A CE1 1 
ATOM   832  C  CE2 . PHE A 1 102 ? 9.669   -4.337  -10.225 1.00 23.57 ? 177 PHE A CE2 1 
ATOM   833  C  CZ  . PHE A 1 102 ? 8.368   -4.127  -9.758  1.00 23.40 ? 177 PHE A CZ  1 
ATOM   834  N  N   . GLU A 1 103 ? 13.009  1.511   -9.479  1.00 22.32 ? 178 GLU A N   1 
ATOM   835  C  CA  . GLU A 1 103 ? 14.109  2.434   -9.151  1.00 23.16 ? 178 GLU A CA  1 
ATOM   836  C  C   . GLU A 1 103 ? 13.568  3.775   -8.656  1.00 22.63 ? 178 GLU A C   1 
ATOM   837  O  O   . GLU A 1 103 ? 14.061  4.331   -7.662  1.00 22.85 ? 178 GLU A O   1 
ATOM   838  C  CB  . GLU A 1 103 ? 15.041  2.638   -10.346 1.00 23.60 ? 178 GLU A CB  1 
ATOM   839  C  CG  . GLU A 1 103 ? 15.913  1.415   -10.664 1.00 26.57 ? 178 GLU A CG  1 
ATOM   840  C  CD  . GLU A 1 103 ? 16.435  1.425   -12.094 1.00 30.19 ? 178 GLU A CD  1 
ATOM   841  O  OE1 . GLU A 1 103 ? 16.431  2.495   -12.731 1.00 32.41 ? 178 GLU A OE1 1 
ATOM   842  O  OE2 . GLU A 1 103 ? 16.843  0.351   -12.591 1.00 32.97 ? 178 GLU A OE2 1 
ATOM   843  N  N   . LYS A 1 104 ? 12.544  4.294   -9.337  1.00 22.18 ? 179 LYS A N   1 
ATOM   844  C  CA  . LYS A 1 104 ? 11.897  5.542   -8.918  1.00 21.69 ? 179 LYS A CA  1 
ATOM   845  C  C   . LYS A 1 104 ? 11.331  5.413   -7.505  1.00 20.81 ? 179 LYS A C   1 
ATOM   846  O  O   . LYS A 1 104 ? 11.516  6.282   -6.658  1.00 20.27 ? 179 LYS A O   1 
ATOM   847  C  CB  . LYS A 1 104 ? 10.788  5.902   -9.901  1.00 22.73 ? 179 LYS A CB  1 
ATOM   848  C  CG  . LYS A 1 104 ? 10.028  7.172   -9.565  1.00 25.16 ? 179 LYS A CG  1 
ATOM   849  C  CD  . LYS A 1 104 ? 8.688   7.206   -10.300 1.00 30.01 ? 179 LYS A CD  1 
ATOM   850  C  CE  . LYS A 1 104 ? 8.072   8.603   -10.221 1.00 32.91 ? 179 LYS A CE  1 
ATOM   851  N  NZ  . LYS A 1 104 ? 6.903   8.784   -11.138 1.00 34.74 ? 179 LYS A NZ  1 
ATOM   852  N  N   . ILE A 1 105 ? 10.635  4.306   -7.254  1.00 19.88 ? 180 ILE A N   1 
ATOM   853  C  CA  . ILE A 1 105 ? 10.071  4.077   -5.935  1.00 19.38 ? 180 ILE A CA  1 
ATOM   854  C  C   . ILE A 1 105 ? 11.144  4.029   -4.837  1.00 20.08 ? 180 ILE A C   1 
ATOM   855  O  O   . ILE A 1 105 ? 10.997  4.678   -3.799  1.00 20.17 ? 180 ILE A O   1 
ATOM   856  C  CB  . ILE A 1 105 ? 9.207   2.794   -5.930  1.00 19.32 ? 180 ILE A CB  1 
ATOM   857  C  CG1 . ILE A 1 105 ? 7.975   3.017   -6.813  1.00 18.81 ? 180 ILE A CG1 1 
ATOM   858  C  CG2 . ILE A 1 105 ? 8.836   2.402   -4.496  1.00 18.54 ? 180 ILE A CG2 1 
ATOM   859  C  CD1 . ILE A 1 105 ? 7.199   1.748   -7.093  1.00 19.89 ? 180 ILE A CD1 1 
ATOM   860  N  N   . ARG A 1 106 ? 12.230  3.291   -5.078  1.00 20.12 ? 181 ARG A N   1 
ATOM   861  C  CA  . ARG A 1 106 ? 13.306  3.185   -4.088  1.00 20.51 ? 181 ARG A CA  1 
ATOM   862  C  C   . ARG A 1 106 ? 14.027  4.517   -3.849  1.00 21.00 ? 181 ARG A C   1 
ATOM   863  O  O   . ARG A 1 106 ? 14.465  4.797   -2.731  1.00 22.11 ? 181 ARG A O   1 
ATOM   864  C  CB  . ARG A 1 106 ? 14.280  2.058   -4.472  1.00 20.91 ? 181 ARG A CB  1 
ATOM   865  C  CG  . ARG A 1 106 ? 13.616  0.695   -4.323  1.00 21.06 ? 181 ARG A CG  1 
ATOM   866  C  CD  . ARG A 1 106 ? 14.580  -0.436  -4.502  1.00 26.03 ? 181 ARG A CD  1 
ATOM   867  N  NE  . ARG A 1 106 ? 15.095  -0.482  -5.862  1.00 29.19 ? 181 ARG A NE  1 
ATOM   868  C  CZ  . ARG A 1 106 ? 14.796  -1.414  -6.769  1.00 30.21 ? 181 ARG A CZ  1 
ATOM   869  N  NH1 . ARG A 1 106 ? 13.971  -2.416  -6.494  1.00 30.85 ? 181 ARG A NH1 1 
ATOM   870  N  NH2 . ARG A 1 106 ? 15.351  -1.344  -7.973  1.00 31.22 ? 181 ARG A NH2 1 
ATOM   871  N  N   . ARG A 1 107 ? 14.087  5.355   -4.878  1.00 21.03 ? 182 ARG A N   1 
ATOM   872  C  CA  . ARG A 1 107 ? 14.664  6.706   -4.783  1.00 22.33 ? 182 ARG A CA  1 
ATOM   873  C  C   . ARG A 1 107 ? 13.774  7.597   -3.901  1.00 21.31 ? 182 ARG A C   1 
ATOM   874  O  O   . ARG A 1 107 ? 14.264  8.352   -3.048  1.00 21.64 ? 182 ARG A O   1 
ATOM   875  C  CB  . ARG A 1 107 ? 14.780  7.293   -6.201  1.00 22.13 ? 182 ARG A CB  1 
ATOM   876  C  CG  . ARG A 1 107 ? 15.216  8.750   -6.344  1.00 25.20 ? 182 ARG A CG  1 
ATOM   877  C  CD  . ARG A 1 107 ? 15.004  9.214   -7.795  1.00 25.76 ? 182 ARG A CD  1 
ATOM   878  N  NE  . ARG A 1 107 ? 15.359  8.158   -8.748  1.00 31.23 ? 182 ARG A NE  1 
ATOM   879  C  CZ  . ARG A 1 107 ? 14.673  7.864   -9.856  1.00 32.37 ? 182 ARG A CZ  1 
ATOM   880  N  NH1 . ARG A 1 107 ? 15.077  6.878   -10.641 1.00 30.72 ? 182 ARG A NH1 1 
ATOM   881  N  NH2 . ARG A 1 107 ? 13.588  8.553   -10.186 1.00 33.60 ? 182 ARG A NH2 1 
ATOM   882  N  N   . HIS A 1 108 ? 12.465  7.498   -4.088  1.00 20.70 ? 183 HIS A N   1 
ATOM   883  C  CA  . HIS A 1 108 ? 11.525  8.374   -3.357  1.00 20.10 ? 183 HIS A CA  1 
ATOM   884  C  C   . HIS A 1 108 ? 11.127  7.858   -1.968  1.00 19.23 ? 183 HIS A C   1 
ATOM   885  O  O   . HIS A 1 108 ? 10.814  8.647   -1.057  1.00 18.40 ? 183 HIS A O   1 
ATOM   886  C  CB  . HIS A 1 108 ? 10.273  8.597   -4.207  1.00 21.09 ? 183 HIS A CB  1 
ATOM   887  C  CG  . HIS A 1 108 ? 10.487  9.543   -5.342  1.00 25.62 ? 183 HIS A CG  1 
ATOM   888  N  ND1 . HIS A 1 108 ? 10.625  9.122   -6.647  1.00 29.45 ? 183 HIS A ND1 1 
ATOM   889  C  CD2 . HIS A 1 108 ? 10.629  10.887  -5.365  1.00 29.44 ? 183 HIS A CD2 1 
ATOM   890  C  CE1 . HIS A 1 108 ? 10.817  10.168  -7.428  1.00 29.63 ? 183 HIS A CE1 1 
ATOM   891  N  NE2 . HIS A 1 108 ? 10.828  11.251  -6.675  1.00 32.02 ? 183 HIS A NE2 1 
ATOM   892  N  N   . GLY A 1 109 ? 11.104  6.527   -1.832  1.00 18.37 ? 184 GLY A N   1 
ATOM   893  C  CA  . GLY A 1 109 ? 10.656  5.847   -0.617  1.00 18.11 ? 184 GLY A CA  1 
ATOM   894  C  C   . GLY A 1 109 ? 9.151   5.617   -0.528  1.00 17.89 ? 184 GLY A C   1 
ATOM   895  O  O   . GLY A 1 109 ? 8.623   5.190   0.510   1.00 18.40 ? 184 GLY A O   1 
ATOM   896  N  N   . TYR A 1 110 ? 8.444   5.874   -1.630  1.00 16.66 ? 185 TYR A N   1 
ATOM   897  C  CA  . TYR A 1 110 ? 6.989   5.650   -1.691  1.00 17.39 ? 185 TYR A CA  1 
ATOM   898  C  C   . TYR A 1 110 ? 6.554   5.503   -3.143  1.00 17.54 ? 185 TYR A C   1 
ATOM   899  O  O   . TYR A 1 110 ? 7.307   5.844   -4.056  1.00 17.16 ? 185 TYR A O   1 
ATOM   900  C  CB  . TYR A 1 110 ? 6.244   6.843   -1.061  1.00 17.56 ? 185 TYR A CB  1 
ATOM   901  C  CG  . TYR A 1 110 ? 6.467   8.156   -1.814  1.00 17.57 ? 185 TYR A CG  1 
ATOM   902  C  CD1 . TYR A 1 110 ? 5.615   8.536   -2.851  1.00 19.18 ? 185 TYR A CD1 1 
ATOM   903  C  CD2 . TYR A 1 110 ? 7.537   8.985   -1.495  1.00 17.83 ? 185 TYR A CD2 1 
ATOM   904  C  CE1 . TYR A 1 110 ? 5.832   9.735   -3.569  1.00 20.24 ? 185 TYR A CE1 1 
ATOM   905  C  CE2 . TYR A 1 110 ? 7.753   10.167  -2.175  1.00 18.52 ? 185 TYR A CE2 1 
ATOM   906  C  CZ  . TYR A 1 110 ? 6.906   10.528  -3.215  1.00 20.02 ? 185 TYR A CZ  1 
ATOM   907  O  OH  . TYR A 1 110 ? 7.130   11.698  -3.903  1.00 22.21 ? 185 TYR A OH  1 
ATOM   908  N  N   . ALA A 1 111 ? 5.321   5.028   -3.344  1.00 17.55 ? 186 ALA A N   1 
ATOM   909  C  CA  . ALA A 1 111 ? 4.729   4.954   -4.677  1.00 18.29 ? 186 ALA A CA  1 
ATOM   910  C  C   . ALA A 1 111 ? 3.412   5.710   -4.702  1.00 18.10 ? 186 ALA A C   1 
ATOM   911  O  O   . ALA A 1 111 ? 2.722   5.804   -3.681  1.00 18.37 ? 186 ALA A O   1 
ATOM   912  C  CB  . ALA A 1 111 ? 4.485   3.517   -5.060  1.00 18.60 ? 186 ALA A CB  1 
ATOM   913  N  N   . VAL A 1 112 ? 3.051   6.198   -5.886  1.00 18.80 ? 187 VAL A N   1 
ATOM   914  C  CA  . VAL A 1 112 ? 1.756   6.853   -6.097  1.00 19.75 ? 187 VAL A CA  1 
ATOM   915  C  C   . VAL A 1 112 ? 1.146   6.167   -7.293  1.00 18.62 ? 187 VAL A C   1 
ATOM   916  O  O   . VAL A 1 112 ? 1.863   5.861   -8.290  1.00 19.95 ? 187 VAL A O   1 
ATOM   917  C  CB  . VAL A 1 112 ? 1.903   8.376   -6.391  1.00 20.65 ? 187 VAL A CB  1 
ATOM   918  C  CG1 . VAL A 1 112 ? 0.539   9.030   -6.616  1.00 23.58 ? 187 VAL A CG1 1 
ATOM   919  C  CG2 . VAL A 1 112 ? 2.642   9.081   -5.258  1.00 23.33 ? 187 VAL A CG2 1 
ATOM   920  N  N   . SER A 1 113 ? -0.161  5.899   -7.228  1.00 17.85 ? 188 SER A N   1 
ATOM   921  C  CA  . SER A 1 113 ? -0.891  5.325   -8.382  1.00 18.79 ? 188 SER A CA  1 
ATOM   922  C  C   . SER A 1 113 ? -2.259  6.016   -8.534  1.00 19.40 ? 188 SER A C   1 
ATOM   923  O  O   . SER A 1 113 ? -2.826  6.526   -7.565  1.00 18.11 ? 188 SER A O   1 
ATOM   924  C  CB  . SER A 1 113 ? -1.111  3.833   -8.193  1.00 19.11 ? 188 SER A CB  1 
ATOM   925  O  OG  . SER A 1 113 ? -1.851  3.614   -6.995  1.00 19.66 ? 188 SER A OG  1 
ATOM   926  N  N   . THR A 1 114 ? -2.790  6.007   -9.755  1.00 19.75 ? 189 THR A N   1 
ATOM   927  C  CA  . THR A 1 114 ? -4.107  6.594   -10.010 1.00 21.86 ? 189 THR A CA  1 
ATOM   928  C  C   . THR A 1 114 ? -4.940  5.683   -10.908 1.00 20.00 ? 189 THR A C   1 
ATOM   929  O  O   . THR A 1 114 ? -4.509  5.343   -12.032 1.00 19.74 ? 189 THR A O   1 
ATOM   930  C  CB  . THR A 1 114 ? -3.990  7.988   -10.691 1.00 23.29 ? 189 THR A CB  1 
ATOM   931  O  OG1 . THR A 1 114 ? -3.212  7.878   -11.890 1.00 27.97 ? 189 THR A OG1 1 
ATOM   932  C  CG2 . THR A 1 114 ? -3.337  8.997   -9.753  1.00 26.00 ? 189 THR A CG2 1 
ATOM   933  N  N   . SER A 1 115 ? -6.113  5.278   -10.407 1.00 19.19 ? 190 SER A N   1 
ATOM   934  C  CA  . SER A 1 115 ? -7.098  4.548   -11.179 1.00 19.93 ? 190 SER A CA  1 
ATOM   935  C  C   . SER A 1 115 ? -6.604  3.195   -11.733 1.00 20.24 ? 190 SER A C   1 
ATOM   936  O  O   . SER A 1 115 ? -7.123  2.733   -12.750 1.00 21.60 ? 190 SER A O   1 
ATOM   937  C  CB  . SER A 1 115 ? -7.653  5.427   -12.315 1.00 20.21 ? 190 SER A CB  1 
ATOM   938  O  OG  . SER A 1 115 ? -8.380  6.540   -11.802 1.00 21.14 ? 190 SER A OG  1 
ATOM   939  N  N   . GLU A 1 116 ? -5.622  2.574   -11.075 1.00 20.90 ? 191 GLU A N   1 
ATOM   940  C  CA  . GLU A 1 116 ? -5.118  1.270   -11.571 1.00 21.91 ? 191 GLU A CA  1 
ATOM   941  C  C   . GLU A 1 116 ? -6.021  0.141   -11.131 1.00 22.32 ? 191 GLU A C   1 
ATOM   942  O  O   . GLU A 1 116 ? -6.032  -0.934  -11.761 1.00 23.29 ? 191 GLU A O   1 
ATOM   943  C  CB  . GLU A 1 116 ? -3.688  0.987   -11.107 1.00 22.71 ? 191 GLU A CB  1 
ATOM   944  C  CG  . GLU A 1 116 ? -2.659  1.977   -11.630 1.00 24.33 ? 191 GLU A CG  1 
ATOM   945  C  CD  . GLU A 1 116 ? -1.247  1.600   -11.270 1.00 26.57 ? 191 GLU A CD  1 
ATOM   946  O  OE1 . GLU A 1 116 ? -1.038  0.444   -10.818 1.00 27.17 ? 191 GLU A OE1 1 
ATOM   947  O  OE2 . GLU A 1 116 ? -0.338  2.448   -11.450 1.00 27.40 ? 191 GLU A OE2 1 
ATOM   948  N  N   . ILE A 1 117 ? -6.749  0.381   -10.042 1.00 21.40 ? 192 ILE A N   1 
ATOM   949  C  CA  . ILE A 1 117 ? -7.636  -0.623  -9.442  1.00 21.09 ? 192 ILE A CA  1 
ATOM   950  C  C   . ILE A 1 117 ? -9.112  -0.222  -9.549  1.00 20.72 ? 192 ILE A C   1 
ATOM   951  O  O   . ILE A 1 117 ? -9.916  -0.979  -10.088 1.00 21.43 ? 192 ILE A O   1 
ATOM   952  C  CB  . ILE A 1 117 ? -7.228  -0.934  -7.987  1.00 21.76 ? 192 ILE A CB  1 
ATOM   953  C  CG1 . ILE A 1 117 ? -5.812  -1.528  -7.978  1.00 22.83 ? 192 ILE A CG1 1 
ATOM   954  C  CG2 . ILE A 1 117 ? -8.187  -1.958  -7.359  1.00 22.13 ? 192 ILE A CG2 1 
ATOM   955  C  CD1 . ILE A 1 117 ? -5.186  -1.602  -6.613  1.00 24.23 ? 192 ILE A CD1 1 
ATOM   956  N  N   . ASP A 1 118 ? -9.437  0.982   -9.049  1.00 18.92 ? 193 ASP A N   1 
ATOM   957  C  CA  . ASP A 1 118 ? -10.804 1.501   -9.032  1.00 18.49 ? 193 ASP A CA  1 
ATOM   958  C  C   . ASP A 1 118 ? -10.732 2.848   -9.745  1.00 17.46 ? 193 ASP A C   1 
ATOM   959  O  O   . ASP A 1 118 ? -9.937  3.707   -9.346  1.00 17.04 ? 193 ASP A O   1 
ATOM   960  C  CB  . ASP A 1 118 ? -11.263 1.740   -7.573  1.00 19.25 ? 193 ASP A CB  1 
ATOM   961  C  CG  . ASP A 1 118 ? -11.332 0.471   -6.765  1.00 19.94 ? 193 ASP A CG  1 
ATOM   962  O  OD1 . ASP A 1 118 ? -12.035 -0.460  -7.216  1.00 22.12 ? 193 ASP A OD1 1 
ATOM   963  O  OD2 . ASP A 1 118 ? -10.725 0.416   -5.672  1.00 20.10 ? 193 ASP A OD2 1 
ATOM   964  N  N   . PRO A 1 119 ? -11.569 3.046   -10.786 1.00 17.92 ? 194 PRO A N   1 
ATOM   965  C  CA  . PRO A 1 119 ? -11.556 4.311   -11.501 1.00 17.51 ? 194 PRO A CA  1 
ATOM   966  C  C   . PRO A 1 119 ? -11.817 5.469   -10.545 1.00 17.60 ? 194 PRO A C   1 
ATOM   967  O  O   . PRO A 1 119 ? -12.746 5.402   -9.728  1.00 18.79 ? 194 PRO A O   1 
ATOM   968  C  CB  . PRO A 1 119 ? -12.742 4.164   -12.491 1.00 17.34 ? 194 PRO A CB  1 
ATOM   969  C  CG  . PRO A 1 119 ? -12.825 2.704   -12.742 1.00 21.02 ? 194 PRO A CG  1 
ATOM   970  C  CD  . PRO A 1 119 ? -12.549 2.110   -11.357 1.00 18.22 ? 194 PRO A CD  1 
ATOM   971  N  N   . GLY A 1 120 ? -10.999 6.518   -10.629 1.00 16.58 ? 195 GLY A N   1 
ATOM   972  C  CA  . GLY A 1 120 ? -11.241 7.727   -9.823  1.00 16.19 ? 195 GLY A CA  1 
ATOM   973  C  C   . GLY A 1 120 ? -10.670 7.678   -8.416  1.00 17.37 ? 195 GLY A C   1 
ATOM   974  O  O   . GLY A 1 120 ? -10.836 8.639   -7.663  1.00 16.62 ? 195 GLY A O   1 
ATOM   975  N  N   . VAL A 1 121 ? -10.019 6.560   -8.078  1.00 15.90 ? 196 VAL A N   1 
ATOM   976  C  CA  . VAL A 1 121 ? -9.383  6.392   -6.749  1.00 16.55 ? 196 VAL A CA  1 
ATOM   977  C  C   . VAL A 1 121 ? -7.883  6.268   -6.955  1.00 16.79 ? 196 VAL A C   1 
ATOM   978  O  O   . VAL A 1 121 ? -7.435  5.566   -7.896  1.00 17.35 ? 196 VAL A O   1 
ATOM   979  C  CB  . VAL A 1 121 ? -9.919  5.138   -6.005  1.00 15.94 ? 196 VAL A CB  1 
ATOM   980  C  CG1 . VAL A 1 121 ? -9.385  5.106   -4.538  1.00 17.26 ? 196 VAL A CG1 1 
ATOM   981  C  CG2 . VAL A 1 121 ? -11.439 5.104   -5.983  1.00 18.15 ? 196 VAL A CG2 1 
ATOM   982  N  N   . SER A 1 122 ? -7.128  6.967   -6.094  1.00 17.41 ? 197 SER A N   1 
ATOM   983  C  CA  . SER A 1 122 ? -5.650  6.958   -6.138  1.00 18.09 ? 197 SER A CA  1 
ATOM   984  C  C   . SER A 1 122 ? -5.105  6.234   -4.913  1.00 18.90 ? 197 SER A C   1 
ATOM   985  O  O   . SER A 1 122 ? -5.832  6.069   -3.906  1.00 19.99 ? 197 SER A O   1 
ATOM   986  C  CB  . SER A 1 122 ? -5.133  8.401   -6.190  1.00 19.78 ? 197 SER A CB  1 
ATOM   987  O  OG  . SER A 1 122 ? -5.534  9.032   -7.401  1.00 20.45 ? 197 SER A OG  1 
ATOM   988  N  N   . GLY A 1 123 ? -3.865  5.769   -4.996  1.00 18.00 ? 198 GLY A N   1 
ATOM   989  C  CA  . GLY A 1 123 ? -3.166  5.193   -3.857  1.00 18.14 ? 198 GLY A CA  1 
ATOM   990  C  C   . GLY A 1 123 ? -1.830  5.862   -3.618  1.00 17.98 ? 198 GLY A C   1 
ATOM   991  O  O   . GLY A 1 123 ? -1.136  6.230   -4.570  1.00 17.67 ? 198 GLY A O   1 
ATOM   992  N  N   . ILE A 1 124 ? -1.473  6.018   -2.341  1.00 17.29 ? 199 ILE A N   1 
ATOM   993  C  CA  . ILE A 1 124 ? -0.133  6.513   -1.959  1.00 17.50 ? 199 ILE A CA  1 
ATOM   994  C  C   . ILE A 1 124 ? 0.373   5.580   -0.868  1.00 16.51 ? 199 ILE A C   1 
ATOM   995  O  O   . ILE A 1 124 ? -0.327  5.349   0.120   1.00 17.19 ? 199 ILE A O   1 
ATOM   996  C  CB  . ILE A 1 124 ? -0.158  8.001   -1.475  1.00 17.37 ? 199 ILE A CB  1 
ATOM   997  C  CG1 . ILE A 1 124 ? -0.528  8.893   -2.668  1.00 20.13 ? 199 ILE A CG1 1 
ATOM   998  C  CG2 . ILE A 1 124 ? 1.219   8.381   -0.925  1.00 17.85 ? 199 ILE A CG2 1 
ATOM   999  C  CD1 . ILE A 1 124 ? -0.865  10.385  -2.359  1.00 20.28 ? 199 ILE A CD1 1 
ATOM   1000 N  N   . SER A 1 125 ? 1.556   4.994   -1.050  1.00 16.81 ? 200 SER A N   1 
ATOM   1001 C  CA  A SER A 1 125 ? 1.986   3.927   -0.142  0.50 17.30 ? 200 SER A CA  1 
ATOM   1002 C  CA  B SER A 1 125 ? 1.984   3.903   -0.173  0.50 16.38 ? 200 SER A CA  1 
ATOM   1003 C  C   . SER A 1 125 ? 3.473   3.972   0.140   1.00 17.23 ? 200 SER A C   1 
ATOM   1004 O  O   . SER A 1 125 ? 4.264   4.403   -0.706  1.00 17.79 ? 200 SER A O   1 
ATOM   1005 C  CB  A SER A 1 125 ? 1.611   2.547   -0.693  0.50 18.05 ? 200 SER A CB  1 
ATOM   1006 C  CB  B SER A 1 125 ? 1.632   2.553   -0.817  0.50 17.06 ? 200 SER A CB  1 
ATOM   1007 O  OG  A SER A 1 125 ? 0.277   2.530   -1.157  0.50 20.36 ? 200 SER A OG  1 
ATOM   1008 O  OG  B SER A 1 125 ? 1.985   1.457   0.005   0.50 13.55 ? 200 SER A OG  1 
ATOM   1009 N  N   . ALA A 1 126 ? 3.835   3.542   1.348   1.00 16.09 ? 201 ALA A N   1 
ATOM   1010 C  CA  . ALA A 1 126 ? 5.244   3.473   1.738   1.00 15.79 ? 201 ALA A CA  1 
ATOM   1011 C  C   . ALA A 1 126 ? 5.524   2.143   2.434   1.00 16.20 ? 201 ALA A C   1 
ATOM   1012 O  O   . ALA A 1 126 ? 4.634   1.604   3.068   1.00 16.58 ? 201 ALA A O   1 
ATOM   1013 C  CB  . ALA A 1 126 ? 5.611   4.664   2.637   1.00 15.71 ? 201 ALA A CB  1 
ATOM   1014 N  N   . PRO A 1 127 ? 6.752   1.621   2.307   1.00 16.17 ? 202 PRO A N   1 
ATOM   1015 C  CA  . PRO A 1 127 ? 7.043   0.281   2.841   1.00 17.00 ? 202 PRO A CA  1 
ATOM   1016 C  C   . PRO A 1 127 ? 7.253   0.308   4.352   1.00 17.62 ? 202 PRO A C   1 
ATOM   1017 O  O   . PRO A 1 127 ? 7.766   1.299   4.901   1.00 18.27 ? 202 PRO A O   1 
ATOM   1018 C  CB  . PRO A 1 127 ? 8.373   -0.081  2.169   1.00 17.23 ? 202 PRO A CB  1 
ATOM   1019 C  CG  . PRO A 1 127 ? 9.069   1.274   1.977   1.00 16.97 ? 202 PRO A CG  1 
ATOM   1020 C  CD  . PRO A 1 127 ? 7.957   2.237   1.678   1.00 16.65 ? 202 PRO A CD  1 
ATOM   1021 N  N   . VAL A 1 128 ? 6.870   -0.788  4.999   1.00 18.77 ? 203 VAL A N   1 
ATOM   1022 C  CA  . VAL A 1 128 ? 7.193   -0.994  6.413   1.00 19.20 ? 203 VAL A CA  1 
ATOM   1023 C  C   . VAL A 1 128 ? 8.265   -2.056  6.415   1.00 20.15 ? 203 VAL A C   1 
ATOM   1024 O  O   . VAL A 1 128 ? 8.064   -3.149  5.888   1.00 19.77 ? 203 VAL A O   1 
ATOM   1025 C  CB  . VAL A 1 128 ? 5.965   -1.451  7.210   1.00 19.42 ? 203 VAL A CB  1 
ATOM   1026 C  CG1 . VAL A 1 128 ? 6.338   -1.825  8.629   1.00 19.52 ? 203 VAL A CG1 1 
ATOM   1027 C  CG2 . VAL A 1 128 ? 4.899   -0.351  7.213   1.00 19.05 ? 203 VAL A CG2 1 
HETATM 1028 N  N   . MSE A 1 129 ? 9.406   -1.693  6.992   1.00 21.23 ? 204 MSE A N   1 
HETATM 1029 C  CA  . MSE A 1 129 ? 10.611  -2.498  6.978   1.00 22.65 ? 204 MSE A CA  1 
HETATM 1030 C  C   . MSE A 1 129 ? 10.979  -2.906  8.393   1.00 23.20 ? 204 MSE A C   1 
HETATM 1031 O  O   . MSE A 1 129 ? 10.842  -2.103  9.322   1.00 22.78 ? 204 MSE A O   1 
HETATM 1032 C  CB  . MSE A 1 129 ? 11.794  -1.687  6.402   1.00 23.50 ? 204 MSE A CB  1 
HETATM 1033 C  CG  . MSE A 1 129 ? 11.546  -0.976  5.080   1.00 25.62 ? 204 MSE A CG  1 
HETATM 1034 SE SE  . MSE A 1 129 ? 11.469  -2.296  3.649   1.00 34.75 ? 204 MSE A SE  1 
HETATM 1035 C  CE  . MSE A 1 129 ? 13.298  -3.028  3.678   1.00 29.44 ? 204 MSE A CE  1 
ATOM   1036 N  N   . LYS A 1 130 ? 11.464  -4.138  8.542   1.00 23.93 ? 205 LYS A N   1 
ATOM   1037 C  CA  . LYS A 1 130 ? 12.136  -4.568  9.771   1.00 25.30 ? 205 LYS A CA  1 
ATOM   1038 C  C   . LYS A 1 130 ? 13.540  -4.903  9.330   1.00 25.12 ? 205 LYS A C   1 
ATOM   1039 O  O   . LYS A 1 130 ? 13.774  -5.938  8.704   1.00 24.26 ? 205 LYS A O   1 
ATOM   1040 C  CB  . LYS A 1 130 ? 11.447  -5.775  10.412  1.00 24.97 ? 205 LYS A CB  1 
ATOM   1041 C  CG  . LYS A 1 130 ? 12.098  -6.236  11.743  1.00 27.68 ? 205 LYS A CG  1 
ATOM   1042 C  CD  . LYS A 1 130 ? 11.422  -7.498  12.254  1.00 27.59 ? 205 LYS A CD  1 
ATOM   1043 C  CE  . LYS A 1 130 ? 12.276  -8.249  13.273  1.00 32.00 ? 205 LYS A CE  1 
ATOM   1044 N  NZ  . LYS A 1 130 ? 11.822  -9.675  13.363  1.00 32.90 ? 205 LYS A NZ  1 
ATOM   1045 N  N   . GLY A 1 131 ? 14.455  -3.981  9.615   1.00 26.02 ? 206 GLY A N   1 
ATOM   1046 C  CA  . GLY A 1 131 ? 15.803  -4.036  9.078   1.00 27.19 ? 206 GLY A CA  1 
ATOM   1047 C  C   . GLY A 1 131 ? 15.755  -3.937  7.565   1.00 27.19 ? 206 GLY A C   1 
ATOM   1048 O  O   . GLY A 1 131 ? 15.136  -3.026  7.015   1.00 27.98 ? 206 GLY A O   1 
ATOM   1049 N  N   . SER A 1 132 ? 16.407  -4.888  6.899   1.00 27.29 ? 207 SER A N   1 
ATOM   1050 C  CA  . SER A 1 132 ? 16.391  -4.932  5.438   1.00 27.66 ? 207 SER A CA  1 
ATOM   1051 C  C   . SER A 1 132 ? 15.220  -5.751  4.865   1.00 27.20 ? 207 SER A C   1 
ATOM   1052 O  O   . SER A 1 132 ? 15.113  -5.914  3.645   1.00 27.70 ? 207 SER A O   1 
ATOM   1053 C  CB  . SER A 1 132 ? 17.731  -5.449  4.893   1.00 27.65 ? 207 SER A CB  1 
ATOM   1054 O  OG  . SER A 1 132 ? 17.937  -6.801  5.261   1.00 29.05 ? 207 SER A OG  1 
ATOM   1055 N  N   . LYS A 1 133 ? 14.342  -6.258  5.736   1.00 26.28 ? 208 LYS A N   1 
ATOM   1056 C  CA  . LYS A 1 133 ? 13.219  -7.078  5.273   1.00 24.48 ? 208 LYS A CA  1 
ATOM   1057 C  C   . LYS A 1 133 ? 11.945  -6.277  5.139   1.00 22.84 ? 208 LYS A C   1 
ATOM   1058 O  O   . LYS A 1 133 ? 11.522  -5.592  6.072   1.00 21.83 ? 208 LYS A O   1 
ATOM   1059 C  CB  . LYS A 1 133 ? 12.953  -8.254  6.206   1.00 24.44 ? 208 LYS A CB  1 
ATOM   1060 C  CG  . LYS A 1 133 ? 11.763  -9.086  5.788   1.00 27.16 ? 208 LYS A CG  1 
ATOM   1061 C  CD  . LYS A 1 133 ? 11.599  -10.349 6.628   1.00 32.16 ? 208 LYS A CD  1 
ATOM   1062 C  CE  . LYS A 1 133 ? 10.149  -10.837 6.552   1.00 36.30 ? 208 LYS A CE  1 
ATOM   1063 N  NZ  . LYS A 1 133 ? 9.946   -12.092 7.323   1.00 36.49 ? 208 LYS A NZ  1 
ATOM   1064 N  N   . LEU A 1 134 ? 11.318  -6.395  3.976   1.00 21.12 ? 209 LEU A N   1 
ATOM   1065 C  CA  . LEU A 1 134 ? 10.009  -5.804  3.773   1.00 20.61 ? 209 LEU A CA  1 
ATOM   1066 C  C   . LEU A 1 134 ? 8.970   -6.648  4.497   1.00 20.54 ? 209 LEU A C   1 
ATOM   1067 O  O   . LEU A 1 134 ? 8.852   -7.865  4.250   1.00 21.32 ? 209 LEU A O   1 
ATOM   1068 C  CB  . LEU A 1 134 ? 9.656   -5.772  2.281   1.00 20.59 ? 209 LEU A CB  1 
ATOM   1069 C  CG  . LEU A 1 134 ? 8.189   -5.324  2.126   1.00 20.48 ? 209 LEU A CG  1 
ATOM   1070 C  CD1 . LEU A 1 134 ? 8.066   -3.798  2.098   1.00 18.47 ? 209 LEU A CD1 1 
ATOM   1071 C  CD2 . LEU A 1 134 ? 7.525   -5.990  0.958   1.00 17.71 ? 209 LEU A CD2 1 
ATOM   1072 N  N   . ILE A 1 135 ? 8.200   -6.010  5.373   1.00 19.76 ? 210 ILE A N   1 
ATOM   1073 C  CA  . ILE A 1 135 ? 7.151   -6.728  6.078   1.00 20.73 ? 210 ILE A CA  1 
ATOM   1074 C  C   . ILE A 1 135 ? 5.728   -6.322  5.675   1.00 19.14 ? 210 ILE A C   1 
ATOM   1075 O  O   . ILE A 1 135 ? 4.802   -7.118  5.783   1.00 19.79 ? 210 ILE A O   1 
ATOM   1076 C  CB  . ILE A 1 135 ? 7.347   -6.745  7.620   1.00 21.12 ? 210 ILE A CB  1 
ATOM   1077 C  CG1 . ILE A 1 135 ? 7.279   -5.350  8.201   1.00 23.14 ? 210 ILE A CG1 1 
ATOM   1078 C  CG2 . ILE A 1 135 ? 8.658   -7.560  8.012   1.00 22.79 ? 210 ILE A CG2 1 
ATOM   1079 C  CD1 . ILE A 1 135 ? 7.452   -5.254  9.729   1.00 23.76 ? 210 ILE A CD1 1 
ATOM   1080 N  N   . GLY A 1 136 ? 5.567   -5.105  5.177   1.00 17.43 ? 211 GLY A N   1 
ATOM   1081 C  CA  . GLY A 1 136 ? 4.249   -4.644  4.767   1.00 16.85 ? 211 GLY A CA  1 
ATOM   1082 C  C   . GLY A 1 136 ? 4.296   -3.268  4.144   1.00 16.47 ? 211 GLY A C   1 
ATOM   1083 O  O   . GLY A 1 136 ? 5.353   -2.795  3.696   1.00 16.79 ? 211 GLY A O   1 
ATOM   1084 N  N   . ALA A 1 137 ? 3.137   -2.625  4.083   1.00 15.93 ? 212 ALA A N   1 
ATOM   1085 C  CA  . ALA A 1 137 ? 3.079   -1.263  3.539   1.00 16.47 ? 212 ALA A CA  1 
ATOM   1086 C  C   . ALA A 1 137 ? 1.963   -0.520  4.209   1.00 16.75 ? 212 ALA A C   1 
ATOM   1087 O  O   . ALA A 1 137 ? 0.945   -1.122  4.530   1.00 18.21 ? 212 ALA A O   1 
ATOM   1088 C  CB  . ALA A 1 137 ? 2.873   -1.267  2.050   1.00 16.71 ? 212 ALA A CB  1 
ATOM   1089 N  N   . ILE A 1 138 ? 2.135   0.796   4.378   1.00 16.81 ? 213 ILE A N   1 
ATOM   1090 C  CA  . ILE A 1 138 ? 1.023   1.663   4.814   1.00 17.08 ? 213 ILE A CA  1 
ATOM   1091 C  C   . ILE A 1 138 ? 0.545   2.395   3.595   1.00 17.48 ? 213 ILE A C   1 
ATOM   1092 O  O   . ILE A 1 138 ? 1.364   2.862   2.793   1.00 16.69 ? 213 ILE A O   1 
ATOM   1093 C  CB  . ILE A 1 138 ? 1.501   2.718   5.869   1.00 17.15 ? 213 ILE A CB  1 
ATOM   1094 C  CG1 . ILE A 1 138 ? 1.854   2.018   7.192   1.00 19.75 ? 213 ILE A CG1 1 
ATOM   1095 C  CG2 . ILE A 1 138 ? 0.437   3.858   6.032   1.00 18.28 ? 213 ILE A CG2 1 
ATOM   1096 C  CD1 . ILE A 1 138 ? 0.647   1.470   7.958   1.00 23.60 ? 213 ILE A CD1 1 
ATOM   1097 N  N   . SER A 1 139 ? -0.768  2.517   3.440   1.00 17.87 ? 214 SER A N   1 
ATOM   1098 C  CA  A SER A 1 139 ? -1.339  3.118   2.250   0.50 17.94 ? 214 SER A CA  1 
ATOM   1099 C  CA  B SER A 1 139 ? -1.321  3.154   2.255   0.50 18.78 ? 214 SER A CA  1 
ATOM   1100 C  C   . SER A 1 139 ? -2.509  4.026   2.598   1.00 18.77 ? 214 SER A C   1 
ATOM   1101 O  O   . SER A 1 139 ? -3.229  3.753   3.560   1.00 18.69 ? 214 SER A O   1 
ATOM   1102 C  CB  A SER A 1 139 ? -1.830  2.014   1.319   0.50 18.41 ? 214 SER A CB  1 
ATOM   1103 C  CB  B SER A 1 139 ? -1.754  2.099   1.240   0.50 19.38 ? 214 SER A CB  1 
ATOM   1104 O  OG  A SER A 1 139 ? -0.780  1.108   0.991   0.50 16.98 ? 214 SER A OG  1 
ATOM   1105 O  OG  B SER A 1 139 ? -2.254  2.681   0.042   0.50 23.11 ? 214 SER A OG  1 
ATOM   1106 N  N   . VAL A 1 140 ? -2.664  5.091   1.822   1.00 18.34 ? 215 VAL A N   1 
ATOM   1107 C  CA  . VAL A 1 140 ? -3.906  5.862   1.802   1.00 18.55 ? 215 VAL A CA  1 
ATOM   1108 C  C   . VAL A 1 140 ? -4.540  5.618   0.443   1.00 18.54 ? 215 VAL A C   1 
ATOM   1109 O  O   . VAL A 1 140 ? -3.853  5.637   -0.601  1.00 18.30 ? 215 VAL A O   1 
ATOM   1110 C  CB  . VAL A 1 140 ? -3.650  7.354   2.035   1.00 18.28 ? 215 VAL A CB  1 
ATOM   1111 C  CG1 . VAL A 1 140 ? -4.824  8.245   1.510   1.00 20.45 ? 215 VAL A CG1 1 
ATOM   1112 C  CG2 . VAL A 1 140 ? -3.363  7.594   3.542   1.00 18.17 ? 215 VAL A CG2 1 
HETATM 1113 N  N   . MSE A 1 141 ? -5.843  5.347   0.469   1.00 19.50 ? 216 MSE A N   1 
HETATM 1114 C  CA  . MSE A 1 141 ? -6.675  5.160   -0.734  1.00 21.45 ? 216 MSE A CA  1 
HETATM 1115 C  C   . MSE A 1 141 ? -7.695  6.279   -0.699  1.00 20.42 ? 216 MSE A C   1 
HETATM 1116 O  O   . MSE A 1 141 ? -8.430  6.406   0.286   1.00 19.46 ? 216 MSE A O   1 
HETATM 1117 C  CB  . MSE A 1 141 ? -7.392  3.806   -0.674  1.00 22.69 ? 216 MSE A CB  1 
HETATM 1118 C  CG  . MSE A 1 141 ? -6.462  2.614   -0.743  1.00 29.38 ? 216 MSE A CG  1 
HETATM 1119 SE SE  . MSE A 1 141 ? -5.851  2.148   1.067   1.00 49.16 ? 216 MSE A SE  1 
HETATM 1120 C  CE  . MSE A 1 141 ? -6.884  0.500   1.226   1.00 42.40 ? 216 MSE A CE  1 
ATOM   1121 N  N   . ALA A 1 142 ? -7.735  7.108   -1.742  1.00 18.74 ? 217 ALA A N   1 
ATOM   1122 C  CA  . ALA A 1 142 ? -8.483  8.342   -1.675  1.00 18.29 ? 217 ALA A CA  1 
ATOM   1123 C  C   . ALA A 1 142 ? -8.915  8.776   -3.087  1.00 17.62 ? 217 ALA A C   1 
ATOM   1124 O  O   . ALA A 1 142 ? -8.223  8.473   -4.065  1.00 17.54 ? 217 ALA A O   1 
ATOM   1125 C  CB  . ALA A 1 142 ? -7.614  9.425   -1.032  1.00 19.50 ? 217 ALA A CB  1 
ATOM   1126 N  N   . PRO A 1 143 ? -10.064 9.477   -3.192  1.00 17.74 ? 218 PRO A N   1 
ATOM   1127 C  CA  . PRO A 1 143 ? -10.543 9.918   -4.502  1.00 17.16 ? 218 PRO A CA  1 
ATOM   1128 C  C   . PRO A 1 143 ? -9.500  10.834  -5.153  1.00 17.69 ? 218 PRO A C   1 
ATOM   1129 O  O   . PRO A 1 143 ? -8.936  11.706  -4.478  1.00 17.89 ? 218 PRO A O   1 
ATOM   1130 C  CB  . PRO A 1 143 ? -11.825 10.720  -4.176  1.00 17.63 ? 218 PRO A CB  1 
ATOM   1131 C  CG  . PRO A 1 143 ? -11.744 11.016  -2.713  1.00 20.26 ? 218 PRO A CG  1 
ATOM   1132 C  CD  . PRO A 1 143 ? -10.919 9.925   -2.082  1.00 18.47 ? 218 PRO A CD  1 
ATOM   1133 N  N   . ALA A 1 144 ? -9.260  10.661  -6.451  1.00 18.73 ? 219 ALA A N   1 
ATOM   1134 C  CA  . ALA A 1 144 ? -8.353  11.550  -7.147  1.00 19.62 ? 219 ALA A CA  1 
ATOM   1135 C  C   . ALA A 1 144 ? -8.742  13.024  -6.912  1.00 19.85 ? 219 ALA A C   1 
ATOM   1136 O  O   . ALA A 1 144 ? -7.869  13.892  -6.858  1.00 21.32 ? 219 ALA A O   1 
ATOM   1137 C  CB  . ALA A 1 144 ? -8.328  11.214  -8.631  1.00 19.80 ? 219 ALA A CB  1 
ATOM   1138 N  N   . HIS A 1 145 ? -10.042 13.295  -6.746  1.00 19.53 ? 220 HIS A N   1 
ATOM   1139 C  CA  . HIS A 1 145 ? -10.547 14.679  -6.560  1.00 20.79 ? 220 HIS A CA  1 
ATOM   1140 C  C   . HIS A 1 145 ? -9.845  15.332  -5.352  1.00 21.02 ? 220 HIS A C   1 
ATOM   1141 O  O   . HIS A 1 145 ? -9.474  16.532  -5.394  1.00 23.00 ? 220 HIS A O   1 
ATOM   1142 C  CB  . HIS A 1 145 ? -12.067 14.684  -6.345  1.00 20.38 ? 220 HIS A CB  1 
ATOM   1143 C  CG  . HIS A 1 145 ? -12.615 16.053  -6.139  1.00 22.12 ? 220 HIS A CG  1 
ATOM   1144 N  ND1 . HIS A 1 145 ? -12.753 16.956  -7.172  1.00 25.06 ? 220 HIS A ND1 1 
ATOM   1145 C  CD2 . HIS A 1 145 ? -13.027 16.689  -5.019  1.00 23.96 ? 220 HIS A CD2 1 
ATOM   1146 C  CE1 . HIS A 1 145 ? -13.243 18.088  -6.694  1.00 22.15 ? 220 HIS A CE1 1 
ATOM   1147 N  NE2 . HIS A 1 145 ? -13.401 17.954  -5.387  1.00 24.11 ? 220 HIS A NE2 1 
ATOM   1148 N  N   . ARG A 1 146 ? -9.659  14.546  -4.290  1.00 20.11 ? 221 ARG A N   1 
ATOM   1149 C  CA  . ARG A 1 146 ? -9.005  15.055  -3.078  1.00 20.11 ? 221 ARG A CA  1 
ATOM   1150 C  C   . ARG A 1 146 ? -7.495  14.918  -3.090  1.00 20.90 ? 221 ARG A C   1 
ATOM   1151 O  O   . ARG A 1 146 ? -6.794  15.758  -2.510  1.00 21.78 ? 221 ARG A O   1 
ATOM   1152 C  CB  . ARG A 1 146 ? -9.595  14.411  -1.817  1.00 19.38 ? 221 ARG A CB  1 
ATOM   1153 C  CG  . ARG A 1 146 ? -11.047 14.786  -1.638  1.00 19.76 ? 221 ARG A CG  1 
ATOM   1154 C  CD  . ARG A 1 146 ? -11.529 14.612  -0.221  1.00 20.87 ? 221 ARG A CD  1 
ATOM   1155 N  NE  . ARG A 1 146 ? -11.440 13.240  0.254   1.00 21.71 ? 221 ARG A NE  1 
ATOM   1156 C  CZ  . ARG A 1 146 ? -12.446 12.368  0.221   1.00 20.92 ? 221 ARG A CZ  1 
ATOM   1157 N  NH1 . ARG A 1 146 ? -12.259 11.145  0.704   1.00 21.24 ? 221 ARG A NH1 1 
ATOM   1158 N  NH2 . ARG A 1 146 ? -13.618 12.709  -0.311  1.00 19.25 ? 221 ARG A NH2 1 
ATOM   1159 N  N   . VAL A 1 147 ? -6.981  13.865  -3.719  1.00 20.11 ? 222 VAL A N   1 
ATOM   1160 C  CA  . VAL A 1 147 ? -5.530  13.672  -3.778  1.00 21.64 ? 222 VAL A CA  1 
ATOM   1161 C  C   . VAL A 1 147 ? -4.876  14.793  -4.569  1.00 22.43 ? 222 VAL A C   1 
ATOM   1162 O  O   . VAL A 1 147 ? -3.789  15.247  -4.204  1.00 22.17 ? 222 VAL A O   1 
ATOM   1163 C  CB  . VAL A 1 147 ? -5.148  12.292  -4.356  1.00 21.39 ? 222 VAL A CB  1 
ATOM   1164 C  CG1 . VAL A 1 147 ? -3.627  12.178  -4.524  1.00 23.50 ? 222 VAL A CG1 1 
ATOM   1165 C  CG2 . VAL A 1 147 ? -5.665  11.179  -3.421  1.00 20.22 ? 222 VAL A CG2 1 
ATOM   1166 N  N   . GLU A 1 148 ? -5.553  15.261  -5.620  1.00 22.97 ? 223 GLU A N   1 
ATOM   1167 C  CA  . GLU A 1 148 ? -5.049  16.369  -6.433  1.00 25.08 ? 223 GLU A CA  1 
ATOM   1168 C  C   . GLU A 1 148 ? -4.805  17.651  -5.642  1.00 25.33 ? 223 GLU A C   1 
ATOM   1169 O  O   . GLU A 1 148 ? -3.967  18.468  -6.022  1.00 26.98 ? 223 GLU A O   1 
ATOM   1170 C  CB  . GLU A 1 148 ? -5.993  16.633  -7.607  1.00 26.01 ? 223 GLU A CB  1 
ATOM   1171 C  CG  . GLU A 1 148 ? -5.863  15.561  -8.650  1.00 30.29 ? 223 GLU A CG  1 
ATOM   1172 C  CD  . GLU A 1 148 ? -6.902  15.654  -9.752  1.00 35.52 ? 223 GLU A CD  1 
ATOM   1173 O  OE1 . GLU A 1 148 ? -7.657  16.663  -9.817  1.00 38.08 ? 223 GLU A OE1 1 
ATOM   1174 O  OE2 . GLU A 1 148 ? -6.956  14.699  -10.560 1.00 37.03 ? 223 GLU A OE2 1 
ATOM   1175 N  N   . SER A 1 149 ? -5.510  17.819  -4.531  1.00 22.42 ? 224 SER A N   1 
ATOM   1176 C  CA  . SER A 1 149 ? -5.373  19.023  -3.722  1.00 22.62 ? 224 SER A CA  1 
ATOM   1177 C  C   . SER A 1 149 ? -4.470  18.780  -2.507  1.00 21.16 ? 224 SER A C   1 
ATOM   1178 O  O   . SER A 1 149 ? -4.150  19.741  -1.761  1.00 20.85 ? 224 SER A O   1 
ATOM   1179 C  CB  . SER A 1 149 ? -6.760  19.447  -3.207  1.00 23.41 ? 224 SER A CB  1 
ATOM   1180 O  OG  . SER A 1 149 ? -7.572  19.912  -4.284  1.00 26.85 ? 224 SER A OG  1 
ATOM   1181 N  N   . ASN A 1 150 ? -4.094  17.524  -2.282  1.00 19.20 ? 225 ASN A N   1 
ATOM   1182 C  CA  . ASN A 1 150 ? -3.434  17.153  -1.003  1.00 18.29 ? 225 ASN A CA  1 
ATOM   1183 C  C   . ASN A 1 150 ? -2.285  16.177  -1.176  1.00 18.41 ? 225 ASN A C   1 
ATOM   1184 O  O   . ASN A 1 150 ? -1.926  15.438  -0.238  1.00 17.42 ? 225 ASN A O   1 
ATOM   1185 C  CB  . ASN A 1 150 ? -4.452  16.560  -0.020  1.00 18.76 ? 225 ASN A CB  1 
ATOM   1186 C  CG  . ASN A 1 150 ? -5.468  17.569  0.429   1.00 18.22 ? 225 ASN A CG  1 
ATOM   1187 O  OD1 . ASN A 1 150 ? -5.183  18.388  1.293   1.00 19.75 ? 225 ASN A OD1 1 
ATOM   1188 N  ND2 . ASN A 1 150 ? -6.659  17.543  -0.187  1.00 20.05 ? 225 ASN A ND2 1 
ATOM   1189 N  N   . LYS A 1 151 ? -1.697  16.155  -2.372  1.00 18.89 ? 226 LYS A N   1 
ATOM   1190 C  CA  . LYS A 1 151 ? -0.741  15.084  -2.670  1.00 19.60 ? 226 LYS A CA  1 
ATOM   1191 C  C   . LYS A 1 151 ? 0.494   15.069  -1.748  1.00 19.12 ? 226 LYS A C   1 
ATOM   1192 O  O   . LYS A 1 151 ? 0.825   14.015  -1.151  1.00 18.61 ? 226 LYS A O   1 
ATOM   1193 C  CB  . LYS A 1 151 ? -0.343  15.161  -4.146  1.00 20.75 ? 226 LYS A CB  1 
ATOM   1194 C  CG  . LYS A 1 151 ? 0.405   13.937  -4.592  1.00 22.62 ? 226 LYS A CG  1 
ATOM   1195 C  CD  . LYS A 1 151 ? 0.738   14.025  -6.073  1.00 25.88 ? 226 LYS A CD  1 
ATOM   1196 C  CE  . LYS A 1 151 ? 1.588   12.850  -6.481  1.00 30.82 ? 226 LYS A CE  1 
ATOM   1197 N  NZ  . LYS A 1 151 ? 2.112   13.070  -7.866  1.00 34.02 ? 226 LYS A NZ  1 
ATOM   1198 N  N   . GLN A 1 152 ? 1.161   16.223  -1.598  1.00 19.35 ? 227 GLN A N   1 
ATOM   1199 C  CA  . GLN A 1 152 ? 2.371   16.279  -0.774  1.00 19.17 ? 227 GLN A CA  1 
ATOM   1200 C  C   . GLN A 1 152 ? 2.028   15.986  0.691   1.00 17.59 ? 227 GLN A C   1 
ATOM   1201 O  O   . GLN A 1 152 ? 2.786   15.294  1.382   1.00 17.57 ? 227 GLN A O   1 
ATOM   1202 C  CB  . GLN A 1 152 ? 3.056   17.648  -0.919  1.00 20.32 ? 227 GLN A CB  1 
ATOM   1203 C  CG  . GLN A 1 152 ? 4.230   17.884  0.057   1.00 24.38 ? 227 GLN A CG  1 
ATOM   1204 C  CD  . GLN A 1 152 ? 5.531   17.183  -0.333  1.00 31.76 ? 227 GLN A CD  1 
ATOM   1205 O  OE1 . GLN A 1 152 ? 5.534   16.138  -0.993  1.00 33.86 ? 227 GLN A OE1 1 
ATOM   1206 N  NE2 . GLN A 1 152 ? 6.652   17.759  0.108   1.00 33.72 ? 227 GLN A NE2 1 
ATOM   1207 N  N   . ARG A 1 153 ? 0.886   16.495  1.148   1.00 16.66 ? 228 ARG A N   1 
ATOM   1208 C  CA  . ARG A 1 153 ? 0.428   16.222  2.512   1.00 15.80 ? 228 ARG A CA  1 
ATOM   1209 C  C   . ARG A 1 153 ? 0.253   14.725  2.750   1.00 17.31 ? 228 ARG A C   1 
ATOM   1210 O  O   . ARG A 1 153 ? 0.729   14.190  3.742   1.00 16.96 ? 228 ARG A O   1 
ATOM   1211 C  CB  . ARG A 1 153 ? -0.916  16.933  2.729   1.00 16.58 ? 228 ARG A CB  1 
ATOM   1212 C  CG  . ARG A 1 153 ? -1.673  16.574  4.003   1.00 17.13 ? 228 ARG A CG  1 
ATOM   1213 C  CD  . ARG A 1 153 ? -3.043  17.209  3.917   1.00 17.11 ? 228 ARG A CD  1 
ATOM   1214 N  NE  . ARG A 1 153 ? -3.831  17.126  5.157   1.00 17.22 ? 228 ARG A NE  1 
ATOM   1215 C  CZ  . ARG A 1 153 ? -5.078  17.570  5.262   1.00 20.55 ? 228 ARG A CZ  1 
ATOM   1216 N  NH1 . ARG A 1 153 ? -5.699  17.497  6.440   1.00 19.46 ? 228 ARG A NH1 1 
ATOM   1217 N  NH2 . ARG A 1 153 ? -5.701  18.103  4.213   1.00 19.48 ? 228 ARG A NH2 1 
ATOM   1218 N  N   . ILE A 1 154 ? -0.432  14.048  1.846   1.00 16.52 ? 229 ILE A N   1 
ATOM   1219 C  CA  . ILE A 1 154 ? -0.632  12.599  1.998   1.00 17.05 ? 229 ILE A CA  1 
ATOM   1220 C  C   . ILE A 1 154 ? 0.680   11.838  1.936   1.00 16.96 ? 229 ILE A C   1 
ATOM   1221 O  O   . ILE A 1 154 ? 0.935   10.976  2.770   1.00 17.35 ? 229 ILE A O   1 
ATOM   1222 C  CB  . ILE A 1 154 ? -1.657  12.093  0.981   1.00 16.43 ? 229 ILE A CB  1 
ATOM   1223 C  CG1 . ILE A 1 154 ? -3.021  12.750  1.309   1.00 17.40 ? 229 ILE A CG1 1 
ATOM   1224 C  CG2 . ILE A 1 154 ? -1.726  10.545  1.021   1.00 18.61 ? 229 ILE A CG2 1 
ATOM   1225 C  CD1 . ILE A 1 154 ? -4.064  12.589  0.169   1.00 18.35 ? 229 ILE A CD1 1 
ATOM   1226 N  N   . ILE A 1 155 ? 1.518   12.158  0.944   1.00 16.42 ? 230 ILE A N   1 
ATOM   1227 C  CA  . ILE A 1 155 ? 2.857   11.511  0.860   1.00 17.08 ? 230 ILE A CA  1 
ATOM   1228 C  C   . ILE A 1 155 ? 3.630   11.643  2.192   1.00 16.59 ? 230 ILE A C   1 
ATOM   1229 O  O   . ILE A 1 155 ? 4.099   10.663  2.748   1.00 16.20 ? 230 ILE A O   1 
ATOM   1230 C  CB  . ILE A 1 155 ? 3.647   12.129  -0.308  1.00 17.62 ? 230 ILE A CB  1 
ATOM   1231 C  CG1 . ILE A 1 155 ? 3.009   11.720  -1.643  1.00 18.52 ? 230 ILE A CG1 1 
ATOM   1232 C  CG2 . ILE A 1 155 ? 5.172   11.759  -0.223  1.00 18.01 ? 230 ILE A CG2 1 
ATOM   1233 C  CD1 . ILE A 1 155 ? 3.532   12.537  -2.828  1.00 21.13 ? 230 ILE A CD1 1 
ATOM   1234 N  N   . LEU A 1 156 ? 3.733   12.865  2.718   1.00 16.30 ? 231 LEU A N   1 
ATOM   1235 C  CA  . LEU A 1 156 ? 4.512   13.058  3.949   1.00 16.48 ? 231 LEU A CA  1 
ATOM   1236 C  C   . LEU A 1 156 ? 3.907   12.259  5.115   1.00 16.23 ? 231 LEU A C   1 
ATOM   1237 O  O   . LEU A 1 156 ? 4.635   11.601  5.866   1.00 15.36 ? 231 LEU A O   1 
ATOM   1238 C  CB  . LEU A 1 156 ? 4.676   14.543  4.283   1.00 15.73 ? 231 LEU A CB  1 
ATOM   1239 C  CG  . LEU A 1 156 ? 5.609   15.261  3.295   1.00 16.73 ? 231 LEU A CG  1 
ATOM   1240 C  CD1 . LEU A 1 156 ? 5.537   16.741  3.611   1.00 18.59 ? 231 LEU A CD1 1 
ATOM   1241 C  CD2 . LEU A 1 156 ? 7.078   14.758  3.334   1.00 19.09 ? 231 LEU A CD2 1 
ATOM   1242 N  N   . HIS A 1 157 ? 2.578   12.278  5.265   1.00 16.82 ? 232 HIS A N   1 
ATOM   1243 C  CA  . HIS A 1 157 ? 1.971   11.568  6.377   1.00 16.59 ? 232 HIS A CA  1 
ATOM   1244 C  C   . HIS A 1 157 ? 2.067   10.037  6.230   1.00 16.53 ? 232 HIS A C   1 
ATOM   1245 O  O   . HIS A 1 157 ? 2.235   9.313   7.222   1.00 16.46 ? 232 HIS A O   1 
ATOM   1246 C  CB  . HIS A 1 157 ? 0.500   11.993  6.554   1.00 16.57 ? 232 HIS A CB  1 
ATOM   1247 C  CG  . HIS A 1 157 ? 0.325   13.337  7.203   1.00 15.62 ? 232 HIS A CG  1 
ATOM   1248 N  ND1 . HIS A 1 157 ? 0.997   13.710  8.356   1.00 16.53 ? 232 HIS A ND1 1 
ATOM   1249 C  CD2 . HIS A 1 157 ? -0.480  14.375  6.875   1.00 17.21 ? 232 HIS A CD2 1 
ATOM   1250 C  CE1 . HIS A 1 157 ? 0.615   14.944  8.693   1.00 16.38 ? 232 HIS A CE1 1 
ATOM   1251 N  NE2 . HIS A 1 157 ? -0.308  15.345  7.836   1.00 14.88 ? 232 HIS A NE2 1 
ATOM   1252 N  N   . VAL A 1 158 ? 2.018   9.557   4.995   1.00 16.11 ? 233 VAL A N   1 
ATOM   1253 C  CA  . VAL A 1 158 ? 2.163   8.113   4.733   1.00 17.37 ? 233 VAL A CA  1 
ATOM   1254 C  C   . VAL A 1 158 ? 3.593   7.659   5.041   1.00 17.33 ? 233 VAL A C   1 
ATOM   1255 O  O   . VAL A 1 158 ? 3.809   6.652   5.715   1.00 17.78 ? 233 VAL A O   1 
ATOM   1256 C  CB  . VAL A 1 158 ? 1.732   7.802   3.273   1.00 16.35 ? 233 VAL A CB  1 
ATOM   1257 C  CG1 . VAL A 1 158 ? 2.241   6.419   2.793   1.00 17.78 ? 233 VAL A CG1 1 
ATOM   1258 C  CG2 . VAL A 1 158 ? 0.213   7.881   3.162   1.00 16.89 ? 233 VAL A CG2 1 
ATOM   1259 N  N   . LEU A 1 159 ? 4.580   8.432   4.578   1.00 16.36 ? 234 LEU A N   1 
ATOM   1260 C  CA  . LEU A 1 159 ? 5.965   8.164   4.941   1.00 17.39 ? 234 LEU A CA  1 
ATOM   1261 C  C   . LEU A 1 159 ? 6.143   8.161   6.472   1.00 17.14 ? 234 LEU A C   1 
ATOM   1262 O  O   . LEU A 1 159 ? 6.785   7.282   7.037   1.00 17.59 ? 234 LEU A O   1 
ATOM   1263 C  CB  . LEU A 1 159 ? 6.872   9.202   4.283   1.00 17.17 ? 234 LEU A CB  1 
ATOM   1264 C  CG  . LEU A 1 159 ? 7.105   9.023   2.779   1.00 18.67 ? 234 LEU A CG  1 
ATOM   1265 C  CD1 . LEU A 1 159 ? 7.664   10.285  2.145   1.00 17.77 ? 234 LEU A CD1 1 
ATOM   1266 C  CD2 . LEU A 1 159 ? 8.041   7.791   2.526   1.00 17.20 ? 234 LEU A CD2 1 
ATOM   1267 N  N   . GLN A 1 160 ? 5.555   9.157   7.128   1.00 16.58 ? 235 GLN A N   1 
ATOM   1268 C  CA  . GLN A 1 160 ? 5.638   9.320   8.574   1.00 16.45 ? 235 GLN A CA  1 
ATOM   1269 C  C   . GLN A 1 160 ? 5.046   8.101   9.293   1.00 17.15 ? 235 GLN A C   1 
ATOM   1270 O  O   . GLN A 1 160 ? 5.639   7.585   10.243  1.00 16.64 ? 235 GLN A O   1 
ATOM   1271 C  CB  . GLN A 1 160 ? 4.858   10.603  8.935   1.00 16.62 ? 235 GLN A CB  1 
ATOM   1272 C  CG  . GLN A 1 160 ? 4.811   10.905  10.400  1.00 16.91 ? 235 GLN A CG  1 
ATOM   1273 C  CD  . GLN A 1 160 ? 4.032   12.174  10.683  1.00 18.60 ? 235 GLN A CD  1 
ATOM   1274 O  OE1 . GLN A 1 160 ? 3.191   12.602  9.879   1.00 18.13 ? 235 GLN A OE1 1 
ATOM   1275 N  NE2 . GLN A 1 160 ? 4.279   12.761  11.841  1.00 19.42 ? 235 GLN A NE2 1 
ATOM   1276 N  N   . ALA A 1 161 ? 3.890   7.645   8.808   1.00 17.32 ? 236 ALA A N   1 
ATOM   1277 C  CA  . ALA A 1 161 ? 3.227   6.470   9.373   1.00 17.39 ? 236 ALA A CA  1 
ATOM   1278 C  C   . ALA A 1 161 ? 4.083   5.213   9.255   1.00 17.87 ? 236 ALA A C   1 
ATOM   1279 O  O   . ALA A 1 161 ? 4.279   4.500   10.227  1.00 17.61 ? 236 ALA A O   1 
ATOM   1280 C  CB  . ALA A 1 161 ? 1.855   6.261   8.697   1.00 18.29 ? 236 ALA A CB  1 
ATOM   1281 N  N   . ALA A 1 162 ? 4.590   4.959   8.049   1.00 17.33 ? 237 ALA A N   1 
ATOM   1282 C  CA  . ALA A 1 162 ? 5.409   3.775   7.781   1.00 18.19 ? 237 ALA A CA  1 
ATOM   1283 C  C   . ALA A 1 162 ? 6.703   3.781   8.611   1.00 18.58 ? 237 ALA A C   1 
ATOM   1284 O  O   . ALA A 1 162 ? 7.113   2.754   9.174   1.00 20.46 ? 237 ALA A O   1 
ATOM   1285 C  CB  . ALA A 1 162 ? 5.713   3.714   6.310   1.00 18.14 ? 237 ALA A CB  1 
ATOM   1286 N  N   . ARG A 1 163 ? 7.344   4.948   8.702   1.00 18.84 ? 238 ARG A N   1 
ATOM   1287 C  CA  . ARG A 1 163 ? 8.588   5.064   9.476   1.00 20.24 ? 238 ARG A CA  1 
ATOM   1288 C  C   . ARG A 1 163 ? 8.383   4.796   10.974  1.00 20.52 ? 238 ARG A C   1 
ATOM   1289 O  O   . ARG A 1 163 ? 9.297   4.354   11.678  1.00 20.96 ? 238 ARG A O   1 
ATOM   1290 C  CB  . ARG A 1 163 ? 9.213   6.427   9.230   1.00 20.28 ? 238 ARG A CB  1 
ATOM   1291 C  CG  . ARG A 1 163 ? 10.564  6.623   9.870   1.00 23.84 ? 238 ARG A CG  1 
ATOM   1292 C  CD  . ARG A 1 163 ? 11.350  7.669   9.135   1.00 27.89 ? 238 ARG A CD  1 
ATOM   1293 N  NE  . ARG A 1 163 ? 12.702  7.797   9.671   1.00 30.24 ? 238 ARG A NE  1 
ATOM   1294 C  CZ  . ARG A 1 163 ? 13.595  8.671   9.213   1.00 32.38 ? 238 ARG A CZ  1 
ATOM   1295 N  NH1 . ARG A 1 163 ? 13.280  9.464   8.197   1.00 32.73 ? 238 ARG A NH1 1 
ATOM   1296 N  NH2 . ARG A 1 163 ? 14.802  8.727   9.743   1.00 34.24 ? 238 ARG A NH2 1 
ATOM   1297 N  N   . ALA A 1 164 ? 7.178   5.061   11.458  1.00 21.38 ? 239 ALA A N   1 
ATOM   1298 C  CA  . ALA A 1 164 ? 6.843   4.905   12.863  1.00 22.65 ? 239 ALA A CA  1 
ATOM   1299 C  C   . ALA A 1 164 ? 6.669   3.442   13.246  1.00 24.11 ? 239 ALA A C   1 
ATOM   1300 O  O   . ALA A 1 164 ? 6.642   3.124   14.438  1.00 24.64 ? 239 ALA A O   1 
ATOM   1301 C  CB  . ALA A 1 164 ? 5.605   5.672   13.194  1.00 22.55 ? 239 ALA A CB  1 
ATOM   1302 N  N   . LEU A 1 165 ? 6.598   2.568   12.233  1.00 25.26 ? 240 LEU A N   1 
ATOM   1303 C  CA  . LEU A 1 165 ? 6.455   1.121   12.421  1.00 25.99 ? 240 LEU A CA  1 
ATOM   1304 C  C   . LEU A 1 165 ? 7.720   0.328   12.073  1.00 27.67 ? 240 LEU A C   1 
ATOM   1305 O  O   . LEU A 1 165 ? 7.777   -0.875  12.357  1.00 29.12 ? 240 LEU A O   1 
ATOM   1306 C  CB  . LEU A 1 165 ? 5.288   0.596   11.565  1.00 25.82 ? 240 LEU A CB  1 
ATOM   1307 C  CG  . LEU A 1 165 ? 3.871   1.024   11.925  1.00 24.63 ? 240 LEU A CG  1 
ATOM   1308 C  CD1 . LEU A 1 165 ? 2.890   0.601   10.799  1.00 25.86 ? 240 LEU A CD1 1 
ATOM   1309 C  CD2 . LEU A 1 165 ? 3.436   0.479   13.287  1.00 23.35 ? 240 LEU A CD2 1 
ATOM   1310 O  OXT . LEU A 1 165 ? 8.700   0.811   11.489  1.00 27.94 ? 240 LEU A OXT 1 
HETATM 1311 CL CL  . CL  B 2 .   ? -4.454  2.778   -8.150  1.00 18.97 ? 251 CL  A CL  1 
HETATM 1312 CL CL  . CL  C 2 .   ? -14.797 14.534  -2.707  1.00 18.03 ? 252 CL  A CL  1 
HETATM 1313 O  O   . HOH D 3 .   ? -14.763 9.953   -0.881  1.00 14.42 ? 253 HOH A O   1 
HETATM 1314 O  O   . HOH D 3 .   ? -16.642 4.598   -4.208  1.00 15.83 ? 254 HOH A O   1 
HETATM 1315 O  O   . HOH D 3 .   ? -14.419 19.886  -3.095  1.00 14.77 ? 255 HOH A O   1 
HETATM 1316 O  O   . HOH D 3 .   ? -10.130 8.066   1.554   1.00 14.59 ? 256 HOH A O   1 
HETATM 1317 O  O   . HOH D 3 .   ? 0.819   -16.065 -16.525 1.00 16.08 ? 257 HOH A O   1 
HETATM 1318 O  O   . HOH D 3 .   ? 5.475   -17.817 -9.899  1.00 16.46 ? 258 HOH A O   1 
HETATM 1319 O  O   . HOH D 3 .   ? -12.827 8.260   2.125   1.00 16.99 ? 259 HOH A O   1 
HETATM 1320 O  O   . HOH D 3 .   ? -6.661  -13.839 0.954   1.00 17.48 ? 260 HOH A O   1 
HETATM 1321 O  O   . HOH D 3 .   ? -2.926  -19.000 -7.586  1.00 15.33 ? 261 HOH A O   1 
HETATM 1322 O  O   . HOH D 3 .   ? -4.645  -15.653 -9.413  1.00 16.19 ? 262 HOH A O   1 
HETATM 1323 O  O   . HOH D 3 .   ? -1.898  17.560  7.355   1.00 15.30 ? 263 HOH A O   1 
HETATM 1324 O  O   . HOH D 3 .   ? -1.020  -16.433 -3.110  1.00 15.18 ? 264 HOH A O   1 
HETATM 1325 O  O   . HOH D 3 .   ? 0.665   7.774   11.821  1.00 17.38 ? 265 HOH A O   1 
HETATM 1326 O  O   . HOH D 3 .   ? -2.370  -14.965 -1.138  1.00 17.25 ? 266 HOH A O   1 
HETATM 1327 O  O   . HOH D 3 .   ? -14.260 3.443   -8.492  1.00 22.00 ? 267 HOH A O   1 
HETATM 1328 O  O   . HOH D 3 .   ? -0.961  5.078   -11.871 1.00 20.11 ? 268 HOH A O   1 
HETATM 1329 O  O   . HOH D 3 .   ? -6.926  1.955   13.707  1.00 20.57 ? 269 HOH A O   1 
HETATM 1330 O  O   . HOH D 3 .   ? -8.215  1.841   -5.308  1.00 20.13 ? 270 HOH A O   1 
HETATM 1331 O  O   . HOH D 3 .   ? -2.613  0.426   -3.621  1.00 21.61 ? 271 HOH A O   1 
HETATM 1332 O  O   . HOH D 3 .   ? 1.242   9.562   9.969   1.00 16.69 ? 272 HOH A O   1 
HETATM 1333 O  O   . HOH D 3 .   ? 10.159  4.868   2.692   1.00 25.60 ? 273 HOH A O   1 
HETATM 1334 O  O   . HOH D 3 .   ? -1.970  -2.125  -4.656  1.00 20.62 ? 274 HOH A O   1 
HETATM 1335 O  O   . HOH D 3 .   ? 5.265   -13.443 -1.843  1.00 22.68 ? 275 HOH A O   1 
HETATM 1336 O  O   . HOH D 3 .   ? -3.694  -14.535 -6.987  1.00 19.00 ? 276 HOH A O   1 
HETATM 1337 O  O   . HOH D 3 .   ? 0.353   18.924  -3.065  1.00 22.07 ? 277 HOH A O   1 
HETATM 1338 O  O   . HOH D 3 .   ? -12.262 11.147  -7.607  1.00 17.35 ? 278 HOH A O   1 
HETATM 1339 O  O   . HOH D 3 .   ? -0.509  18.961  -0.156  1.00 18.35 ? 279 HOH A O   1 
HETATM 1340 O  O   . HOH D 3 .   ? -7.420  2.702   -7.928  1.00 16.65 ? 280 HOH A O   1 
HETATM 1341 O  O   . HOH D 3 .   ? -11.957 9.382   6.176   1.00 16.85 ? 281 HOH A O   1 
HETATM 1342 O  O   . HOH D 3 .   ? 5.344   -15.403 -17.355 1.00 17.90 ? 282 HOH A O   1 
HETATM 1343 O  O   . HOH D 3 .   ? 5.489   12.474  14.955  1.00 23.95 ? 283 HOH A O   1 
HETATM 1344 O  O   . HOH D 3 .   ? -3.061  6.983   17.363  1.00 26.30 ? 284 HOH A O   1 
HETATM 1345 O  O   . HOH D 3 .   ? -7.030  14.742  1.995   1.00 21.86 ? 285 HOH A O   1 
HETATM 1346 O  O   . HOH D 3 .   ? -7.386  0.253   11.492  1.00 21.79 ? 286 HOH A O   1 
HETATM 1347 O  O   . HOH D 3 .   ? 7.544   8.845   11.705  1.00 18.60 ? 287 HOH A O   1 
HETATM 1348 O  O   . HOH D 3 .   ? -8.389  -5.894  0.226   1.00 25.57 ? 288 HOH A O   1 
HETATM 1349 O  O   . HOH D 3 .   ? 11.046  -16.164 -11.971 1.00 24.51 ? 289 HOH A O   1 
HETATM 1350 O  O   . HOH D 3 .   ? 8.795   5.895   5.605   1.00 26.41 ? 290 HOH A O   1 
HETATM 1351 O  O   . HOH D 3 .   ? 6.605   -13.132 -18.108 1.00 23.45 ? 291 HOH A O   1 
HETATM 1352 O  O   . HOH D 3 .   ? -4.138  1.938   -5.005  1.00 20.89 ? 292 HOH A O   1 
HETATM 1353 O  O   . HOH D 3 .   ? 12.920  -15.410 -9.578  1.00 27.32 ? 293 HOH A O   1 
HETATM 1354 O  O   . HOH D 3 .   ? 5.813   10.050  13.724  1.00 23.03 ? 294 HOH A O   1 
HETATM 1355 O  O   . HOH D 3 .   ? -5.041  8.876   17.024  1.00 29.02 ? 295 HOH A O   1 
HETATM 1356 O  O   . HOH D 3 .   ? -23.034 3.275   3.838   1.00 33.45 ? 296 HOH A O   1 
HETATM 1357 O  O   . HOH D 3 .   ? 9.475   12.507  4.208   1.00 21.65 ? 297 HOH A O   1 
HETATM 1358 O  O   . HOH D 3 .   ? -4.683  11.483  -7.916  1.00 26.61 ? 298 HOH A O   1 
HETATM 1359 O  O   . HOH D 3 .   ? -7.014  8.346   -9.746  1.00 31.67 ? 299 HOH A O   1 
HETATM 1360 O  O   . HOH D 3 .   ? -5.522  -13.113 -10.768 1.00 22.42 ? 300 HOH A O   1 
HETATM 1361 O  O   . HOH D 3 .   ? 12.286  -6.269  -5.950  1.00 23.08 ? 301 HOH A O   1 
HETATM 1362 O  O   . HOH D 3 .   ? -0.898  20.473  3.161   1.00 21.58 ? 302 HOH A O   1 
HETATM 1363 O  O   . HOH D 3 .   ? 9.290   -13.579 -18.639 1.00 25.65 ? 303 HOH A O   1 
HETATM 1364 O  O   . HOH D 3 .   ? 1.996   2.963   17.070  1.00 28.98 ? 304 HOH A O   1 
HETATM 1365 O  O   . HOH D 3 .   ? 8.770   10.118  7.329   1.00 19.68 ? 305 HOH A O   1 
HETATM 1366 O  O   . HOH D 3 .   ? -14.544 3.237   -5.937  1.00 28.48 ? 306 HOH A O   1 
HETATM 1367 O  O   . HOH D 3 .   ? -9.818  -11.899 -0.675  1.00 24.32 ? 307 HOH A O   1 
HETATM 1368 O  O   . HOH D 3 .   ? -7.024  -3.792  12.897  1.00 28.22 ? 308 HOH A O   1 
HETATM 1369 O  O   . HOH D 3 .   ? -3.298  20.408  1.651   1.00 27.38 ? 309 HOH A O   1 
HETATM 1370 O  O   . HOH D 3 .   ? -8.221  -13.391 3.264   1.00 27.33 ? 310 HOH A O   1 
HETATM 1371 O  O   . HOH D 3 .   ? -5.396  12.386  -10.522 1.00 31.63 ? 311 HOH A O   1 
HETATM 1372 O  O   . HOH D 3 .   ? -3.421  -5.824  -8.561  1.00 27.41 ? 312 HOH A O   1 
HETATM 1373 O  O   . HOH D 3 .   ? -10.013 18.860  -3.906  1.00 27.65 ? 313 HOH A O   1 
HETATM 1374 O  O   . HOH D 3 .   ? -13.198 -9.483  5.014   1.00 29.45 ? 314 HOH A O   1 
HETATM 1375 O  O   . HOH D 3 .   ? -6.810  -6.372  11.952  1.00 26.26 ? 315 HOH A O   1 
HETATM 1376 O  O   . HOH D 3 .   ? -20.246 9.645   5.691   1.00 28.74 ? 316 HOH A O   1 
HETATM 1377 O  O   . HOH D 3 .   ? 16.859  -11.752 -4.956  1.00 31.07 ? 317 HOH A O   1 
HETATM 1378 O  O   . HOH D 3 .   ? 14.112  -2.061  11.629  1.00 39.15 ? 318 HOH A O   1 
HETATM 1379 O  O   . HOH D 3 .   ? -8.862  7.694   12.740  1.00 23.11 ? 319 HOH A O   1 
HETATM 1380 O  O   . HOH D 3 .   ? 11.379  10.737  3.834   1.00 35.21 ? 320 HOH A O   1 
HETATM 1381 O  O   . HOH D 3 .   ? 11.672  3.029   10.800  1.00 34.12 ? 321 HOH A O   1 
HETATM 1382 O  O   . HOH D 3 .   ? -12.883 -3.027  5.362   1.00 30.21 ? 322 HOH A O   1 
HETATM 1383 O  O   . HOH D 3 .   ? 1.667   12.847  16.886  1.00 33.17 ? 323 HOH A O   1 
HETATM 1384 O  O   . HOH D 3 .   ? 9.311   -1.312  -21.300 1.00 31.73 ? 324 HOH A O   1 
HETATM 1385 O  O   . HOH D 3 .   ? -7.512  -12.689 -8.476  1.00 30.38 ? 325 HOH A O   1 
HETATM 1386 O  O   . HOH D 3 .   ? -9.210  18.172  -7.582  1.00 33.55 ? 326 HOH A O   1 
HETATM 1387 O  O   . HOH D 3 .   ? -12.467 5.537   11.032  1.00 32.71 ? 327 HOH A O   1 
HETATM 1388 O  O   . HOH D 3 .   ? 9.344   7.474   13.438  1.00 28.81 ? 328 HOH A O   1 
HETATM 1389 O  O   . HOH D 3 .   ? -3.636  0.737   19.305  1.00 33.76 ? 329 HOH A O   1 
HETATM 1390 O  O   . HOH D 3 .   ? 5.088   -9.763  5.946   1.00 31.25 ? 330 HOH A O   1 
HETATM 1391 O  O   . HOH D 3 .   ? -9.724  9.418   -12.253 1.00 29.89 ? 331 HOH A O   1 
HETATM 1392 O  O   . HOH D 3 .   ? 5.507   -6.856  -18.712 1.00 35.67 ? 332 HOH A O   1 
HETATM 1393 O  O   . HOH D 3 .   ? 17.251  -8.609  -3.995  1.00 38.46 ? 333 HOH A O   1 
HETATM 1394 O  O   . HOH D 3 .   ? 8.040   14.343  -0.548  1.00 41.54 ? 334 HOH A O   1 
HETATM 1395 O  O   . HOH D 3 .   ? -4.720  -5.828  -13.424 1.00 48.54 ? 335 HOH A O   1 
HETATM 1396 O  O   . HOH D 3 .   ? -6.706  10.035  -11.774 1.00 40.87 ? 336 HOH A O   1 
HETATM 1397 O  O   . HOH D 3 .   ? 10.032  2.475   13.664  1.00 38.33 ? 337 HOH A O   1 
HETATM 1398 O  O   . HOH D 3 .   ? -6.081  -5.261  -8.435  1.00 37.98 ? 338 HOH A O   1 
HETATM 1399 O  O   . HOH D 3 .   ? -5.878  -5.963  -0.346  1.00 43.89 ? 339 HOH A O   1 
HETATM 1400 O  O   . HOH D 3 .   ? 14.079  -5.724  -7.573  1.00 35.99 ? 340 HOH A O   1 
HETATM 1401 O  O   . HOH D 3 .   ? -15.074 1.878   4.454   1.00 38.78 ? 341 HOH A O   1 
HETATM 1402 O  O   . HOH D 3 .   ? -9.780  -0.579  11.980  1.00 31.47 ? 342 HOH A O   1 
HETATM 1403 O  O   . HOH D 3 .   ? -13.809 -6.348  6.479   1.00 33.59 ? 343 HOH A O   1 
HETATM 1404 O  O   . HOH D 3 .   ? -2.281  -11.128 -15.199 1.00 36.99 ? 344 HOH A O   1 
HETATM 1405 O  O   . HOH D 3 .   ? 3.503   -11.541 4.921   1.00 32.00 ? 345 HOH A O   1 
HETATM 1406 O  O   . HOH D 3 .   ? 12.301  -2.486  -22.255 1.00 46.44 ? 346 HOH A O   1 
HETATM 1407 O  O   . HOH D 3 .   ? -20.527 3.798   2.361   1.00 31.84 ? 347 HOH A O   1 
HETATM 1408 O  O   . HOH D 3 .   ? -13.152 -1.438  -9.443  1.00 37.29 ? 348 HOH A O   1 
HETATM 1409 O  O   . HOH D 3 .   ? 7.685   -10.192 3.684   1.00 33.51 ? 349 HOH A O   1 
HETATM 1410 O  O   . HOH D 3 .   ? -11.316 -1.842  10.016  1.00 33.29 ? 350 HOH A O   1 
HETATM 1411 O  O   . HOH D 3 .   ? 12.477  -8.788  2.415   1.00 38.61 ? 351 HOH A O   1 
HETATM 1412 O  O   . HOH D 3 .   ? 17.314  0.967   -7.574  1.00 37.69 ? 352 HOH A O   1 
HETATM 1413 O  O   . HOH D 3 .   ? -2.465  5.645   -13.968 1.00 33.80 ? 353 HOH A O   1 
HETATM 1414 O  O   . HOH D 3 .   ? 9.703   13.120  1.107   1.00 40.29 ? 354 HOH A O   1 
HETATM 1415 O  O   . HOH D 3 .   ? -5.726  2.880   17.904  1.00 38.68 ? 355 HOH A O   1 
HETATM 1416 O  O   . HOH D 3 .   ? 12.676  -6.672  -9.798  1.00 44.70 ? 356 HOH A O   1 
HETATM 1417 O  O   . HOH D 3 .   ? 16.812  3.613   -6.709  1.00 38.90 ? 357 HOH A O   1 
HETATM 1418 O  O   . HOH D 3 .   ? 13.975  -14.061 -2.872  1.00 40.06 ? 358 HOH A O   1 
HETATM 1419 O  O   . HOH D 3 .   ? 4.705   2.390   16.510  1.00 42.39 ? 359 HOH A O   1 
HETATM 1420 O  O   . HOH D 3 .   ? -10.709 -8.884  9.418   1.00 34.48 ? 360 HOH A O   1 
HETATM 1421 O  O   . HOH D 3 .   ? -2.353  21.625  -2.762  1.00 45.66 ? 361 HOH A O   1 
HETATM 1422 O  O   . HOH D 3 .   ? -13.567 -0.725  1.007   1.00 33.57 ? 362 HOH A O   1 
HETATM 1423 O  O   . HOH D 3 .   ? -9.932  6.897   16.118  1.00 75.25 ? 363 HOH A O   1 
HETATM 1424 O  O   . HOH D 3 .   ? 14.582  -3.603  0.023   1.00 39.36 ? 364 HOH A O   1 
HETATM 1425 O  O   . HOH D 3 .   ? 12.014  6.900   2.968   1.00 35.22 ? 365 HOH A O   1 
HETATM 1426 O  O   . HOH D 3 .   ? 9.276   3.406   4.920   1.00 37.71 ? 366 HOH A O   1 
HETATM 1427 O  O   . HOH D 3 .   ? 12.758  3.451   2.188   1.00 34.94 ? 367 HOH A O   1 
HETATM 1428 O  O   . HOH D 3 .   ? 1.147   -10.965 -20.425 1.00 37.42 ? 368 HOH A O   1 
HETATM 1429 O  O   . HOH D 3 .   ? 14.820  3.351   -0.761  1.00 39.46 ? 369 HOH A O   1 
HETATM 1430 O  O   . HOH D 3 .   ? 14.353  6.289   -0.364  1.00 45.18 ? 370 HOH A O   1 
HETATM 1431 O  O   . HOH D 3 .   ? 14.616  -11.694 -14.390 1.00 46.93 ? 371 HOH A O   1 
HETATM 1432 O  O   . HOH D 3 .   ? -4.795  -7.228  -10.927 1.00 42.72 ? 372 HOH A O   1 
HETATM 1433 O  O   . HOH D 3 .   ? -13.724 1.773   0.945   1.00 37.98 ? 373 HOH A O   1 
HETATM 1434 O  O   . HOH D 3 .   ? -1.273  17.427  -7.378  1.00 39.34 ? 374 HOH A O   1 
HETATM 1435 O  O   . HOH D 3 .   ? 3.795   16.074  -4.346  1.00 36.34 ? 375 HOH A O   1 
HETATM 1436 O  O   . HOH D 3 .   ? 2.487   -3.751  -17.159 1.00 48.19 ? 376 HOH A O   1 
HETATM 1437 O  O   . HOH D 3 .   ? 1.579   2.629   19.693  1.00 40.33 ? 377 HOH A O   1 
HETATM 1438 O  O   . HOH D 3 .   ? -1.996  15.167  -8.415  1.00 36.16 ? 378 HOH A O   1 
HETATM 1439 O  O   . HOH D 3 .   ? -10.802 -12.822 6.009   1.00 36.38 ? 379 HOH A O   1 
HETATM 1440 O  O   . HOH D 3 .   ? 14.503  -4.776  -3.419  1.00 40.81 ? 380 HOH A O   1 
HETATM 1441 O  O   . HOH D 3 .   ? -1.700  18.428  -4.650  1.00 33.98 ? 381 HOH A O   1 
HETATM 1442 O  O   . HOH D 3 .   ? 11.586  2.472   6.096   1.00 38.67 ? 382 HOH A O   1 
HETATM 1443 O  O   . HOH D 3 .   ? -8.543  0.677   15.672  1.00 39.16 ? 383 HOH A O   1 
HETATM 1444 O  O   . HOH D 3 .   ? 11.689  -12.282 -18.458 1.00 40.50 ? 384 HOH A O   1 
HETATM 1445 O  O   . HOH D 3 .   ? -0.038  -9.478  -17.578 1.00 44.19 ? 385 HOH A O   1 
HETATM 1446 O  O   . HOH D 3 .   ? 11.691  -11.780 2.477   1.00 51.54 ? 386 HOH A O   1 
HETATM 1447 O  O   . HOH D 3 .   ? 10.937  11.258  -0.734  1.00 36.26 ? 387 HOH A O   1 
HETATM 1448 O  O   . HOH D 3 .   ? -12.930 -0.235  10.968  1.00 45.10 ? 388 HOH A O   1 
HETATM 1449 O  O   . HOH D 3 .   ? 9.364   -2.844  11.400  1.00 42.72 ? 389 HOH A O   1 
HETATM 1450 O  O   . HOH D 3 .   ? -17.318 0.378   -5.524  1.00 40.01 ? 390 HOH A O   1 
HETATM 1451 O  O   . HOH D 3 .   ? -9.131  -10.737 -7.164  1.00 35.90 ? 391 HOH A O   1 
HETATM 1452 O  O   . HOH D 3 .   ? 4.949   -8.734  -20.724 1.00 40.55 ? 392 HOH A O   1 
HETATM 1453 O  O   . HOH D 3 .   ? -12.952 0.130   5.506   1.00 38.94 ? 393 HOH A O   1 
HETATM 1454 O  O   . HOH D 3 .   ? 1.565   6.047   16.557  1.00 44.94 ? 394 HOH A O   1 
HETATM 1455 O  O   . HOH D 3 .   ? 11.748  9.077   1.663   1.00 32.51 ? 395 HOH A O   1 
HETATM 1456 O  O   . HOH D 3 .   ? 13.300  5.657   -12.717 1.00 44.91 ? 396 HOH A O   1 
HETATM 1457 O  O   . HOH D 3 .   ? -11.785 16.343  -9.729  1.00 43.93 ? 397 HOH A O   1 
HETATM 1458 O  O   . HOH D 3 .   ? 13.440  -7.135  1.219   1.00 42.10 ? 398 HOH A O   1 
HETATM 1459 O  O   . HOH D 3 .   ? -11.054 -4.641  -8.072  1.00 37.88 ? 399 HOH A O   1 
HETATM 1460 O  O   . HOH D 3 .   ? -6.738  22.616  -4.781  1.00 45.34 ? 400 HOH A O   1 
HETATM 1461 O  O   . HOH D 3 .   ? 10.392  5.203   14.477  1.00 44.27 ? 401 HOH A O   1 
HETATM 1462 O  O   . HOH D 3 .   ? 3.656   -1.411  -16.201 1.00 52.62 ? 402 HOH A O   1 
HETATM 1463 O  O   . HOH D 3 .   ? 16.784  -12.398 -9.368  1.00 39.37 ? 403 HOH A O   1 
HETATM 1464 O  O   . HOH D 3 .   ? 12.115  3.204   -18.676 1.00 67.96 ? 404 HOH A O   1 
HETATM 1465 O  O   . HOH D 3 .   ? 4.341   -0.193  -13.896 1.00 53.98 ? 405 HOH A O   1 
HETATM 1466 O  O   . HOH D 3 .   ? 6.055   -1.814  15.172  1.00 35.17 ? 406 HOH A O   1 
HETATM 1467 O  O   . HOH D 3 .   ? -15.939 -0.965  -0.413  1.00 43.12 ? 407 HOH A O   1 
HETATM 1468 O  O   . HOH D 3 .   ? -4.511  -11.078 -13.064 1.00 51.24 ? 408 HOH A O   1 
HETATM 1469 O  O   . HOH D 3 .   ? 5.745   12.164  -6.331  1.00 38.51 ? 409 HOH A O   1 
HETATM 1470 O  O   . HOH D 3 .   ? -5.559  -1.076  19.233  1.00 48.85 ? 410 HOH A O   1 
HETATM 1471 O  O   . HOH D 3 .   ? 8.337   -8.884  -23.240 1.00 43.33 ? 411 HOH A O   1 
HETATM 1472 O  O   . HOH D 3 .   ? -6.878  -3.778  -11.298 1.00 46.53 ? 412 HOH A O   1 
HETATM 1473 O  O   . HOH D 3 .   ? 12.580  10.544  -9.953  1.00 48.11 ? 413 HOH A O   1 
HETATM 1474 O  O   . HOH D 3 .   ? 18.141  -12.588 -7.120  1.00 51.20 ? 414 HOH A O   1 
HETATM 1475 O  O   . HOH D 3 .   ? 13.075  0.069   9.580   1.00 42.78 ? 415 HOH A O   1 
HETATM 1476 O  O   . HOH D 3 .   ? -15.084 0.276   -6.444  1.00 43.29 ? 416 HOH A O   1 
HETATM 1477 O  O   . HOH D 3 .   ? 2.669   -9.859  9.233   1.00 33.61 ? 417 HOH A O   1 
HETATM 1478 O  O   . HOH D 3 .   ? 12.625  1.905   12.852  1.00 36.35 ? 418 HOH A O   1 
HETATM 1479 O  O   . HOH D 3 .   ? 16.539  -13.747 -2.941  1.00 47.17 ? 419 HOH A O   1 
HETATM 1480 O  O   . HOH D 3 .   ? 7.718   4.852   16.503  1.00 41.66 ? 420 HOH A O   1 
HETATM 1481 O  O   . HOH D 3 .   ? -9.744  -11.764 10.737  1.00 48.11 ? 421 HOH A O   1 
HETATM 1482 O  O   . HOH D 3 .   ? 5.260   -12.836 3.143   1.00 40.00 ? 422 HOH A O   1 
HETATM 1483 O  O   . HOH D 3 .   ? 7.889   4.957   -13.710 1.00 50.67 ? 423 HOH A O   1 
HETATM 1484 O  O   . HOH D 3 .   ? -19.129 6.951   7.095   1.00 45.77 ? 424 HOH A O   1 
HETATM 1485 O  O   . HOH D 3 .   ? 16.391  -5.212  -5.582  1.00 42.68 ? 425 HOH A O   1 
HETATM 1486 O  O   . HOH D 3 .   ? -12.993 -6.034  -3.090  1.00 45.21 ? 426 HOH A O   1 
HETATM 1487 O  O   . HOH D 3 .   ? -0.438  8.031   17.508  1.00 45.82 ? 427 HOH A O   1 
HETATM 1488 O  O   . HOH D 3 .   ? 6.622   2.522   -15.838 1.00 40.39 ? 428 HOH A O   1 
HETATM 1489 O  O   . HOH D 3 .   ? 9.610   -13.056 -21.855 1.00 48.45 ? 429 HOH A O   1 
HETATM 1490 O  O   . HOH D 3 .   ? -6.209  3.000   -3.775  1.00 21.01 ? 430 HOH A O   1 
HETATM 1491 O  O   . HOH D 3 .   ? 10.724  8.755   5.974   1.00 31.63 ? 431 HOH A O   1 
HETATM 1492 O  O   . HOH D 3 .   ? 4.403   -4.031  11.222  1.00 30.90 ? 432 HOH A O   1 
HETATM 1493 O  O   . HOH D 3 .   ? -0.021  -5.928  19.011  1.00 36.49 ? 433 HOH A O   1 
HETATM 1494 O  O   . HOH D 3 .   ? 9.300   1.012   8.476   1.00 24.67 ? 434 HOH A O   1 
HETATM 1495 O  O   . HOH D 3 .   ? 2.219   -3.576  18.746  1.00 34.94 ? 435 HOH A O   1 
HETATM 1496 O  O   . HOH D 3 .   ? 2.818   3.367   -8.781  1.00 31.91 ? 436 HOH A O   1 
HETATM 1497 O  O   . HOH D 3 .   ? -17.924 3.446   2.601   1.00 34.92 ? 437 HOH A O   1 
HETATM 1498 O  O   . HOH D 3 .   ? 2.758   -12.396 15.778  1.00 52.58 ? 438 HOH A O   1 
HETATM 1499 O  O   . HOH D 3 .   ? -9.881  -3.634  -10.495 1.00 41.81 ? 439 HOH A O   1 
HETATM 1500 O  O   . HOH D 3 .   ? -10.514 -10.269 -2.872  1.00 45.71 ? 440 HOH A O   1 
HETATM 1501 O  O   . HOH D 3 .   ? -18.572 5.385   4.564   1.00 46.96 ? 441 HOH A O   1 
HETATM 1502 O  O   . HOH D 3 .   ? 8.090   7.596   16.079  1.00 40.74 ? 442 HOH A O   1 
HETATM 1503 O  O   . HOH D 3 .   ? -12.180 -7.220  -5.801  1.00 45.22 ? 443 HOH A O   1 
HETATM 1504 O  O   . HOH D 3 .   ? 16.961  8.335   -1.907  1.00 50.57 ? 444 HOH A O   1 
HETATM 1505 O  O   . HOH D 3 .   ? 7.466   7.112   -6.489  1.00 26.24 ? 445 HOH A O   1 
HETATM 1506 O  O   . HOH D 3 .   ? 5.267   6.006   -7.956  1.00 22.77 ? 446 HOH A O   1 
HETATM 1507 O  O   . HOH D 3 .   ? 11.460  -0.249  12.390  1.00 40.59 ? 447 HOH A O   1 
HETATM 1508 O  O   . HOH D 3 .   ? 0.691   2.498   -14.295 1.00 42.21 ? 448 HOH A O   1 
HETATM 1509 O  O   . HOH D 3 .   ? -17.434 9.404   0.073   1.00 22.66 ? 449 HOH A O   1 
HETATM 1510 O  O   . HOH D 3 .   ? -4.691  -14.235 14.879  1.00 41.54 ? 450 HOH A O   1 
HETATM 1511 O  O   . HOH D 3 .   ? -12.052 2.727   11.610  1.00 21.51 ? 451 HOH A O   1 
HETATM 1512 O  O   . HOH D 3 .   ? 10.325  -9.156  1.793   1.00 41.08 ? 452 HOH A O   1 
# 
